data_3HKE
#
_entry.id   3HKE
#
_cell.length_a   326.710
_cell.length_b   326.710
_cell.length_c   54.120
_cell.angle_alpha   90.00
_cell.angle_beta   90.00
_cell.angle_gamma   120.00
#
_symmetry.space_group_name_H-M   'P 65'
#
loop_
_entity.id
_entity.type
_entity.pdbx_description
1 polymer 'Tubulin alpha chain'
2 polymer 'Tubulin beta chain'
3 polymer Stathmin-4
4 non-polymer "GUANOSINE-5'-TRIPHOSPHATE"
5 non-polymer 'MAGNESIUM ION'
6 non-polymer 2,3,4,5,6-pentafluoro-N-(3-fluoro-4-methoxyphenyl)benzenesulfonamide
7 non-polymer "GUANOSINE-5'-DIPHOSPHATE"
#
loop_
_entity_poly.entity_id
_entity_poly.type
_entity_poly.pdbx_seq_one_letter_code
_entity_poly.pdbx_strand_id
1 'polypeptide(L)'
;MRECISIHVGQAGVQIGNACWELYCLEHGIQPDGQMPSDKTIGGGDDSFNTFFSETGAGKHVPRAVFVDLEPTVIDEVRT
GTYRQLFHPEQLITGKEDAANNYARGHYTIGKEIIDLVLDRIRKLADQCTGLQGFLVFHSFGGGTGSGFTSLLMERLSVD
YGKKSKLEFSIYPAPQVSTAVVEPYNSILTTHTTLEHSDCAFMVDNEAIYDICRRNLDIERPTYTNLNRLIGQIVSSITA
SLRFDGALNVDLTEFQTNLVPYPRIHFPLATYAPVISAEKAYHEQLSVAEITNACFEPANQMVKCDPRHGKYMACCLLYR
GDVVPKDVNAAIATIKTKRTIQFVDWCPTGFKVGINYQPPTVVPGGDLAKVQRAVCMLSNTTAIAEAWARLDHKFDLMYA
KRAFVHWYVGEGMEEGEFSEAREDMAALEKDYEEVGVDSVEGEGEEEGEEY
;
A,C
2 'polypeptide(L)'
;MREIVHIQAGQCGNQIGAKFWEVISDEHGIDPTGSYHGDSDLQLERINVYYNEATGNKYVPRAILVDLEPGTMDSVRSGP
FGQIFRPDNFVFGQSGAGNNWAKGHYTEGAELVDSVLDVVRKESESCDCLQGFQLTHSLGGGTGSGMGTLLISKIREEYP
DRIMNTFSVMPSPKVSDTVVEPYNATLSVHQLVENTDETYSIDNEALYDICFRTLKLTTPTYGDLNHLVSATMSGVTTCL
RFPGQLNADLRKLAVNMVPFPRLHFFMPGFAPLTSRGSQQYRALTVPELTQQMFDSKNMMAACDPRHGRYLTVAAVFRGR
MSMKEVDEQMLNVQNKNSSYFVEWIPNNVKTAVCDIPPRGLKMSATFIGNSTAIQELFKRISEQFTAMFRRKAFLHWYTG
EGMDEMEFTEAESNMNDLVSEYQQYQDATADEQGEFEEEEGEDEA
;
B,D
3 'polypeptide(L)'
;ADMEVIELNKCTSGQSFEVILKPPSFDGVPEFNASLPRRRDPSLEEIQKKLEAAEERRKYQEAELLKHLAEKREHEREVI
QKAIEENNNFIKMAKEKLAQKMESNKENREAHLAAMLERLQEKDKHAEEVRKNKELKEEASR
;
E
#
# COMPACT_ATOMS: atom_id res chain seq x y z
N ARG A 2 -31.42 -48.72 -52.37
CA ARG A 2 -30.07 -48.94 -52.99
C ARG A 2 -28.87 -48.61 -52.07
N GLU A 3 -28.28 -47.41 -52.16
CA GLU A 3 -27.10 -47.05 -51.36
C GLU A 3 -27.46 -46.59 -49.97
N CYS A 4 -26.48 -46.12 -49.21
CA CYS A 4 -26.73 -45.85 -47.79
C CYS A 4 -25.63 -45.15 -46.97
N ILE A 5 -25.69 -43.83 -46.88
CA ILE A 5 -24.64 -43.06 -46.23
C ILE A 5 -24.76 -42.93 -44.69
N SER A 6 -23.71 -43.34 -44.00
CA SER A 6 -23.58 -43.07 -42.58
C SER A 6 -22.89 -41.70 -42.28
N ILE A 7 -23.48 -40.95 -41.36
CA ILE A 7 -22.84 -39.77 -40.78
C ILE A 7 -22.61 -40.00 -39.30
N HIS A 8 -21.40 -39.71 -38.84
CA HIS A 8 -21.14 -39.71 -37.41
C HIS A 8 -20.70 -38.37 -36.91
N VAL A 9 -21.60 -37.69 -36.22
CA VAL A 9 -21.27 -36.36 -35.77
C VAL A 9 -21.04 -36.35 -34.26
N GLY A 10 -19.86 -35.86 -33.89
CA GLY A 10 -19.51 -35.58 -32.51
C GLY A 10 -19.07 -36.78 -31.71
N GLN A 11 -17.98 -36.60 -30.94
CA GLN A 11 -17.31 -37.65 -30.16
C GLN A 11 -18.06 -39.00 -30.03
N ALA A 12 -19.12 -39.02 -29.22
CA ALA A 12 -19.97 -40.20 -29.01
C ALA A 12 -20.32 -40.84 -30.32
N GLY A 13 -20.95 -40.06 -31.19
CA GLY A 13 -21.28 -40.52 -32.53
C GLY A 13 -20.13 -41.18 -33.26
N VAL A 14 -18.96 -40.56 -33.16
CA VAL A 14 -17.78 -41.04 -33.86
C VAL A 14 -17.34 -42.39 -33.31
N GLN A 15 -17.12 -42.46 -32.02
CA GLN A 15 -16.65 -43.70 -31.44
C GLN A 15 -17.67 -44.83 -31.66
N ILE A 16 -18.97 -44.55 -31.48
CA ILE A 16 -19.98 -45.56 -31.80
C ILE A 16 -19.68 -46.06 -33.21
N GLY A 17 -19.71 -45.15 -34.19
CA GLY A 17 -19.51 -45.54 -35.57
C GLY A 17 -18.28 -46.36 -35.70
N ASN A 18 -17.18 -45.75 -35.29
CA ASN A 18 -15.89 -46.39 -35.25
C ASN A 18 -15.90 -47.85 -34.80
N ALA A 19 -16.87 -48.20 -33.97
CA ALA A 19 -16.94 -49.54 -33.44
C ALA A 19 -18.03 -50.39 -34.07
N CYS A 20 -18.84 -49.81 -34.95
CA CYS A 20 -19.70 -50.63 -35.80
C CYS A 20 -19.09 -50.81 -37.17
N TRP A 21 -18.43 -49.78 -37.67
CA TRP A 21 -17.73 -49.97 -38.92
C TRP A 21 -16.74 -51.13 -38.75
N GLU A 22 -16.05 -51.12 -37.60
CA GLU A 22 -15.24 -52.25 -37.14
C GLU A 22 -16.00 -53.57 -37.27
N LEU A 23 -17.18 -53.64 -36.67
CA LEU A 23 -18.00 -54.84 -36.74
C LEU A 23 -18.41 -55.19 -38.16
N TYR A 24 -18.85 -54.21 -38.94
CA TYR A 24 -19.25 -54.49 -40.32
C TYR A 24 -18.10 -55.13 -41.02
N CYS A 25 -16.91 -54.56 -40.90
CA CYS A 25 -15.75 -55.15 -41.54
C CYS A 25 -15.50 -56.62 -41.18
N LEU A 26 -15.74 -56.96 -39.92
CA LEU A 26 -15.49 -58.32 -39.46
C LEU A 26 -16.50 -59.19 -40.13
N GLU A 27 -17.74 -58.71 -40.09
CA GLU A 27 -18.91 -59.37 -40.68
C GLU A 27 -18.81 -59.63 -42.19
N HIS A 28 -18.03 -58.82 -42.89
CA HIS A 28 -17.87 -59.00 -44.33
C HIS A 28 -16.45 -59.38 -44.72
N GLY A 29 -15.60 -59.65 -43.73
CA GLY A 29 -14.24 -60.13 -43.98
C GLY A 29 -13.36 -59.14 -44.75
N ILE A 30 -13.56 -57.86 -44.45
CA ILE A 30 -12.73 -56.79 -44.99
C ILE A 30 -11.64 -56.47 -43.98
N GLN A 31 -10.39 -56.57 -44.39
CA GLN A 31 -9.31 -56.11 -43.52
C GLN A 31 -9.25 -54.58 -43.49
N PRO A 32 -8.82 -54.00 -42.37
CA PRO A 32 -8.52 -52.57 -42.29
C PRO A 32 -7.84 -51.96 -43.53
N ASP A 33 -7.02 -52.70 -44.27
CA ASP A 33 -6.41 -52.14 -45.47
C ASP A 33 -7.42 -51.90 -46.60
N GLY A 34 -8.70 -52.09 -46.29
CA GLY A 34 -9.76 -51.92 -47.25
C GLY A 34 -10.03 -53.16 -48.11
N GLN A 35 -8.99 -53.96 -48.38
CA GLN A 35 -9.09 -55.10 -49.29
C GLN A 35 -9.68 -56.31 -48.57
N MET A 36 -10.58 -57.00 -49.25
CA MET A 36 -11.06 -58.33 -48.85
C MET A 36 -10.61 -59.32 -49.92
N PRO A 37 -10.38 -60.59 -49.55
CA PRO A 37 -10.20 -61.67 -50.53
C PRO A 37 -11.39 -62.63 -50.68
N ASP A 47 -23.42 -57.50 -55.81
CA ASP A 47 -23.47 -56.46 -54.76
C ASP A 47 -23.41 -57.00 -53.28
N SER A 48 -24.49 -57.65 -52.81
CA SER A 48 -24.68 -58.11 -51.40
C SER A 48 -24.67 -56.96 -50.36
N PHE A 49 -23.46 -56.47 -50.06
CA PHE A 49 -23.14 -55.53 -48.97
C PHE A 49 -22.74 -54.16 -49.47
N ASN A 50 -22.82 -54.01 -50.79
CA ASN A 50 -22.56 -52.77 -51.47
C ASN A 50 -23.40 -51.59 -50.98
N THR A 51 -24.45 -51.90 -50.22
CA THR A 51 -25.35 -50.91 -49.62
C THR A 51 -24.55 -49.94 -48.76
N PHE A 52 -23.49 -50.42 -48.10
CA PHE A 52 -22.69 -49.61 -47.18
C PHE A 52 -21.28 -49.30 -47.69
N PHE A 53 -20.75 -50.12 -48.58
CA PHE A 53 -19.40 -49.92 -49.09
C PHE A 53 -19.41 -49.66 -50.59
N SER A 54 -18.45 -48.86 -51.07
CA SER A 54 -18.25 -48.60 -52.51
C SER A 54 -16.94 -49.20 -53.00
N GLU A 55 -17.00 -49.95 -54.10
CA GLU A 55 -15.84 -50.71 -54.57
C GLU A 55 -14.80 -49.84 -55.34
N THR A 56 -14.44 -48.71 -54.72
CA THR A 56 -13.48 -47.74 -55.28
C THR A 56 -12.08 -48.32 -55.60
N GLY A 57 -11.50 -47.83 -56.68
CA GLY A 57 -10.28 -48.40 -57.23
C GLY A 57 -10.54 -49.84 -57.62
N ALA A 58 -9.47 -50.58 -57.85
CA ALA A 58 -9.60 -52.00 -58.12
C ALA A 58 -8.80 -52.84 -57.11
N GLY A 59 -9.08 -52.61 -55.83
CA GLY A 59 -8.52 -53.41 -54.76
C GLY A 59 -9.18 -53.19 -53.41
N LYS A 60 -9.79 -52.00 -53.22
CA LYS A 60 -10.18 -51.45 -51.91
C LYS A 60 -11.71 -51.45 -51.65
N HIS A 61 -12.15 -50.91 -50.49
CA HIS A 61 -13.57 -50.99 -50.12
C HIS A 61 -14.32 -49.80 -49.48
N VAL A 62 -13.61 -48.82 -48.93
CA VAL A 62 -14.21 -47.56 -48.40
C VAL A 62 -15.71 -47.53 -47.98
N PRO A 63 -15.98 -47.37 -46.67
CA PRO A 63 -17.35 -47.14 -46.18
C PRO A 63 -18.01 -45.91 -46.78
N ARG A 64 -19.30 -46.01 -47.04
CA ARG A 64 -20.08 -44.85 -47.46
C ARG A 64 -20.37 -44.02 -46.21
N ALA A 65 -19.32 -43.44 -45.65
CA ALA A 65 -19.42 -42.81 -44.35
C ALA A 65 -18.80 -41.42 -44.33
N VAL A 66 -19.24 -40.61 -43.37
CA VAL A 66 -18.61 -39.32 -43.09
C VAL A 66 -18.52 -39.11 -41.59
N PHE A 67 -17.37 -38.66 -41.11
CA PHE A 67 -17.18 -38.41 -39.69
C PHE A 67 -16.88 -36.95 -39.46
N VAL A 68 -17.61 -36.32 -38.53
CA VAL A 68 -17.43 -34.91 -38.18
C VAL A 68 -17.36 -34.67 -36.68
N ASP A 69 -16.43 -33.81 -36.29
CA ASP A 69 -16.27 -33.38 -34.89
C ASP A 69 -15.58 -32.04 -34.93
N LEU A 70 -15.93 -31.17 -34.00
CA LEU A 70 -15.33 -29.84 -34.00
C LEU A 70 -13.94 -29.74 -33.29
N GLU A 71 -13.63 -30.68 -32.39
CA GLU A 71 -12.25 -30.92 -31.90
C GLU A 71 -11.60 -32.06 -32.69
N PRO A 72 -10.36 -31.91 -33.06
CA PRO A 72 -9.66 -32.93 -33.87
C PRO A 72 -9.39 -34.21 -33.11
N THR A 73 -9.00 -34.11 -31.83
CA THR A 73 -8.68 -35.25 -30.94
C THR A 73 -9.20 -36.62 -31.35
N VAL A 74 -10.51 -36.71 -31.57
CA VAL A 74 -11.22 -37.98 -31.70
C VAL A 74 -11.21 -38.58 -33.09
N ILE A 75 -11.38 -37.74 -34.10
CA ILE A 75 -11.23 -38.15 -35.49
C ILE A 75 -9.76 -38.39 -35.79
N ASP A 76 -8.90 -37.66 -35.13
CA ASP A 76 -7.47 -37.87 -35.23
C ASP A 76 -7.07 -39.31 -34.92
N GLU A 77 -7.52 -39.79 -33.77
CA GLU A 77 -7.22 -41.16 -33.34
C GLU A 77 -7.59 -42.22 -34.39
N VAL A 78 -8.68 -42.01 -35.15
CA VAL A 78 -9.08 -42.89 -36.27
C VAL A 78 -7.99 -42.97 -37.31
N ARG A 79 -7.43 -41.81 -37.67
CA ARG A 79 -6.32 -41.77 -38.62
C ARG A 79 -4.96 -42.02 -37.98
N THR A 80 -4.95 -42.77 -36.89
CA THR A 80 -3.71 -43.34 -36.30
C THR A 80 -3.76 -44.89 -36.28
N GLY A 81 -4.87 -45.42 -35.75
CA GLY A 81 -5.01 -46.84 -35.49
C GLY A 81 -5.65 -47.59 -36.65
N THR A 82 -4.98 -48.67 -37.06
CA THR A 82 -5.38 -49.50 -38.21
C THR A 82 -6.88 -49.42 -38.38
N TYR A 83 -7.27 -49.16 -39.63
CA TYR A 83 -8.55 -48.58 -40.02
C TYR A 83 -8.17 -47.23 -40.58
N ARG A 84 -7.03 -46.74 -40.12
CA ARG A 84 -6.42 -45.56 -40.69
C ARG A 84 -6.46 -45.70 -42.21
N GLN A 85 -6.27 -46.93 -42.68
CA GLN A 85 -6.25 -47.22 -44.09
C GLN A 85 -7.65 -47.32 -44.72
N LEU A 86 -8.68 -47.39 -43.88
CA LEU A 86 -10.02 -47.79 -44.32
C LEU A 86 -10.81 -46.71 -44.98
N PHE A 87 -10.90 -45.56 -44.34
CA PHE A 87 -11.64 -44.44 -44.89
C PHE A 87 -10.79 -43.66 -45.86
N HIS A 88 -11.41 -42.74 -46.58
CA HIS A 88 -10.67 -41.80 -47.43
C HIS A 88 -10.22 -40.58 -46.62
N PRO A 89 -8.98 -40.16 -46.81
CA PRO A 89 -8.44 -39.07 -46.02
C PRO A 89 -9.49 -37.99 -46.00
N GLU A 90 -10.26 -37.88 -47.07
CA GLU A 90 -11.25 -36.82 -47.12
C GLU A 90 -12.39 -37.00 -46.16
N GLN A 91 -13.02 -38.15 -46.12
CA GLN A 91 -14.33 -38.25 -45.46
C GLN A 91 -14.40 -37.96 -43.95
N LEU A 92 -13.26 -37.73 -43.31
CA LEU A 92 -13.21 -37.40 -41.88
C LEU A 92 -12.92 -35.93 -41.61
N ILE A 93 -13.97 -35.16 -41.39
CA ILE A 93 -13.82 -33.73 -41.18
C ILE A 93 -13.68 -33.36 -39.72
N THR A 94 -12.71 -32.47 -39.46
CA THR A 94 -12.49 -31.96 -38.11
C THR A 94 -12.31 -30.43 -38.09
N GLY A 95 -12.62 -29.82 -36.95
CA GLY A 95 -12.86 -28.39 -36.92
C GLY A 95 -12.16 -27.47 -35.94
N LYS A 96 -10.98 -27.85 -35.44
CA LYS A 96 -10.09 -26.89 -34.72
C LYS A 96 -10.49 -26.47 -33.29
N GLU A 97 -11.73 -26.01 -33.12
CA GLU A 97 -12.21 -25.64 -31.80
C GLU A 97 -13.49 -26.38 -31.44
N ASP A 98 -13.58 -26.69 -30.15
CA ASP A 98 -14.70 -27.40 -29.53
C ASP A 98 -16.07 -26.78 -29.70
N ALA A 99 -17.09 -27.54 -29.32
CA ALA A 99 -18.44 -27.04 -29.31
C ALA A 99 -18.73 -26.59 -27.90
N ALA A 100 -17.81 -26.98 -27.02
CA ALA A 100 -17.87 -26.68 -25.59
C ALA A 100 -19.25 -26.95 -24.96
N ASN A 101 -19.69 -28.19 -25.09
CA ASN A 101 -20.82 -28.70 -24.32
C ASN A 101 -22.10 -27.90 -24.38
N ASN A 102 -22.28 -27.14 -25.45
CA ASN A 102 -23.57 -26.47 -25.59
C ASN A 102 -24.11 -26.27 -27.00
N TYR A 103 -25.39 -26.65 -27.12
CA TYR A 103 -26.12 -26.68 -28.37
C TYR A 103 -25.96 -25.37 -29.08
N ALA A 104 -26.25 -24.29 -28.36
CA ALA A 104 -26.21 -22.97 -28.97
C ALA A 104 -24.91 -22.74 -29.71
N ARG A 105 -23.80 -23.19 -29.16
CA ARG A 105 -22.52 -22.98 -29.81
C ARG A 105 -22.45 -23.85 -31.03
N GLY A 106 -22.76 -25.13 -30.86
CA GLY A 106 -22.74 -26.09 -31.94
C GLY A 106 -23.65 -25.72 -33.11
N HIS A 107 -24.88 -25.37 -32.80
CA HIS A 107 -25.87 -25.12 -33.84
C HIS A 107 -25.53 -23.85 -34.60
N TYR A 108 -25.23 -22.77 -33.88
CA TYR A 108 -25.06 -21.47 -34.51
C TYR A 108 -23.62 -20.98 -34.62
N THR A 109 -22.91 -20.94 -33.49
CA THR A 109 -21.63 -20.22 -33.46
C THR A 109 -20.49 -20.94 -34.18
N ILE A 110 -20.13 -22.13 -33.70
CA ILE A 110 -19.03 -22.82 -34.33
C ILE A 110 -19.49 -23.71 -35.50
N GLY A 111 -20.79 -24.04 -35.53
CA GLY A 111 -21.39 -24.88 -36.56
C GLY A 111 -21.37 -24.26 -37.94
N LYS A 112 -22.29 -23.33 -38.17
CA LYS A 112 -22.19 -22.38 -39.27
C LYS A 112 -20.96 -22.46 -40.16
N GLU A 113 -19.76 -22.42 -39.57
CA GLU A 113 -18.50 -22.42 -40.33
C GLU A 113 -18.32 -23.69 -41.17
N ILE A 114 -18.28 -24.81 -40.46
CA ILE A 114 -17.89 -26.10 -41.01
C ILE A 114 -19.01 -26.80 -41.80
N ILE A 115 -20.26 -26.47 -41.46
CA ILE A 115 -21.46 -27.02 -42.09
C ILE A 115 -21.39 -27.02 -43.62
N ASP A 116 -20.86 -25.96 -44.18
CA ASP A 116 -20.82 -25.88 -45.61
C ASP A 116 -19.88 -26.89 -46.20
N LEU A 117 -18.79 -27.18 -45.52
CA LEU A 117 -17.88 -28.18 -46.05
C LEU A 117 -18.48 -29.56 -45.96
N VAL A 118 -18.84 -29.95 -44.74
CA VAL A 118 -19.41 -31.24 -44.47
C VAL A 118 -20.48 -31.57 -45.47
N LEU A 119 -21.48 -30.68 -45.55
CA LEU A 119 -22.66 -30.89 -46.38
C LEU A 119 -22.30 -31.24 -47.80
N ASP A 120 -21.25 -30.58 -48.29
CA ASP A 120 -20.71 -30.81 -49.61
C ASP A 120 -19.98 -32.18 -49.69
N ARG A 121 -18.98 -32.41 -48.86
CA ARG A 121 -18.29 -33.70 -48.90
C ARG A 121 -19.27 -34.89 -48.93
N ILE A 122 -20.33 -34.80 -48.13
CA ILE A 122 -21.42 -35.76 -48.08
C ILE A 122 -21.98 -35.93 -49.48
N ARG A 123 -22.29 -34.80 -50.10
CA ARG A 123 -22.76 -34.72 -51.47
C ARG A 123 -21.84 -35.41 -52.47
N LYS A 124 -20.55 -35.46 -52.14
CA LYS A 124 -19.55 -36.16 -52.98
C LYS A 124 -19.73 -37.67 -52.91
N LEU A 125 -20.30 -38.14 -51.80
CA LEU A 125 -20.64 -39.55 -51.66
C LEU A 125 -21.96 -39.87 -52.35
N ALA A 126 -22.92 -38.95 -52.24
CA ALA A 126 -24.20 -39.09 -52.93
C ALA A 126 -23.93 -39.24 -54.40
N ASP A 127 -22.96 -38.46 -54.88
CA ASP A 127 -22.61 -38.39 -56.29
C ASP A 127 -22.25 -39.72 -56.93
N GLN A 128 -21.65 -40.64 -56.16
CA GLN A 128 -21.34 -41.96 -56.69
C GLN A 128 -22.31 -43.05 -56.17
N CYS A 129 -23.59 -42.72 -56.14
CA CYS A 129 -24.60 -43.65 -55.65
C CYS A 129 -25.86 -43.69 -56.52
N THR A 130 -25.97 -44.76 -57.34
CA THR A 130 -27.06 -44.89 -58.32
C THR A 130 -28.36 -45.33 -57.69
N GLY A 131 -28.95 -44.41 -56.93
CA GLY A 131 -30.15 -44.67 -56.14
C GLY A 131 -29.96 -44.56 -54.63
N LEU A 132 -29.15 -43.60 -54.20
CA LEU A 132 -28.90 -43.43 -52.76
C LEU A 132 -30.21 -43.47 -52.01
N GLN A 133 -30.18 -44.09 -50.84
CA GLN A 133 -31.41 -44.36 -50.12
C GLN A 133 -31.69 -43.45 -48.95
N GLY A 134 -30.64 -43.04 -48.26
CA GLY A 134 -30.84 -42.16 -47.13
C GLY A 134 -29.68 -42.14 -46.19
N PHE A 135 -29.92 -41.61 -45.00
CA PHE A 135 -28.83 -41.37 -44.08
C PHE A 135 -28.99 -41.96 -42.68
N LEU A 136 -27.90 -42.53 -42.17
CA LEU A 136 -27.87 -42.99 -40.80
C LEU A 136 -27.00 -42.03 -40.04
N VAL A 137 -27.61 -41.26 -39.16
CA VAL A 137 -26.89 -40.27 -38.40
C VAL A 137 -26.63 -40.71 -36.97
N PHE A 138 -25.37 -40.82 -36.59
CA PHE A 138 -25.04 -41.22 -35.22
C PHE A 138 -24.63 -40.00 -34.40
N HIS A 139 -25.25 -39.79 -33.23
CA HIS A 139 -24.94 -38.59 -32.40
C HIS A 139 -25.38 -38.67 -30.92
N SER A 140 -24.72 -37.90 -30.05
CA SER A 140 -25.15 -37.82 -28.65
C SER A 140 -26.40 -36.98 -28.50
N PHE A 141 -27.12 -37.19 -27.40
CA PHE A 141 -28.28 -36.37 -27.08
C PHE A 141 -27.84 -35.08 -26.43
N GLY A 142 -27.09 -35.20 -25.33
CA GLY A 142 -26.45 -34.06 -24.70
C GLY A 142 -25.14 -33.87 -25.39
N GLY A 143 -24.26 -33.03 -24.84
CA GLY A 143 -23.01 -32.76 -25.53
C GLY A 143 -23.18 -31.83 -26.74
N GLY A 144 -22.19 -30.97 -26.96
CA GLY A 144 -22.40 -29.75 -27.72
C GLY A 144 -22.59 -29.94 -29.19
N THR A 145 -21.65 -30.67 -29.79
CA THR A 145 -21.65 -30.81 -31.24
C THR A 145 -22.62 -31.90 -31.67
N GLY A 146 -22.81 -32.90 -30.82
CA GLY A 146 -23.77 -33.96 -31.07
C GLY A 146 -25.19 -33.46 -31.12
N SER A 147 -25.58 -32.66 -30.14
CA SER A 147 -26.89 -32.03 -30.15
C SER A 147 -26.95 -30.93 -31.21
N GLY A 148 -26.04 -29.98 -31.08
CA GLY A 148 -26.07 -28.76 -31.87
C GLY A 148 -25.88 -28.90 -33.37
N PHE A 149 -24.73 -29.44 -33.76
CA PHE A 149 -24.40 -29.52 -35.18
C PHE A 149 -25.34 -30.46 -35.89
N THR A 150 -25.58 -31.64 -35.27
CA THR A 150 -26.51 -32.65 -35.78
C THR A 150 -27.79 -32.02 -36.22
N SER A 151 -28.39 -31.22 -35.32
CA SER A 151 -29.55 -30.41 -35.66
C SER A 151 -29.38 -29.58 -36.93
N LEU A 152 -28.43 -28.65 -36.95
CA LEU A 152 -28.17 -27.88 -38.16
C LEU A 152 -28.09 -28.77 -39.39
N LEU A 153 -27.31 -29.85 -39.29
CA LEU A 153 -27.14 -30.80 -40.37
C LEU A 153 -28.45 -31.31 -40.90
N MET A 154 -29.27 -31.85 -40.01
CA MET A 154 -30.53 -32.46 -40.37
C MET A 154 -31.50 -31.54 -41.12
N GLU A 155 -31.60 -30.27 -40.69
CA GLU A 155 -32.43 -29.27 -41.41
C GLU A 155 -31.92 -29.14 -42.81
N ARG A 156 -30.62 -28.98 -42.93
CA ARG A 156 -29.96 -28.83 -44.20
C ARG A 156 -30.10 -30.07 -45.04
N LEU A 157 -29.87 -31.23 -44.43
CA LEU A 157 -29.98 -32.48 -45.15
C LEU A 157 -31.37 -32.58 -45.69
N SER A 158 -32.34 -32.19 -44.88
CA SER A 158 -33.74 -32.23 -45.29
C SER A 158 -34.01 -31.37 -46.52
N VAL A 159 -33.28 -30.28 -46.64
CA VAL A 159 -33.41 -29.38 -47.79
C VAL A 159 -32.77 -29.98 -49.04
N ASP A 160 -31.47 -30.32 -48.96
CA ASP A 160 -30.71 -30.84 -50.09
C ASP A 160 -31.17 -32.23 -50.57
N TYR A 161 -31.86 -32.98 -49.71
CA TYR A 161 -32.30 -34.36 -50.00
C TYR A 161 -33.78 -34.60 -49.69
N GLY A 162 -34.60 -34.47 -50.73
CA GLY A 162 -36.06 -34.50 -50.65
C GLY A 162 -36.69 -35.69 -49.97
N LYS A 163 -36.96 -36.75 -50.73
CA LYS A 163 -37.52 -38.00 -50.19
C LYS A 163 -36.66 -38.60 -49.08
N LYS A 164 -35.45 -38.99 -49.46
CA LYS A 164 -34.47 -39.66 -48.62
C LYS A 164 -34.77 -39.64 -47.12
N SER A 165 -34.98 -40.83 -46.59
CA SER A 165 -35.23 -41.02 -45.17
C SER A 165 -33.97 -40.74 -44.35
N LYS A 166 -34.19 -40.34 -43.11
CA LYS A 166 -33.10 -40.12 -42.20
C LYS A 166 -33.39 -40.97 -40.98
N LEU A 167 -32.45 -41.83 -40.64
CA LEU A 167 -32.49 -42.62 -39.42
C LEU A 167 -31.47 -42.12 -38.44
N GLU A 168 -31.91 -41.81 -37.22
CA GLU A 168 -30.97 -41.31 -36.24
C GLU A 168 -30.79 -42.35 -35.14
N PHE A 169 -29.55 -42.46 -34.65
CA PHE A 169 -29.16 -43.26 -33.50
C PHE A 169 -28.60 -42.29 -32.49
N SER A 170 -29.38 -41.93 -31.48
CA SER A 170 -28.95 -40.95 -30.48
C SER A 170 -28.54 -41.57 -29.16
N ILE A 171 -27.56 -40.98 -28.49
CA ILE A 171 -27.16 -41.48 -27.18
C ILE A 171 -27.72 -40.62 -26.08
N TYR A 172 -28.88 -41.09 -25.58
CA TYR A 172 -29.61 -40.57 -24.41
C TYR A 172 -28.70 -40.73 -23.18
N PRO A 173 -28.47 -39.63 -22.46
CA PRO A 173 -27.34 -39.54 -21.53
C PRO A 173 -27.71 -40.07 -20.18
N ALA A 174 -26.74 -40.58 -19.44
CA ALA A 174 -27.02 -41.12 -18.11
C ALA A 174 -26.10 -40.57 -17.04
N PRO A 175 -26.72 -40.09 -15.95
CA PRO A 175 -26.05 -39.37 -14.84
C PRO A 175 -24.60 -39.79 -14.50
N GLN A 176 -24.36 -41.11 -14.51
CA GLN A 176 -23.05 -41.71 -14.18
C GLN A 176 -22.00 -41.43 -15.24
N VAL A 177 -22.00 -42.22 -16.31
CA VAL A 177 -21.04 -41.97 -17.39
C VAL A 177 -21.45 -40.83 -18.35
N SER A 178 -21.08 -39.62 -17.94
CA SER A 178 -21.63 -38.39 -18.49
C SER A 178 -20.48 -37.41 -18.55
N THR A 179 -20.62 -36.41 -19.40
CA THR A 179 -19.67 -35.30 -19.46
C THR A 179 -20.20 -34.10 -18.69
N ALA A 180 -21.41 -33.66 -19.06
CA ALA A 180 -21.84 -32.30 -18.78
C ALA A 180 -23.14 -32.16 -17.98
N VAL A 181 -23.23 -31.04 -17.27
CA VAL A 181 -24.31 -30.68 -16.37
C VAL A 181 -25.51 -30.15 -17.12
N VAL A 182 -25.23 -29.42 -18.19
CA VAL A 182 -26.24 -28.86 -19.08
C VAL A 182 -26.84 -29.87 -20.09
N GLU A 183 -26.34 -31.10 -20.06
CA GLU A 183 -26.83 -32.17 -20.92
C GLU A 183 -28.34 -32.11 -21.22
N PRO A 184 -29.21 -32.19 -20.20
CA PRO A 184 -30.65 -31.99 -20.42
C PRO A 184 -30.98 -30.85 -21.37
N TYR A 185 -30.47 -29.65 -21.12
CA TYR A 185 -30.78 -28.54 -22.01
C TYR A 185 -30.48 -28.92 -23.46
N ASN A 186 -29.27 -29.39 -23.74
CA ASN A 186 -28.85 -29.71 -25.11
C ASN A 186 -29.76 -30.75 -25.76
N SER A 187 -30.18 -31.72 -24.96
CA SER A 187 -31.03 -32.80 -25.43
C SER A 187 -32.36 -32.26 -25.93
N ILE A 188 -33.08 -31.60 -25.02
CA ILE A 188 -34.43 -31.08 -25.28
C ILE A 188 -34.38 -30.06 -26.40
N LEU A 189 -33.26 -29.34 -26.44
CA LEU A 189 -32.99 -28.38 -27.48
C LEU A 189 -32.93 -29.01 -28.86
N THR A 190 -32.00 -29.94 -29.08
CA THR A 190 -31.92 -30.66 -30.37
C THR A 190 -33.20 -31.42 -30.71
N THR A 191 -33.58 -32.31 -29.81
CA THR A 191 -34.70 -33.17 -30.07
C THR A 191 -35.92 -32.38 -30.56
N HIS A 192 -35.94 -31.09 -30.27
CA HIS A 192 -37.01 -30.22 -30.76
C HIS A 192 -36.81 -29.86 -32.23
N THR A 193 -35.67 -29.24 -32.54
CA THR A 193 -35.31 -28.90 -33.93
C THR A 193 -35.26 -30.19 -34.71
N THR A 194 -34.40 -31.09 -34.21
CA THR A 194 -34.05 -32.37 -34.80
C THR A 194 -35.27 -33.18 -35.24
N LEU A 195 -36.42 -32.92 -34.60
CA LEU A 195 -37.61 -33.79 -34.61
C LEU A 195 -38.34 -33.99 -35.94
N GLU A 196 -38.72 -32.91 -36.61
CA GLU A 196 -39.52 -33.06 -37.81
C GLU A 196 -38.65 -33.18 -39.05
N HIS A 197 -37.41 -33.63 -38.86
CA HIS A 197 -36.46 -33.83 -39.96
C HIS A 197 -35.99 -35.28 -40.05
N SER A 198 -36.18 -35.99 -38.96
CA SER A 198 -35.89 -37.41 -38.89
C SER A 198 -37.14 -38.14 -39.29
N ASP A 199 -37.02 -39.45 -39.51
CA ASP A 199 -38.17 -40.29 -39.87
C ASP A 199 -38.39 -41.32 -38.77
N CYS A 200 -37.28 -41.94 -38.36
CA CYS A 200 -37.27 -42.96 -37.31
C CYS A 200 -35.98 -42.83 -36.51
N ALA A 201 -36.10 -42.88 -35.18
CA ALA A 201 -34.95 -42.62 -34.33
C ALA A 201 -34.73 -43.64 -33.21
N PHE A 202 -33.52 -44.20 -33.21
CA PHE A 202 -33.15 -45.27 -32.26
C PHE A 202 -32.45 -44.74 -31.04
N MET A 203 -33.18 -44.67 -29.95
CA MET A 203 -32.59 -44.20 -28.73
C MET A 203 -31.81 -45.28 -28.04
N VAL A 204 -30.64 -44.89 -27.54
CA VAL A 204 -29.76 -45.75 -26.79
C VAL A 204 -29.48 -45.06 -25.48
N ASP A 205 -30.17 -45.53 -24.46
CA ASP A 205 -30.01 -45.05 -23.10
C ASP A 205 -28.69 -45.53 -22.51
N ASN A 206 -27.70 -44.64 -22.46
CA ASN A 206 -26.40 -45.01 -21.97
C ASN A 206 -26.37 -45.75 -20.65
N GLU A 207 -27.29 -45.43 -19.75
CA GLU A 207 -27.41 -46.10 -18.45
C GLU A 207 -27.70 -47.59 -18.64
N ALA A 208 -28.75 -47.91 -19.40
CA ALA A 208 -29.06 -49.30 -19.69
C ALA A 208 -27.84 -50.03 -20.21
N ILE A 209 -27.23 -49.51 -21.25
CA ILE A 209 -26.06 -50.13 -21.80
C ILE A 209 -25.06 -50.44 -20.72
N TYR A 210 -24.85 -49.49 -19.84
CA TYR A 210 -23.89 -49.60 -18.78
C TYR A 210 -24.35 -50.69 -17.82
N ASP A 211 -25.66 -50.84 -17.71
CA ASP A 211 -26.25 -51.86 -16.85
C ASP A 211 -26.09 -53.29 -17.41
N ILE A 212 -26.24 -53.43 -18.73
CA ILE A 212 -26.13 -54.73 -19.38
C ILE A 212 -24.69 -55.21 -19.21
N CYS A 213 -23.78 -54.26 -19.25
CA CYS A 213 -22.36 -54.54 -19.14
C CYS A 213 -21.98 -55.00 -17.78
N ARG A 214 -22.78 -54.64 -16.79
CA ARG A 214 -22.41 -54.91 -15.42
C ARG A 214 -22.99 -56.21 -14.94
N ARG A 215 -24.26 -56.42 -15.22
CA ARG A 215 -24.89 -57.66 -14.85
C ARG A 215 -24.36 -58.72 -15.80
N ASN A 216 -24.44 -58.43 -17.09
CA ASN A 216 -24.31 -59.49 -18.07
C ASN A 216 -22.88 -59.80 -18.51
N LEU A 217 -21.99 -58.82 -18.40
CA LEU A 217 -20.61 -58.99 -18.81
C LEU A 217 -19.66 -59.11 -17.65
N ASP A 218 -20.02 -58.58 -16.49
CA ASP A 218 -19.19 -58.72 -15.31
C ASP A 218 -18.21 -57.56 -15.15
N ILE A 219 -18.29 -56.56 -16.03
CA ILE A 219 -17.36 -55.44 -16.02
C ILE A 219 -17.65 -54.47 -14.89
N GLU A 220 -16.72 -54.43 -13.94
CA GLU A 220 -16.94 -53.70 -12.69
C GLU A 220 -17.28 -52.25 -12.97
N ARG A 221 -16.53 -51.60 -13.86
CA ARG A 221 -16.82 -50.24 -14.27
C ARG A 221 -16.50 -50.07 -15.74
N PRO A 222 -17.52 -50.21 -16.56
CA PRO A 222 -17.37 -50.39 -18.00
C PRO A 222 -16.92 -49.18 -18.77
N THR A 223 -15.94 -49.39 -19.67
CA THR A 223 -15.33 -48.32 -20.48
C THR A 223 -16.31 -47.73 -21.44
N TYR A 224 -15.89 -46.66 -22.09
CA TYR A 224 -16.64 -46.19 -23.22
C TYR A 224 -16.66 -47.26 -24.30
N THR A 225 -15.47 -47.78 -24.60
CA THR A 225 -15.27 -48.80 -25.66
C THR A 225 -15.86 -50.12 -25.22
N ASN A 226 -15.94 -50.32 -23.90
CA ASN A 226 -16.78 -51.39 -23.38
C ASN A 226 -18.24 -51.28 -23.82
N LEU A 227 -18.85 -50.11 -23.66
CA LEU A 227 -20.22 -49.88 -24.05
C LEU A 227 -20.37 -49.94 -25.56
N ASN A 228 -19.48 -49.26 -26.25
CA ASN A 228 -19.58 -49.17 -27.67
C ASN A 228 -19.69 -50.52 -28.39
N ARG A 229 -18.85 -51.48 -27.99
CA ARG A 229 -18.86 -52.84 -28.57
C ARG A 229 -20.29 -53.41 -28.57
N LEU A 230 -20.96 -53.26 -27.42
CA LEU A 230 -22.32 -53.68 -27.24
C LEU A 230 -23.26 -52.96 -28.20
N ILE A 231 -23.14 -51.64 -28.28
CA ILE A 231 -23.99 -50.87 -29.18
C ILE A 231 -23.70 -51.21 -30.65
N GLY A 232 -22.41 -51.39 -30.98
CA GLY A 232 -21.95 -51.89 -32.26
C GLY A 232 -22.88 -53.01 -32.66
N GLN A 233 -22.90 -54.03 -31.81
CA GLN A 233 -23.81 -55.18 -31.96
C GLN A 233 -25.30 -54.86 -32.26
N ILE A 234 -25.90 -53.98 -31.46
CA ILE A 234 -27.33 -53.70 -31.62
C ILE A 234 -27.56 -53.06 -32.98
N VAL A 235 -26.74 -52.06 -33.29
CA VAL A 235 -26.76 -51.37 -34.57
C VAL A 235 -26.54 -52.32 -35.75
N SER A 236 -25.51 -53.15 -35.64
CA SER A 236 -25.24 -54.16 -36.66
C SER A 236 -26.41 -55.11 -36.84
N SER A 237 -27.16 -55.31 -35.77
CA SER A 237 -28.35 -56.14 -35.85
C SER A 237 -29.43 -55.42 -36.65
N ILE A 238 -29.51 -54.10 -36.47
CA ILE A 238 -30.53 -53.33 -37.14
C ILE A 238 -30.23 -53.08 -38.60
N THR A 239 -29.02 -52.63 -38.91
CA THR A 239 -28.60 -52.44 -40.31
C THR A 239 -28.47 -53.78 -41.07
N ALA A 240 -28.11 -54.83 -40.35
CA ALA A 240 -28.06 -56.17 -40.88
C ALA A 240 -28.88 -56.34 -42.17
N SER A 241 -30.21 -56.36 -42.01
CA SER A 241 -31.18 -56.59 -43.08
C SER A 241 -30.80 -56.01 -44.46
N LEU A 242 -30.25 -54.77 -44.48
CA LEU A 242 -29.92 -54.01 -45.70
C LEU A 242 -28.46 -54.06 -46.16
N ARG A 243 -27.65 -54.87 -45.46
CA ARG A 243 -26.28 -55.18 -45.89
C ARG A 243 -26.19 -56.62 -46.43
N PHE A 244 -27.11 -57.48 -45.99
CA PHE A 244 -27.20 -58.82 -46.55
C PHE A 244 -28.40 -58.98 -47.49
N ASP A 245 -29.36 -58.06 -47.36
CA ASP A 245 -30.63 -58.11 -48.09
C ASP A 245 -31.35 -59.46 -47.83
N GLY A 246 -32.45 -59.38 -47.11
CA GLY A 246 -33.13 -60.59 -46.71
C GLY A 246 -34.44 -60.32 -46.00
N ALA A 247 -35.43 -59.85 -46.77
CA ALA A 247 -36.81 -59.54 -46.30
C ALA A 247 -36.81 -58.71 -45.03
N LEU A 248 -37.93 -58.04 -44.76
CA LEU A 248 -38.03 -57.21 -43.55
C LEU A 248 -36.91 -56.16 -43.43
N ASN A 249 -37.28 -54.89 -43.61
CA ASN A 249 -36.37 -53.73 -43.63
C ASN A 249 -35.17 -53.83 -44.56
N VAL A 250 -35.44 -54.19 -45.81
CA VAL A 250 -34.39 -54.25 -46.82
C VAL A 250 -34.05 -52.87 -47.32
N ASP A 251 -34.85 -51.89 -46.90
CA ASP A 251 -34.67 -50.49 -47.27
C ASP A 251 -35.21 -49.52 -46.22
N LEU A 252 -34.73 -48.28 -46.23
CA LEU A 252 -35.02 -47.36 -45.15
C LEU A 252 -36.45 -46.90 -45.09
N THR A 253 -37.10 -46.87 -46.26
CA THR A 253 -38.53 -46.65 -46.36
C THR A 253 -39.25 -47.61 -45.40
N GLU A 254 -39.07 -48.92 -45.63
CA GLU A 254 -39.63 -50.04 -44.84
C GLU A 254 -39.51 -49.90 -43.33
N PHE A 255 -38.47 -49.17 -42.90
CA PHE A 255 -38.13 -48.99 -41.50
C PHE A 255 -39.12 -48.17 -40.76
N GLN A 256 -39.70 -47.23 -41.46
CA GLN A 256 -40.70 -46.38 -40.88
C GLN A 256 -42.05 -47.05 -41.10
N THR A 257 -42.29 -47.56 -42.30
CA THR A 257 -43.46 -48.39 -42.58
C THR A 257 -43.72 -49.32 -41.41
N ASN A 258 -42.71 -50.12 -41.07
CA ASN A 258 -42.92 -51.23 -40.16
C ASN A 258 -43.02 -50.86 -38.68
N LEU A 259 -42.35 -49.78 -38.30
CA LEU A 259 -42.22 -49.43 -36.89
C LEU A 259 -43.03 -48.25 -36.40
N VAL A 260 -42.97 -47.16 -37.15
CA VAL A 260 -43.49 -45.90 -36.68
C VAL A 260 -44.80 -45.61 -37.38
N PRO A 261 -45.87 -45.61 -36.61
CA PRO A 261 -47.23 -45.49 -37.17
C PRO A 261 -47.73 -44.06 -37.13
N TYR A 262 -47.07 -43.22 -36.36
CA TYR A 262 -47.40 -41.80 -36.28
C TYR A 262 -46.14 -40.97 -36.56
N PRO A 263 -46.23 -40.03 -37.50
CA PRO A 263 -45.06 -39.29 -37.97
C PRO A 263 -44.21 -38.85 -36.79
N ARG A 264 -44.86 -38.36 -35.73
CA ARG A 264 -44.17 -37.91 -34.53
C ARG A 264 -43.44 -39.01 -33.76
N ILE A 265 -44.19 -39.86 -33.08
CA ILE A 265 -43.69 -41.09 -32.44
C ILE A 265 -42.64 -41.90 -33.24
N HIS A 266 -41.38 -41.47 -33.24
CA HIS A 266 -40.33 -42.15 -34.01
C HIS A 266 -39.72 -43.27 -33.27
N PHE A 267 -39.72 -43.18 -31.96
CA PHE A 267 -38.63 -43.81 -31.22
C PHE A 267 -38.92 -45.23 -30.76
N PRO A 268 -38.39 -46.22 -31.47
CA PRO A 268 -38.62 -47.60 -31.09
C PRO A 268 -37.62 -47.95 -30.02
N LEU A 269 -37.80 -49.12 -29.43
CA LEU A 269 -37.10 -49.57 -28.26
C LEU A 269 -36.42 -50.89 -28.61
N ALA A 270 -35.10 -50.93 -28.55
CA ALA A 270 -34.40 -52.15 -28.95
C ALA A 270 -33.99 -53.07 -27.79
N THR A 271 -33.99 -54.36 -28.06
CA THR A 271 -33.69 -55.32 -27.00
C THR A 271 -32.87 -56.48 -27.53
N TYR A 272 -31.54 -56.40 -27.42
CA TYR A 272 -30.66 -57.39 -28.05
C TYR A 272 -30.58 -58.63 -27.23
N ALA A 273 -30.54 -59.75 -27.93
CA ALA A 273 -30.88 -61.07 -27.42
C ALA A 273 -29.97 -61.73 -26.38
N PRO A 274 -29.00 -62.52 -26.79
CA PRO A 274 -28.05 -63.09 -25.84
C PRO A 274 -26.80 -62.22 -25.75
N VAL A 275 -26.65 -61.57 -24.60
CA VAL A 275 -25.43 -60.85 -24.33
C VAL A 275 -24.79 -61.68 -23.28
N ILE A 276 -23.83 -62.51 -23.69
CA ILE A 276 -23.14 -63.36 -22.75
C ILE A 276 -21.62 -63.38 -22.96
N SER A 277 -20.90 -63.28 -21.84
CA SER A 277 -19.46 -63.02 -21.83
C SER A 277 -18.61 -64.19 -22.27
N ALA A 278 -17.54 -63.91 -23.03
CA ALA A 278 -16.58 -64.96 -23.42
C ALA A 278 -15.97 -65.47 -22.15
N GLU A 279 -15.56 -66.72 -22.13
CA GLU A 279 -15.29 -67.37 -20.86
C GLU A 279 -16.55 -68.14 -20.48
N LYS A 280 -17.70 -67.61 -20.84
CA LYS A 280 -18.91 -68.40 -20.81
C LYS A 280 -18.94 -69.17 -22.13
N ALA A 281 -18.11 -68.71 -23.05
CA ALA A 281 -18.14 -69.11 -24.46
C ALA A 281 -18.42 -70.57 -24.77
N TYR A 282 -18.13 -71.49 -23.85
CA TYR A 282 -18.40 -72.88 -24.17
C TYR A 282 -19.67 -73.49 -23.59
N HIS A 283 -20.32 -72.80 -22.64
CA HIS A 283 -21.62 -73.27 -22.12
C HIS A 283 -22.60 -73.64 -23.24
N GLU A 284 -23.44 -74.66 -23.04
CA GLU A 284 -24.44 -75.10 -24.05
C GLU A 284 -25.26 -73.86 -24.48
N GLN A 285 -25.45 -73.67 -25.79
CA GLN A 285 -26.08 -72.45 -26.32
C GLN A 285 -27.55 -72.28 -25.88
N LEU A 286 -28.11 -71.09 -26.03
CA LEU A 286 -29.51 -70.87 -25.65
C LEU A 286 -30.50 -71.17 -26.78
N SER A 287 -31.68 -71.61 -26.37
CA SER A 287 -32.75 -72.02 -27.27
C SER A 287 -33.43 -70.84 -27.92
N VAL A 288 -34.00 -71.10 -29.09
CA VAL A 288 -34.72 -70.11 -29.87
C VAL A 288 -35.80 -69.47 -29.00
N ALA A 289 -36.32 -70.24 -28.05
CA ALA A 289 -37.38 -69.77 -27.15
C ALA A 289 -36.86 -68.83 -26.08
N GLU A 290 -35.67 -69.14 -25.56
CA GLU A 290 -35.06 -68.36 -24.48
C GLU A 290 -34.70 -66.95 -24.92
N ILE A 291 -34.04 -66.87 -26.07
CA ILE A 291 -33.58 -65.59 -26.61
C ILE A 291 -34.81 -64.77 -26.93
N THR A 292 -35.76 -65.38 -27.61
CA THR A 292 -37.03 -64.73 -27.85
C THR A 292 -37.58 -64.15 -26.56
N ASN A 293 -37.53 -64.93 -25.49
CA ASN A 293 -38.08 -64.48 -24.22
C ASN A 293 -37.27 -63.40 -23.54
N ALA A 294 -35.96 -63.54 -23.62
CA ALA A 294 -35.04 -62.53 -23.17
C ALA A 294 -35.39 -61.15 -23.73
N CYS A 295 -36.17 -61.12 -24.81
CA CYS A 295 -36.47 -59.87 -25.51
C CYS A 295 -37.55 -59.13 -24.78
N PHE A 296 -38.26 -59.84 -23.93
CA PHE A 296 -39.33 -59.20 -23.22
C PHE A 296 -38.96 -58.92 -21.79
N GLU A 297 -37.67 -58.95 -21.52
CA GLU A 297 -37.17 -58.59 -20.22
C GLU A 297 -36.63 -57.17 -20.19
N PRO A 298 -37.24 -56.31 -19.40
CA PRO A 298 -36.78 -54.92 -19.27
C PRO A 298 -35.31 -54.83 -18.80
N ALA A 299 -34.81 -55.90 -18.18
CA ALA A 299 -33.41 -55.97 -17.75
C ALA A 299 -32.49 -56.12 -18.97
N ASN A 300 -33.02 -56.70 -20.03
CA ASN A 300 -32.26 -56.90 -21.24
C ASN A 300 -32.58 -55.83 -22.27
N GLN A 301 -33.31 -54.81 -21.80
CA GLN A 301 -33.71 -53.64 -22.60
C GLN A 301 -32.59 -52.70 -22.92
N MET A 302 -32.88 -51.74 -23.78
CA MET A 302 -31.88 -50.84 -24.30
C MET A 302 -32.08 -49.37 -23.92
N VAL A 303 -33.22 -49.08 -23.28
CA VAL A 303 -33.61 -47.76 -22.76
C VAL A 303 -34.31 -47.94 -21.41
N LYS A 304 -33.66 -47.46 -20.36
CA LYS A 304 -34.15 -47.60 -19.01
C LYS A 304 -35.62 -47.13 -18.87
N CYS A 305 -36.54 -48.09 -18.97
CA CYS A 305 -37.98 -47.83 -18.77
C CYS A 305 -38.77 -49.14 -18.44
N ASP A 306 -40.11 -49.09 -18.56
CA ASP A 306 -40.93 -50.26 -18.26
C ASP A 306 -42.15 -50.43 -19.19
N PRO A 307 -42.08 -51.38 -20.14
CA PRO A 307 -43.08 -51.53 -21.20
C PRO A 307 -44.27 -52.44 -20.88
N ARG A 308 -44.23 -53.16 -19.76
CA ARG A 308 -45.42 -53.85 -19.25
C ARG A 308 -46.12 -52.87 -18.34
N HIS A 309 -46.57 -51.79 -18.98
CA HIS A 309 -46.91 -50.54 -18.32
C HIS A 309 -47.57 -49.64 -19.36
N GLY A 310 -46.76 -49.21 -20.34
CA GLY A 310 -47.27 -48.67 -21.60
C GLY A 310 -47.78 -49.78 -22.51
N LYS A 311 -48.31 -49.38 -23.66
CA LYS A 311 -48.88 -50.33 -24.61
C LYS A 311 -48.00 -50.47 -25.84
N TYR A 312 -48.27 -51.47 -26.67
CA TYR A 312 -47.46 -51.72 -27.86
C TYR A 312 -48.23 -51.25 -29.07
N MET A 313 -47.57 -50.48 -29.94
CA MET A 313 -48.22 -50.03 -31.16
C MET A 313 -47.59 -50.52 -32.44
N ALA A 314 -46.48 -51.23 -32.28
CA ALA A 314 -45.87 -52.01 -33.36
C ALA A 314 -44.60 -52.79 -32.91
N CYS A 315 -44.59 -54.09 -33.22
CA CYS A 315 -43.51 -54.97 -32.78
C CYS A 315 -42.82 -55.72 -33.90
N CYS A 316 -41.52 -55.88 -33.73
CA CYS A 316 -40.64 -56.42 -34.75
C CYS A 316 -39.60 -57.34 -34.14
N LEU A 317 -39.41 -58.52 -34.69
CA LEU A 317 -38.42 -59.41 -34.13
C LEU A 317 -37.38 -59.75 -35.18
N LEU A 318 -36.17 -59.21 -35.05
CA LEU A 318 -35.12 -59.46 -36.03
C LEU A 318 -34.11 -60.53 -35.58
N TYR A 319 -34.35 -61.77 -36.02
CA TYR A 319 -33.48 -62.92 -35.71
C TYR A 319 -32.25 -62.99 -36.61
N ARG A 320 -31.15 -63.49 -36.07
CA ARG A 320 -29.90 -63.57 -36.82
C ARG A 320 -29.25 -64.86 -36.45
N GLY A 321 -29.22 -65.80 -37.38
CA GLY A 321 -28.47 -67.02 -37.17
C GLY A 321 -29.11 -68.30 -37.67
N ASP A 322 -29.04 -69.32 -36.83
CA ASP A 322 -29.50 -70.64 -37.21
C ASP A 322 -30.96 -70.84 -36.74
N VAL A 323 -31.92 -70.50 -37.61
CA VAL A 323 -33.33 -70.50 -37.20
C VAL A 323 -34.31 -70.90 -38.29
N VAL A 324 -34.97 -72.05 -38.13
CA VAL A 324 -36.17 -72.34 -38.89
C VAL A 324 -37.26 -71.56 -38.19
N PRO A 325 -38.16 -70.91 -38.94
CA PRO A 325 -39.29 -70.15 -38.35
C PRO A 325 -40.27 -70.94 -37.48
N LYS A 326 -40.34 -72.25 -37.72
CA LYS A 326 -41.24 -73.09 -36.95
C LYS A 326 -40.90 -73.25 -35.44
N ASP A 327 -39.73 -72.77 -35.00
CA ASP A 327 -39.47 -72.57 -33.57
C ASP A 327 -39.83 -71.15 -33.20
N VAL A 328 -39.44 -70.20 -34.04
CA VAL A 328 -39.74 -68.78 -33.83
C VAL A 328 -41.22 -68.61 -33.53
N ASN A 329 -42.04 -69.33 -34.29
CA ASN A 329 -43.46 -69.36 -34.07
C ASN A 329 -43.76 -69.92 -32.71
N ALA A 330 -43.34 -71.17 -32.49
CA ALA A 330 -43.61 -71.90 -31.24
C ALA A 330 -43.18 -71.13 -30.00
N ALA A 331 -42.16 -70.27 -30.15
CA ALA A 331 -41.72 -69.37 -29.09
C ALA A 331 -42.74 -68.26 -28.84
N ILE A 332 -42.96 -67.42 -29.84
CA ILE A 332 -44.02 -66.41 -29.78
C ILE A 332 -45.29 -66.96 -29.14
N ALA A 333 -45.65 -68.20 -29.46
CA ALA A 333 -46.83 -68.82 -28.88
C ALA A 333 -46.83 -68.59 -27.38
N THR A 334 -45.77 -69.05 -26.73
CA THR A 334 -45.70 -69.08 -25.26
C THR A 334 -45.24 -67.76 -24.61
N ILE A 335 -44.73 -66.82 -25.42
CA ILE A 335 -44.51 -65.47 -24.95
C ILE A 335 -45.87 -64.82 -24.68
N LYS A 336 -46.88 -65.17 -25.47
CA LYS A 336 -48.23 -64.65 -25.25
C LYS A 336 -48.92 -65.38 -24.11
N THR A 337 -48.94 -66.73 -24.19
CA THR A 337 -49.57 -67.63 -23.19
C THR A 337 -49.14 -67.31 -21.77
N LYS A 338 -47.90 -66.83 -21.63
CA LYS A 338 -47.32 -66.64 -20.31
C LYS A 338 -46.98 -65.19 -19.98
N ARG A 339 -47.58 -64.22 -20.68
CA ARG A 339 -47.17 -62.81 -20.49
C ARG A 339 -48.17 -61.65 -20.66
N THR A 340 -47.61 -60.46 -20.46
CA THR A 340 -48.26 -59.18 -20.68
C THR A 340 -48.21 -58.88 -22.20
N ILE A 341 -49.29 -59.33 -22.86
CA ILE A 341 -49.51 -59.16 -24.30
C ILE A 341 -49.27 -57.67 -24.66
N GLN A 342 -50.29 -56.85 -24.34
CA GLN A 342 -50.19 -55.40 -24.17
C GLN A 342 -50.45 -54.53 -25.42
N PHE A 343 -51.12 -55.06 -26.43
CA PHE A 343 -51.18 -54.35 -27.73
C PHE A 343 -52.27 -53.30 -27.78
N VAL A 344 -51.97 -52.20 -28.47
CA VAL A 344 -52.86 -51.05 -28.36
C VAL A 344 -54.03 -51.05 -29.31
N ASP A 345 -55.20 -51.16 -28.69
CA ASP A 345 -56.53 -50.89 -29.27
C ASP A 345 -56.76 -51.08 -30.78
N TRP A 346 -56.02 -50.29 -31.57
CA TRP A 346 -56.29 -50.10 -33.00
C TRP A 346 -55.14 -50.47 -33.96
N CYS A 347 -54.57 -51.66 -33.79
CA CYS A 347 -53.53 -52.16 -34.69
C CYS A 347 -53.27 -53.62 -34.36
N PRO A 348 -53.24 -54.50 -35.36
CA PRO A 348 -53.06 -55.94 -35.17
C PRO A 348 -52.63 -56.46 -33.77
N THR A 349 -51.89 -57.56 -33.75
CA THR A 349 -51.02 -57.92 -32.63
C THR A 349 -49.75 -58.39 -33.34
N GLY A 350 -49.16 -57.43 -34.06
CA GLY A 350 -48.02 -57.61 -34.96
C GLY A 350 -47.02 -58.76 -34.81
N PHE A 351 -45.76 -58.40 -34.59
CA PHE A 351 -44.64 -59.31 -34.80
C PHE A 351 -44.40 -59.57 -36.30
N LYS A 352 -43.69 -58.65 -36.92
CA LYS A 352 -43.14 -58.85 -38.24
C LYS A 352 -41.78 -59.49 -37.93
N VAL A 353 -41.56 -60.70 -38.44
CA VAL A 353 -40.36 -61.47 -38.09
C VAL A 353 -39.45 -61.59 -39.27
N GLY A 354 -38.20 -61.21 -39.08
CA GLY A 354 -37.20 -61.36 -40.11
C GLY A 354 -36.10 -62.27 -39.64
N ILE A 355 -35.69 -63.20 -40.49
CA ILE A 355 -34.54 -64.01 -40.21
C ILE A 355 -33.47 -63.69 -41.22
N ASN A 356 -32.29 -63.34 -40.72
CA ASN A 356 -31.12 -63.30 -41.56
C ASN A 356 -30.13 -64.36 -41.13
N TYR A 357 -29.93 -65.33 -41.99
CA TYR A 357 -29.19 -66.53 -41.64
C TYR A 357 -27.78 -66.30 -41.13
N GLN A 358 -27.11 -65.28 -41.65
CA GLN A 358 -25.73 -64.95 -41.24
C GLN A 358 -25.53 -64.96 -39.71
N PRO A 359 -24.67 -65.86 -39.22
CA PRO A 359 -24.50 -66.02 -37.77
C PRO A 359 -23.76 -64.78 -37.27
N PRO A 360 -24.04 -64.37 -36.05
CA PRO A 360 -23.49 -63.13 -35.52
C PRO A 360 -22.01 -63.31 -35.22
N THR A 361 -21.16 -62.44 -35.79
CA THR A 361 -19.74 -62.46 -35.43
C THR A 361 -19.52 -61.43 -34.35
N VAL A 362 -18.45 -61.59 -33.57
CA VAL A 362 -18.17 -60.68 -32.46
C VAL A 362 -16.69 -60.37 -32.48
N VAL A 363 -16.32 -59.14 -32.09
CA VAL A 363 -14.92 -58.69 -32.09
C VAL A 363 -14.06 -59.61 -31.23
N PRO A 364 -12.98 -60.14 -31.81
CA PRO A 364 -12.30 -61.35 -31.30
C PRO A 364 -11.68 -61.27 -29.90
N GLY A 365 -11.04 -60.15 -29.54
CA GLY A 365 -10.54 -59.91 -28.20
C GLY A 365 -11.54 -59.10 -27.37
N GLY A 366 -12.82 -59.26 -27.72
CA GLY A 366 -13.92 -58.53 -27.13
C GLY A 366 -14.43 -59.16 -25.85
N ASP A 367 -15.64 -58.77 -25.43
CA ASP A 367 -16.14 -59.21 -24.13
C ASP A 367 -17.30 -60.20 -24.23
N LEU A 368 -17.91 -60.27 -25.40
CA LEU A 368 -19.04 -61.16 -25.67
C LEU A 368 -18.60 -62.33 -26.53
N ALA A 369 -19.20 -63.49 -26.28
CA ALA A 369 -18.76 -64.73 -26.91
C ALA A 369 -19.51 -64.98 -28.19
N LYS A 370 -18.92 -65.77 -29.09
CA LYS A 370 -19.51 -66.02 -30.40
C LYS A 370 -20.82 -66.78 -30.22
N VAL A 371 -21.92 -66.23 -30.70
CA VAL A 371 -23.21 -66.91 -30.50
C VAL A 371 -23.73 -67.61 -31.74
N GLN A 372 -24.50 -68.65 -31.51
CA GLN A 372 -25.12 -69.46 -32.55
C GLN A 372 -26.32 -68.78 -33.21
N ARG A 373 -27.09 -68.07 -32.38
CA ARG A 373 -28.28 -67.34 -32.82
C ARG A 373 -28.60 -66.21 -31.82
N ALA A 374 -28.86 -65.01 -32.35
CA ALA A 374 -29.27 -63.84 -31.56
C ALA A 374 -30.53 -63.19 -32.13
N VAL A 375 -31.26 -62.47 -31.30
CA VAL A 375 -32.51 -61.80 -31.69
C VAL A 375 -32.41 -60.29 -31.48
N CYS A 376 -33.36 -59.52 -32.02
CA CYS A 376 -33.30 -58.08 -31.78
C CYS A 376 -34.50 -57.27 -31.31
N MET A 377 -35.71 -57.64 -31.70
CA MET A 377 -36.93 -56.96 -31.19
C MET A 377 -36.92 -55.42 -31.13
N LEU A 378 -37.44 -54.80 -32.18
CA LEU A 378 -37.70 -53.38 -32.18
C LEU A 378 -39.17 -53.25 -31.93
N SER A 379 -39.53 -52.52 -30.88
CA SER A 379 -40.91 -52.31 -30.52
C SER A 379 -41.16 -50.81 -30.33
N ASN A 380 -42.16 -50.26 -31.00
CA ASN A 380 -42.57 -48.87 -30.75
C ASN A 380 -43.66 -48.77 -29.67
N THR A 381 -43.22 -48.75 -28.40
CA THR A 381 -44.14 -48.78 -27.27
C THR A 381 -44.21 -47.42 -26.66
N THR A 382 -45.41 -47.05 -26.22
CA THR A 382 -45.66 -45.77 -25.58
C THR A 382 -44.84 -45.67 -24.30
N ALA A 383 -44.30 -46.81 -23.87
CA ALA A 383 -43.54 -46.88 -22.62
C ALA A 383 -42.31 -46.00 -22.66
N ILE A 384 -41.70 -45.91 -23.83
CA ILE A 384 -40.47 -45.16 -23.98
C ILE A 384 -40.64 -43.72 -23.55
N ALA A 385 -41.88 -43.25 -23.39
CA ALA A 385 -42.10 -41.88 -22.95
C ALA A 385 -41.59 -41.61 -21.51
N GLU A 386 -41.31 -42.68 -20.76
CA GLU A 386 -40.71 -42.60 -19.41
C GLU A 386 -39.41 -41.82 -19.41
N ALA A 387 -38.56 -42.09 -20.41
CA ALA A 387 -37.29 -41.40 -20.60
C ALA A 387 -37.49 -39.99 -21.07
N TRP A 388 -38.57 -39.76 -21.83
CA TRP A 388 -38.91 -38.41 -22.25
C TRP A 388 -39.24 -37.52 -21.07
N ALA A 389 -39.85 -38.08 -20.03
CA ALA A 389 -40.15 -37.29 -18.84
C ALA A 389 -38.93 -37.16 -17.94
N ARG A 390 -38.29 -38.30 -17.63
CA ARG A 390 -37.06 -38.36 -16.83
C ARG A 390 -36.06 -37.27 -17.23
N LEU A 391 -36.06 -36.97 -18.53
CA LEU A 391 -35.28 -35.88 -19.13
C LEU A 391 -35.87 -34.51 -18.84
N ASP A 392 -37.15 -34.34 -19.13
CA ASP A 392 -37.79 -33.04 -18.99
C ASP A 392 -37.82 -32.52 -17.57
N HIS A 393 -37.96 -33.43 -16.61
CA HIS A 393 -37.95 -33.05 -15.21
C HIS A 393 -36.59 -32.52 -14.78
N LYS A 394 -35.51 -33.11 -15.30
CA LYS A 394 -34.19 -32.54 -15.15
C LYS A 394 -34.20 -31.13 -15.75
N PHE A 395 -34.51 -31.04 -17.05
CA PHE A 395 -34.65 -29.76 -17.73
C PHE A 395 -35.48 -28.78 -16.91
N ASP A 396 -36.75 -29.09 -16.75
CA ASP A 396 -37.69 -28.19 -16.12
C ASP A 396 -37.13 -27.54 -14.89
N LEU A 397 -36.28 -28.27 -14.18
CA LEU A 397 -35.94 -27.89 -12.82
C LEU A 397 -34.61 -27.15 -12.75
N MET A 398 -33.98 -27.01 -13.91
CA MET A 398 -32.89 -26.08 -14.06
C MET A 398 -33.46 -24.79 -14.63
N TYR A 399 -34.12 -24.89 -15.79
CA TYR A 399 -34.73 -23.72 -16.43
C TYR A 399 -35.63 -22.92 -15.51
N ALA A 400 -36.27 -23.62 -14.58
CA ALA A 400 -37.00 -22.99 -13.50
C ALA A 400 -36.22 -21.88 -12.81
N LYS A 401 -34.95 -21.72 -13.16
CA LYS A 401 -34.10 -20.72 -12.53
C LYS A 401 -33.09 -20.11 -13.49
N ARG A 402 -33.31 -20.37 -14.78
CA ARG A 402 -32.40 -19.94 -15.85
C ARG A 402 -30.99 -20.47 -15.69
N ALA A 403 -30.85 -21.35 -14.70
CA ALA A 403 -29.61 -22.04 -14.34
C ALA A 403 -28.39 -21.96 -15.24
N PHE A 404 -28.53 -22.22 -16.53
CA PHE A 404 -27.35 -22.11 -17.36
C PHE A 404 -27.63 -21.41 -18.65
N VAL A 405 -28.89 -21.04 -18.84
CA VAL A 405 -29.36 -20.30 -20.01
C VAL A 405 -28.41 -19.21 -20.52
N HIS A 406 -27.83 -18.47 -19.59
CA HIS A 406 -27.01 -17.34 -19.95
C HIS A 406 -25.83 -17.71 -20.84
N TRP A 407 -25.45 -18.96 -20.85
CA TRP A 407 -24.33 -19.40 -21.67
C TRP A 407 -24.74 -19.54 -23.12
N TYR A 408 -26.04 -19.73 -23.36
CA TYR A 408 -26.60 -19.95 -24.68
C TYR A 408 -26.92 -18.60 -25.31
N VAL A 409 -27.65 -17.78 -24.59
CA VAL A 409 -27.91 -16.41 -24.97
C VAL A 409 -26.58 -15.72 -25.25
N GLY A 410 -25.53 -16.33 -24.71
CA GLY A 410 -24.16 -15.90 -24.90
C GLY A 410 -23.75 -16.07 -26.34
N GLU A 411 -23.88 -17.29 -26.85
CA GLU A 411 -23.61 -17.53 -28.26
C GLU A 411 -24.81 -17.08 -29.11
N GLY A 412 -25.56 -16.12 -28.59
CA GLY A 412 -26.59 -15.42 -29.34
C GLY A 412 -27.89 -16.16 -29.61
N MET A 413 -28.33 -16.98 -28.66
CA MET A 413 -29.61 -17.66 -28.78
C MET A 413 -30.73 -16.92 -28.06
N GLU A 414 -31.96 -17.37 -28.27
CA GLU A 414 -33.15 -16.74 -27.70
C GLU A 414 -33.68 -17.46 -26.44
N GLU A 415 -33.84 -16.71 -25.36
CA GLU A 415 -34.52 -17.19 -24.14
C GLU A 415 -35.77 -17.97 -24.56
N GLY A 416 -36.44 -17.45 -25.57
CA GLY A 416 -37.69 -17.99 -26.06
C GLY A 416 -37.56 -19.33 -26.75
N GLU A 417 -36.36 -19.68 -27.19
CA GLU A 417 -36.19 -20.97 -27.84
C GLU A 417 -36.35 -22.12 -26.86
N PHE A 418 -35.81 -21.97 -25.66
CA PHE A 418 -36.00 -22.95 -24.58
C PHE A 418 -37.50 -23.14 -24.33
N SER A 419 -38.20 -22.03 -24.05
CA SER A 419 -39.66 -22.02 -23.88
C SER A 419 -40.28 -22.89 -24.97
N GLU A 420 -39.99 -22.52 -26.22
CA GLU A 420 -40.47 -23.15 -27.44
C GLU A 420 -40.10 -24.62 -27.61
N ALA A 421 -38.93 -25.02 -27.11
CA ALA A 421 -38.48 -26.40 -27.28
C ALA A 421 -39.02 -27.32 -26.21
N ARG A 422 -39.15 -26.79 -25.02
CA ARG A 422 -39.79 -27.50 -23.93
C ARG A 422 -41.23 -27.69 -24.32
N GLU A 423 -41.85 -26.61 -24.79
CA GLU A 423 -43.22 -26.59 -25.30
C GLU A 423 -43.56 -27.81 -26.14
N ASP A 424 -42.58 -28.24 -26.93
CA ASP A 424 -42.76 -29.34 -27.83
C ASP A 424 -42.70 -30.69 -27.13
N MET A 425 -41.91 -30.75 -26.06
CA MET A 425 -41.77 -31.98 -25.28
C MET A 425 -43.01 -32.20 -24.44
N ALA A 426 -43.57 -31.11 -23.90
CA ALA A 426 -44.89 -31.16 -23.29
C ALA A 426 -45.83 -31.76 -24.30
N ALA A 427 -45.79 -31.22 -25.53
CA ALA A 427 -46.59 -31.71 -26.62
C ALA A 427 -46.37 -33.20 -26.85
N LEU A 428 -45.12 -33.61 -27.02
CA LEU A 428 -44.83 -35.01 -27.29
C LEU A 428 -45.36 -35.89 -26.17
N GLU A 429 -44.91 -35.63 -24.95
CA GLU A 429 -45.28 -36.42 -23.78
C GLU A 429 -46.77 -36.61 -23.72
N LYS A 430 -47.50 -35.65 -24.30
CA LYS A 430 -48.95 -35.72 -24.41
C LYS A 430 -49.28 -36.70 -25.51
N ASP A 431 -48.85 -36.37 -26.73
CA ASP A 431 -49.08 -37.24 -27.88
C ASP A 431 -48.99 -38.68 -27.44
N TYR A 432 -47.86 -39.01 -26.79
CA TYR A 432 -47.47 -40.38 -26.43
C TYR A 432 -48.48 -41.09 -25.52
N GLU A 433 -48.75 -40.47 -24.38
CA GLU A 433 -49.75 -40.96 -23.45
C GLU A 433 -51.16 -40.97 -24.09
N GLU A 434 -51.36 -40.02 -24.99
CA GLU A 434 -52.62 -39.86 -25.71
C GLU A 434 -52.80 -40.90 -26.79
N VAL A 435 -52.06 -42.01 -26.68
CA VAL A 435 -52.26 -43.11 -27.61
C VAL A 435 -52.87 -44.32 -26.89
N GLY A 436 -52.85 -44.33 -25.56
CA GLY A 436 -53.45 -45.42 -24.79
C GLY A 436 -54.96 -45.52 -24.84
N VAL A 437 -55.48 -46.75 -24.88
CA VAL A 437 -56.92 -47.13 -24.72
C VAL A 437 -57.99 -46.56 -25.68
N ARG B 2 -7.14 -25.88 -25.15
CA ARG B 2 -6.23 -26.70 -25.98
C ARG B 2 -4.81 -26.13 -26.02
N GLU B 3 -4.44 -25.33 -24.99
CA GLU B 3 -3.16 -24.59 -24.92
C GLU B 3 -3.31 -23.15 -24.33
N ILE B 4 -2.66 -22.87 -23.19
CA ILE B 4 -2.95 -21.70 -22.35
C ILE B 4 -1.73 -20.94 -21.85
N VAL B 5 -1.81 -19.61 -21.82
CA VAL B 5 -0.73 -18.80 -21.25
C VAL B 5 -0.97 -18.49 -19.80
N HIS B 6 0.08 -18.01 -19.16
CA HIS B 6 0.06 -17.81 -17.74
C HIS B 6 0.65 -16.46 -17.42
N ILE B 7 -0.15 -15.61 -16.80
CA ILE B 7 0.37 -14.38 -16.19
C ILE B 7 0.51 -14.53 -14.67
N GLN B 8 1.58 -13.95 -14.15
CA GLN B 8 1.96 -14.21 -12.79
C GLN B 8 2.50 -12.90 -12.22
N ALA B 9 1.61 -12.04 -11.73
CA ALA B 9 1.98 -10.66 -11.38
C ALA B 9 1.96 -10.32 -9.89
N GLY B 10 2.96 -9.57 -9.44
CA GLY B 10 2.99 -9.06 -8.08
C GLY B 10 3.56 -10.03 -7.06
N GLN B 11 4.25 -9.50 -6.03
CA GLN B 11 4.99 -10.26 -5.02
C GLN B 11 4.38 -11.60 -4.64
N CYS B 12 3.10 -11.58 -4.27
CA CYS B 12 2.40 -12.82 -3.94
C CYS B 12 2.18 -13.65 -5.17
N GLY B 13 1.55 -13.05 -6.16
CA GLY B 13 1.38 -13.67 -7.46
C GLY B 13 2.59 -14.48 -7.90
N ASN B 14 3.78 -13.88 -7.76
CA ASN B 14 5.00 -14.54 -8.19
C ASN B 14 5.55 -15.58 -7.24
N GLN B 15 5.38 -15.36 -5.94
CA GLN B 15 5.87 -16.32 -4.96
C GLN B 15 5.05 -17.62 -5.06
N ILE B 16 3.78 -17.47 -5.42
CA ILE B 16 2.88 -18.60 -5.65
C ILE B 16 3.21 -19.29 -6.95
N GLY B 17 3.33 -18.50 -8.01
CA GLY B 17 3.55 -18.99 -9.35
C GLY B 17 4.83 -19.80 -9.42
N ALA B 18 5.90 -19.21 -8.91
CA ALA B 18 7.21 -19.88 -8.86
C ALA B 18 7.14 -21.26 -8.22
N LYS B 19 6.34 -21.38 -7.15
CA LYS B 19 6.13 -22.67 -6.50
C LYS B 19 5.24 -23.59 -7.36
N PHE B 20 4.10 -23.09 -7.82
CA PHE B 20 3.24 -23.84 -8.74
C PHE B 20 4.05 -24.46 -9.87
N TRP B 21 4.87 -23.63 -10.55
CA TRP B 21 5.65 -24.07 -11.69
C TRP B 21 6.62 -25.15 -11.31
N GLU B 22 7.33 -24.96 -10.22
CA GLU B 22 8.29 -25.98 -9.79
C GLU B 22 7.61 -27.29 -9.38
N VAL B 23 6.37 -27.19 -8.90
CA VAL B 23 5.59 -28.37 -8.52
C VAL B 23 5.18 -29.17 -9.74
N ILE B 24 4.57 -28.51 -10.72
CA ILE B 24 4.12 -29.19 -11.94
C ILE B 24 5.29 -29.65 -12.81
N SER B 25 6.33 -28.84 -12.86
CA SER B 25 7.51 -29.17 -13.62
C SER B 25 8.10 -30.47 -13.11
N ASP B 26 7.76 -30.79 -11.88
CA ASP B 26 8.20 -32.04 -11.28
C ASP B 26 7.26 -33.19 -11.61
N GLU B 27 5.98 -32.89 -11.82
CA GLU B 27 5.01 -33.91 -12.17
C GLU B 27 5.33 -34.46 -13.54
N HIS B 28 5.61 -33.55 -14.46
CA HIS B 28 5.95 -33.89 -15.84
C HIS B 28 7.40 -34.31 -15.92
N GLY B 29 8.19 -33.89 -14.96
CA GLY B 29 9.61 -34.18 -14.96
C GLY B 29 10.34 -33.26 -15.91
N ILE B 30 10.84 -32.14 -15.38
CA ILE B 30 11.67 -31.20 -16.14
C ILE B 30 12.82 -30.69 -15.26
N ASP B 31 14.03 -30.71 -15.82
CA ASP B 31 15.23 -30.17 -15.18
C ASP B 31 15.01 -28.71 -14.89
N PRO B 32 15.89 -28.09 -14.13
CA PRO B 32 15.85 -26.63 -14.03
C PRO B 32 15.77 -26.00 -15.43
N THR B 33 16.52 -26.55 -16.39
CA THR B 33 16.48 -26.04 -17.76
C THR B 33 15.95 -27.11 -18.66
N GLY B 34 16.74 -28.17 -18.80
CA GLY B 34 16.47 -29.21 -19.76
C GLY B 34 15.03 -29.70 -19.85
N SER B 35 14.92 -30.95 -20.25
CA SER B 35 13.63 -31.52 -20.59
C SER B 35 13.31 -32.73 -19.73
N TYR B 36 12.69 -33.73 -20.37
CA TYR B 36 12.16 -34.88 -19.69
C TYR B 36 13.25 -35.78 -19.12
N HIS B 37 13.06 -36.20 -17.87
CA HIS B 37 13.85 -37.27 -17.25
C HIS B 37 12.95 -37.91 -16.21
N GLY B 38 12.45 -39.12 -16.52
CA GLY B 38 11.47 -39.82 -15.69
C GLY B 38 10.89 -41.05 -16.37
N ASP B 39 10.77 -42.14 -15.62
CA ASP B 39 10.35 -43.44 -16.18
C ASP B 39 8.89 -43.50 -16.64
N SER B 40 8.09 -42.50 -16.26
CA SER B 40 6.71 -42.37 -16.73
C SER B 40 6.69 -41.99 -18.24
N ASP B 41 5.51 -42.04 -18.88
CA ASP B 41 5.41 -41.68 -20.29
C ASP B 41 4.36 -40.61 -20.54
N LEU B 42 3.22 -40.74 -19.88
CA LEU B 42 2.06 -39.87 -20.08
C LEU B 42 2.45 -38.40 -20.14
N GLN B 43 2.96 -37.90 -19.01
CA GLN B 43 3.58 -36.56 -18.85
C GLN B 43 3.49 -35.58 -20.02
N LEU B 44 4.17 -35.91 -21.11
CA LEU B 44 4.27 -35.00 -22.25
C LEU B 44 3.09 -35.03 -23.25
N GLU B 45 2.05 -35.82 -22.97
CA GLU B 45 0.79 -35.79 -23.73
C GLU B 45 0.25 -34.37 -23.76
N ARG B 46 0.14 -33.79 -22.57
CA ARG B 46 -0.44 -32.46 -22.40
C ARG B 46 0.56 -31.42 -21.95
N ILE B 47 1.84 -31.73 -22.05
CA ILE B 47 2.88 -30.77 -21.71
C ILE B 47 2.75 -29.57 -22.62
N ASN B 48 2.16 -29.82 -23.78
CA ASN B 48 1.77 -28.80 -24.70
C ASN B 48 1.09 -27.64 -23.99
N VAL B 49 0.13 -27.95 -23.13
CA VAL B 49 -0.79 -26.97 -22.55
C VAL B 49 -0.12 -25.91 -21.71
N TYR B 50 0.96 -26.26 -21.06
CA TYR B 50 1.61 -25.32 -20.16
C TYR B 50 3.05 -24.98 -20.54
N TYR B 51 3.52 -25.53 -21.65
CA TYR B 51 4.92 -25.38 -22.01
C TYR B 51 5.12 -25.20 -23.50
N ASN B 52 5.26 -23.96 -23.93
CA ASN B 52 5.72 -23.66 -25.28
C ASN B 52 7.18 -24.08 -25.34
N GLU B 53 7.50 -25.08 -26.15
CA GLU B 53 8.87 -25.62 -26.18
C GLU B 53 9.79 -25.11 -27.31
N ALA B 54 11.05 -24.89 -26.95
CA ALA B 54 12.04 -24.18 -27.77
C ALA B 54 13.30 -25.03 -28.07
N THR B 55 14.28 -24.40 -28.72
CA THR B 55 15.45 -25.06 -29.34
C THR B 55 16.25 -26.04 -28.46
N GLY B 56 16.97 -26.96 -29.11
CA GLY B 56 17.58 -28.11 -28.44
C GLY B 56 16.51 -29.12 -28.03
N ASN B 57 16.55 -29.59 -26.79
CA ASN B 57 15.42 -30.32 -26.23
C ASN B 57 14.52 -29.26 -25.62
N LYS B 58 14.76 -28.99 -24.33
CA LYS B 58 14.24 -27.82 -23.61
C LYS B 58 12.71 -27.64 -23.62
N TYR B 59 12.17 -27.07 -22.55
CA TYR B 59 10.72 -27.05 -22.42
C TYR B 59 10.07 -25.77 -21.89
N VAL B 60 10.78 -24.64 -21.89
CA VAL B 60 10.28 -23.32 -21.39
C VAL B 60 8.75 -23.15 -21.19
N PRO B 61 8.33 -22.78 -19.97
CA PRO B 61 6.90 -22.64 -19.66
C PRO B 61 6.31 -21.37 -20.24
N ARG B 62 5.01 -21.42 -20.53
CA ARG B 62 4.31 -20.29 -21.10
C ARG B 62 3.96 -19.37 -19.96
N ALA B 63 4.94 -18.60 -19.53
CA ALA B 63 4.74 -17.76 -18.37
C ALA B 63 5.24 -16.32 -18.58
N ILE B 64 4.37 -15.36 -18.27
CA ILE B 64 4.79 -13.98 -18.14
C ILE B 64 4.87 -13.67 -16.66
N LEU B 65 5.97 -13.04 -16.25
CA LEU B 65 6.08 -12.60 -14.87
C LEU B 65 6.06 -11.10 -14.87
N VAL B 66 5.18 -10.53 -14.07
CA VAL B 66 5.07 -9.09 -14.03
C VAL B 66 5.27 -8.64 -12.61
N ASP B 67 5.99 -7.54 -12.45
CA ASP B 67 6.12 -6.88 -11.13
C ASP B 67 6.52 -5.42 -11.31
N LEU B 68 6.24 -4.60 -10.30
CA LEU B 68 6.54 -3.17 -10.36
C LEU B 68 7.86 -2.78 -9.64
N GLU B 69 8.69 -3.78 -9.31
CA GLU B 69 10.07 -3.60 -8.79
C GLU B 69 10.89 -4.90 -8.88
N PRO B 70 12.19 -4.80 -9.23
CA PRO B 70 13.05 -5.99 -9.34
C PRO B 70 12.81 -6.99 -8.22
N GLY B 71 13.03 -6.58 -6.98
CA GLY B 71 12.76 -7.40 -5.81
C GLY B 71 12.51 -8.90 -6.02
N THR B 72 11.24 -9.28 -6.15
CA THR B 72 10.84 -10.69 -6.05
C THR B 72 10.91 -11.46 -7.36
N MET B 73 11.61 -10.92 -8.33
CA MET B 73 11.82 -11.60 -9.59
C MET B 73 13.19 -12.27 -9.55
N ASP B 74 14.18 -11.51 -9.11
CA ASP B 74 15.53 -12.00 -8.86
C ASP B 74 15.50 -13.02 -7.73
N SER B 75 14.39 -13.06 -7.00
CA SER B 75 14.14 -14.07 -5.98
C SER B 75 14.03 -15.43 -6.65
N VAL B 76 13.12 -15.49 -7.62
CA VAL B 76 12.87 -16.72 -8.36
C VAL B 76 14.05 -17.10 -9.23
N ARG B 77 14.68 -16.13 -9.88
CA ARG B 77 15.79 -16.40 -10.79
C ARG B 77 17.02 -16.91 -10.05
N SER B 78 17.19 -16.47 -8.81
CA SER B 78 18.35 -16.87 -7.98
C SER B 78 18.03 -18.05 -7.07
N GLY B 79 16.91 -18.71 -7.33
CA GLY B 79 16.43 -19.76 -6.44
C GLY B 79 16.03 -21.06 -7.12
N PRO B 80 14.80 -21.51 -6.85
CA PRO B 80 14.41 -22.91 -7.07
C PRO B 80 14.56 -23.36 -8.52
N PHE B 81 13.67 -22.85 -9.38
CA PHE B 81 13.63 -23.19 -10.79
C PHE B 81 13.74 -21.95 -11.68
N GLY B 82 14.77 -21.16 -11.44
CA GLY B 82 14.88 -19.87 -12.08
C GLY B 82 15.45 -19.95 -13.47
N GLN B 83 16.19 -21.01 -13.71
CA GLN B 83 16.85 -21.18 -15.00
C GLN B 83 15.84 -21.56 -16.08
N ILE B 84 14.56 -21.64 -15.72
CA ILE B 84 13.55 -22.17 -16.63
C ILE B 84 12.76 -21.15 -17.47
N PHE B 85 12.33 -20.05 -16.86
CA PHE B 85 11.48 -19.08 -17.53
C PHE B 85 12.25 -18.31 -18.56
N ARG B 86 11.65 -18.02 -19.70
CA ARG B 86 12.38 -17.36 -20.76
C ARG B 86 12.96 -16.05 -20.22
N PRO B 87 14.27 -15.82 -20.46
CA PRO B 87 14.97 -14.64 -19.94
C PRO B 87 14.22 -13.31 -20.08
N ASP B 88 13.46 -13.11 -21.16
CA ASP B 88 12.70 -11.87 -21.37
C ASP B 88 11.17 -12.04 -21.32
N ASN B 89 10.71 -12.95 -20.46
CA ASN B 89 9.30 -13.00 -20.12
C ASN B 89 9.10 -12.37 -18.75
N PHE B 90 10.15 -11.71 -18.28
CA PHE B 90 10.15 -10.94 -17.05
C PHE B 90 9.89 -9.48 -17.39
N VAL B 91 8.83 -8.89 -16.86
CA VAL B 91 8.66 -7.44 -16.98
C VAL B 91 8.88 -6.72 -15.65
N PHE B 92 9.97 -5.97 -15.57
CA PHE B 92 10.41 -5.27 -14.35
C PHE B 92 9.54 -4.10 -13.95
N GLY B 93 9.97 -3.35 -12.95
CA GLY B 93 9.16 -2.25 -12.47
C GLY B 93 9.90 -0.99 -12.16
N GLN B 94 11.07 -1.15 -11.52
CA GLN B 94 11.95 -0.05 -11.06
C GLN B 94 11.30 0.79 -9.96
N SER B 95 10.20 1.44 -10.30
CA SER B 95 9.37 2.22 -9.39
C SER B 95 8.81 1.38 -8.24
N GLY B 96 7.91 1.97 -7.47
CA GLY B 96 7.22 1.28 -6.39
C GLY B 96 5.95 0.64 -6.89
N ALA B 97 5.45 -0.29 -6.07
CA ALA B 97 4.09 -0.83 -6.15
C ALA B 97 3.24 0.10 -5.31
N GLY B 98 3.83 0.52 -4.18
CA GLY B 98 3.18 1.36 -3.19
C GLY B 98 2.34 0.60 -2.18
N ASN B 99 1.99 -0.65 -2.53
CA ASN B 99 0.97 -1.45 -1.82
C ASN B 99 -0.32 -0.67 -1.79
N ASN B 100 -0.72 -0.28 -3.00
CA ASN B 100 -1.74 0.72 -3.26
C ASN B 100 -2.36 0.46 -4.62
N TRP B 101 -3.66 0.21 -4.61
CA TRP B 101 -4.33 -0.25 -5.82
C TRP B 101 -4.30 0.79 -6.91
N ALA B 102 -4.51 2.04 -6.53
CA ALA B 102 -4.51 3.10 -7.50
C ALA B 102 -3.21 3.05 -8.26
N LYS B 103 -2.11 3.12 -7.53
CA LYS B 103 -0.77 3.01 -8.13
C LYS B 103 -0.73 1.86 -9.16
N GLY B 104 -1.08 0.66 -8.73
CA GLY B 104 -1.06 -0.50 -9.60
C GLY B 104 -1.98 -0.49 -10.82
N HIS B 105 -3.19 0.06 -10.67
CA HIS B 105 -4.22 0.02 -11.70
C HIS B 105 -4.17 1.25 -12.64
N TYR B 106 -3.63 2.34 -12.14
CA TYR B 106 -3.65 3.58 -12.89
C TYR B 106 -2.24 4.10 -13.18
N THR B 107 -1.63 4.79 -12.21
CA THR B 107 -0.37 5.52 -12.43
C THR B 107 0.82 4.60 -12.67
N GLU B 108 1.50 4.19 -11.59
CA GLU B 108 2.71 3.37 -11.72
C GLU B 108 2.53 2.06 -12.51
N GLY B 109 1.30 1.60 -12.68
CA GLY B 109 1.04 0.37 -13.39
C GLY B 109 0.82 0.52 -14.89
N ALA B 110 -0.15 1.35 -15.26
CA ALA B 110 -0.45 1.62 -16.68
C ALA B 110 0.72 2.34 -17.35
N GLU B 111 1.62 2.83 -16.52
CA GLU B 111 2.98 3.17 -16.91
C GLU B 111 3.61 2.00 -17.66
N LEU B 112 3.57 0.81 -17.05
CA LEU B 112 4.15 -0.40 -17.65
C LEU B 112 3.17 -1.10 -18.59
N VAL B 113 2.13 -1.73 -18.02
CA VAL B 113 1.07 -2.35 -18.80
C VAL B 113 1.42 -2.84 -20.21
N ASP B 114 1.74 -1.92 -21.13
CA ASP B 114 2.01 -2.27 -22.53
C ASP B 114 3.05 -3.37 -22.68
N SER B 115 4.25 -3.13 -22.18
CA SER B 115 5.37 -4.08 -22.26
C SER B 115 5.03 -5.47 -21.73
N VAL B 116 3.93 -5.56 -21.00
CA VAL B 116 3.37 -6.83 -20.55
C VAL B 116 2.51 -7.39 -21.67
N LEU B 117 1.52 -6.61 -22.10
CA LEU B 117 0.66 -6.97 -23.22
C LEU B 117 1.47 -7.33 -24.46
N ASP B 118 2.48 -6.52 -24.75
CA ASP B 118 3.44 -6.80 -25.83
C ASP B 118 3.96 -8.22 -25.75
N VAL B 119 4.19 -8.71 -24.54
CA VAL B 119 4.76 -10.03 -24.34
C VAL B 119 3.66 -11.07 -24.39
N VAL B 120 2.54 -10.78 -23.73
CA VAL B 120 1.43 -11.71 -23.78
C VAL B 120 1.00 -11.91 -25.23
N ARG B 121 1.02 -10.83 -26.00
CA ARG B 121 0.61 -10.89 -27.38
C ARG B 121 1.59 -11.76 -28.17
N LYS B 122 2.81 -11.89 -27.67
CA LYS B 122 3.84 -12.67 -28.37
C LYS B 122 3.77 -14.16 -28.06
N GLU B 123 3.30 -14.49 -26.86
CA GLU B 123 3.09 -15.89 -26.50
C GLU B 123 1.77 -16.41 -27.06
N SER B 124 0.74 -15.57 -26.95
CA SER B 124 -0.60 -15.89 -27.46
C SER B 124 -0.66 -16.01 -29.00
N GLU B 125 -0.08 -15.03 -29.69
CA GLU B 125 -0.01 -15.01 -31.15
C GLU B 125 0.78 -16.19 -31.75
N SER B 126 1.61 -16.82 -30.91
CA SER B 126 2.36 -18.02 -31.28
C SER B 126 1.85 -19.23 -30.51
N CYS B 127 0.55 -19.23 -30.24
CA CYS B 127 -0.17 -20.42 -29.80
C CYS B 127 -0.79 -21.12 -31.01
N ASP B 128 -1.07 -22.42 -30.88
CA ASP B 128 -1.75 -23.15 -31.92
C ASP B 128 -3.26 -22.93 -31.79
N CYS B 129 -3.80 -23.17 -30.61
CA CYS B 129 -5.19 -22.88 -30.32
C CYS B 129 -5.23 -22.41 -28.88
N LEU B 130 -5.24 -21.09 -28.68
CA LEU B 130 -5.15 -20.52 -27.34
C LEU B 130 -6.41 -20.70 -26.52
N GLN B 131 -6.29 -21.47 -25.45
CA GLN B 131 -7.40 -21.71 -24.56
C GLN B 131 -7.85 -20.42 -23.92
N GLY B 132 -6.88 -19.67 -23.40
CA GLY B 132 -7.14 -18.50 -22.58
C GLY B 132 -5.98 -18.22 -21.64
N PHE B 133 -6.23 -17.36 -20.66
CA PHE B 133 -5.19 -16.92 -19.75
C PHE B 133 -5.61 -17.23 -18.35
N GLN B 134 -4.66 -17.65 -17.53
CA GLN B 134 -4.85 -17.64 -16.09
C GLN B 134 -3.80 -16.77 -15.42
N LEU B 135 -4.20 -16.09 -14.35
CA LEU B 135 -3.34 -15.15 -13.66
C LEU B 135 -3.31 -15.46 -12.18
N THR B 136 -2.14 -15.42 -11.56
CA THR B 136 -2.07 -15.49 -10.10
C THR B 136 -1.74 -14.13 -9.53
N HIS B 137 -2.19 -13.84 -8.32
CA HIS B 137 -1.93 -12.57 -7.66
C HIS B 137 -2.63 -12.35 -6.32
N SER B 138 -1.98 -11.58 -5.44
CA SER B 138 -2.61 -10.99 -4.23
C SER B 138 -3.82 -10.04 -4.51
N LEU B 139 -4.79 -9.98 -3.62
CA LEU B 139 -5.92 -9.11 -3.85
C LEU B 139 -5.85 -7.80 -3.09
N GLY B 140 -5.27 -7.85 -1.89
CA GLY B 140 -4.83 -6.67 -1.16
C GLY B 140 -3.36 -6.49 -1.52
N GLY B 141 -2.84 -5.28 -1.35
CA GLY B 141 -1.55 -4.98 -1.95
C GLY B 141 -1.63 -4.73 -3.46
N GLY B 142 -1.01 -3.63 -3.88
CA GLY B 142 -1.25 -2.97 -5.16
C GLY B 142 -0.80 -3.56 -6.49
N THR B 143 0.48 -3.90 -6.66
CA THR B 143 0.90 -4.39 -7.97
C THR B 143 0.15 -5.66 -8.39
N GLY B 144 -0.03 -6.59 -7.44
CA GLY B 144 -0.75 -7.82 -7.67
C GLY B 144 -2.19 -7.63 -8.12
N SER B 145 -2.99 -7.07 -7.22
CA SER B 145 -4.39 -6.84 -7.51
C SER B 145 -4.56 -5.73 -8.53
N GLY B 146 -4.05 -4.54 -8.23
CA GLY B 146 -4.21 -3.36 -9.05
C GLY B 146 -3.84 -3.51 -10.52
N MET B 147 -2.58 -3.82 -10.79
CA MET B 147 -2.14 -3.96 -12.18
C MET B 147 -2.75 -5.21 -12.79
N GLY B 148 -2.85 -6.24 -11.97
CA GLY B 148 -3.54 -7.44 -12.35
C GLY B 148 -4.90 -7.18 -12.96
N THR B 149 -5.76 -6.52 -12.20
CA THR B 149 -7.14 -6.29 -12.64
C THR B 149 -7.13 -5.43 -13.88
N LEU B 150 -6.11 -4.59 -13.97
CA LEU B 150 -5.87 -3.75 -15.13
C LEU B 150 -5.54 -4.62 -16.29
N LEU B 151 -4.57 -5.50 -16.08
CA LEU B 151 -4.18 -6.47 -17.08
C LEU B 151 -5.36 -7.25 -17.62
N ILE B 152 -6.15 -7.87 -16.74
CA ILE B 152 -7.28 -8.67 -17.24
C ILE B 152 -8.23 -7.80 -18.06
N SER B 153 -8.47 -6.58 -17.59
CA SER B 153 -9.32 -5.66 -18.34
C SER B 153 -8.72 -5.37 -19.71
N LYS B 154 -7.39 -5.37 -19.79
CA LYS B 154 -6.73 -5.10 -21.06
C LYS B 154 -6.61 -6.36 -21.87
N ILE B 155 -6.84 -7.51 -21.22
CA ILE B 155 -6.75 -8.80 -21.89
C ILE B 155 -8.08 -9.17 -22.55
N ARG B 156 -9.19 -9.06 -21.82
CA ARG B 156 -10.50 -8.94 -22.46
C ARG B 156 -10.26 -7.74 -23.30
N GLU B 157 -11.05 -7.54 -24.34
CA GLU B 157 -10.84 -6.41 -25.26
C GLU B 157 -9.85 -6.81 -26.36
N GLU B 158 -8.70 -7.35 -25.99
CA GLU B 158 -7.77 -7.92 -26.96
C GLU B 158 -8.22 -9.31 -27.33
N TYR B 159 -8.78 -10.01 -26.36
CA TYR B 159 -9.23 -11.36 -26.53
C TYR B 159 -10.49 -11.59 -25.69
N PRO B 160 -11.63 -11.05 -26.12
CA PRO B 160 -12.92 -11.33 -25.46
C PRO B 160 -13.33 -12.83 -25.55
N ASP B 161 -13.54 -13.28 -26.79
CA ASP B 161 -13.09 -14.59 -27.30
C ASP B 161 -12.76 -15.68 -26.31
N ARG B 162 -11.59 -15.55 -25.71
CA ARG B 162 -10.98 -16.59 -24.88
C ARG B 162 -11.23 -16.32 -23.40
N ILE B 163 -11.08 -17.34 -22.56
CA ILE B 163 -11.60 -17.23 -21.19
C ILE B 163 -10.58 -16.86 -20.14
N MET B 164 -11.10 -16.30 -19.05
CA MET B 164 -10.34 -15.61 -18.02
C MET B 164 -10.31 -16.34 -16.67
N ASN B 165 -9.11 -16.67 -16.22
CA ASN B 165 -8.96 -17.51 -15.07
C ASN B 165 -8.02 -16.86 -14.06
N THR B 166 -8.40 -16.82 -12.78
CA THR B 166 -7.49 -16.30 -11.76
C THR B 166 -7.43 -17.03 -10.43
N PHE B 167 -6.21 -17.12 -9.94
CA PHE B 167 -6.00 -17.53 -8.60
C PHE B 167 -5.75 -16.22 -7.94
N SER B 168 -6.72 -15.83 -7.13
CA SER B 168 -6.70 -14.56 -6.39
C SER B 168 -6.74 -14.76 -4.85
N VAL B 169 -5.62 -14.49 -4.19
CA VAL B 169 -5.52 -14.67 -2.73
C VAL B 169 -6.14 -13.56 -1.88
N MET B 170 -7.20 -13.87 -1.15
CA MET B 170 -7.94 -12.81 -0.49
C MET B 170 -7.65 -12.51 0.94
N PRO B 171 -7.09 -11.34 1.13
CA PRO B 171 -6.27 -11.04 2.30
C PRO B 171 -7.08 -10.90 3.54
N SER B 172 -6.37 -11.01 4.64
CA SER B 172 -6.98 -11.13 5.95
C SER B 172 -6.24 -10.34 7.05
N PRO B 173 -6.96 -10.01 8.13
CA PRO B 173 -6.37 -9.41 9.33
C PRO B 173 -5.12 -10.15 9.82
N LYS B 174 -5.25 -11.40 10.25
CA LYS B 174 -4.08 -12.21 10.66
C LYS B 174 -3.26 -12.64 9.42
N VAL B 175 -1.93 -12.50 9.54
CA VAL B 175 -0.94 -12.58 8.42
C VAL B 175 -1.16 -11.59 7.23
N SER B 176 -0.94 -10.32 7.58
CA SER B 176 -1.09 -9.18 6.69
C SER B 176 -0.14 -8.05 7.14
N ASP B 177 0.24 -7.23 6.16
CA ASP B 177 1.29 -6.23 6.29
C ASP B 177 0.72 -4.80 6.35
N THR B 178 -0.52 -4.65 5.88
CA THR B 178 -1.11 -3.34 5.57
C THR B 178 -2.49 -3.07 6.14
N VAL B 179 -2.67 -1.85 6.61
CA VAL B 179 -3.96 -1.35 7.07
C VAL B 179 -4.94 -1.22 5.92
N VAL B 180 -4.46 -1.16 4.69
CA VAL B 180 -5.36 -0.82 3.59
C VAL B 180 -5.94 -2.03 2.86
N GLU B 181 -5.54 -3.24 3.24
CA GLU B 181 -5.95 -4.43 2.48
C GLU B 181 -7.44 -4.43 2.05
N PRO B 182 -8.39 -4.22 2.97
CA PRO B 182 -9.79 -4.01 2.59
C PRO B 182 -9.95 -3.25 1.26
N TYR B 183 -9.51 -1.99 1.19
CA TYR B 183 -9.63 -1.16 -0.01
C TYR B 183 -9.13 -1.87 -1.25
N ASN B 184 -7.87 -2.32 -1.21
CA ASN B 184 -7.23 -3.01 -2.34
C ASN B 184 -8.00 -4.25 -2.80
N ALA B 185 -8.50 -5.03 -1.84
CA ALA B 185 -9.28 -6.21 -2.13
C ALA B 185 -10.59 -5.84 -2.77
N THR B 186 -11.37 -4.97 -2.09
CA THR B 186 -12.71 -4.60 -2.53
C THR B 186 -12.71 -4.01 -3.92
N LEU B 187 -11.69 -3.22 -4.20
CA LEU B 187 -11.54 -2.56 -5.49
C LEU B 187 -11.36 -3.54 -6.65
N SER B 188 -10.68 -4.65 -6.36
CA SER B 188 -10.36 -5.65 -7.34
C SER B 188 -11.49 -6.65 -7.41
N VAL B 189 -12.17 -6.89 -6.29
CA VAL B 189 -13.29 -7.86 -6.22
C VAL B 189 -14.38 -7.43 -7.21
N HIS B 190 -14.59 -6.12 -7.24
CA HIS B 190 -15.53 -5.49 -8.16
C HIS B 190 -15.03 -5.81 -9.57
N GLN B 191 -13.82 -5.35 -9.87
CA GLN B 191 -13.12 -5.68 -11.12
C GLN B 191 -13.32 -7.14 -11.58
N LEU B 192 -12.97 -8.09 -10.72
CA LEU B 192 -12.99 -9.52 -11.03
C LEU B 192 -14.38 -10.00 -11.45
N VAL B 193 -15.39 -9.55 -10.72
CA VAL B 193 -16.73 -10.02 -11.00
C VAL B 193 -17.19 -9.67 -12.43
N GLU B 194 -16.48 -8.75 -13.09
CA GLU B 194 -16.85 -8.26 -14.42
C GLU B 194 -16.02 -8.87 -15.52
N ASN B 195 -14.78 -9.19 -15.17
CA ASN B 195 -13.75 -9.44 -16.17
C ASN B 195 -13.22 -10.88 -16.23
N THR B 196 -13.50 -11.72 -15.24
CA THR B 196 -13.00 -13.07 -15.30
C THR B 196 -14.16 -13.94 -15.52
N ASP B 197 -13.90 -15.23 -15.74
CA ASP B 197 -14.94 -16.24 -15.99
C ASP B 197 -14.96 -17.26 -14.89
N GLU B 198 -13.78 -17.51 -14.31
CA GLU B 198 -13.62 -18.18 -13.02
C GLU B 198 -12.49 -17.59 -12.20
N THR B 199 -12.77 -17.42 -10.91
CA THR B 199 -11.76 -17.10 -9.92
C THR B 199 -11.76 -18.15 -8.80
N TYR B 200 -10.56 -18.69 -8.57
CA TYR B 200 -10.33 -19.54 -7.39
C TYR B 200 -10.13 -18.64 -6.18
N SER B 201 -11.02 -18.73 -5.20
CA SER B 201 -10.92 -17.86 -4.04
C SER B 201 -9.99 -18.51 -3.05
N ILE B 202 -8.73 -18.12 -3.07
CA ILE B 202 -7.80 -18.60 -2.05
C ILE B 202 -7.77 -17.61 -0.92
N ASP B 203 -8.34 -17.98 0.21
CA ASP B 203 -8.37 -17.12 1.38
C ASP B 203 -7.09 -17.27 2.17
N ASN B 204 -6.35 -16.17 2.32
CA ASN B 204 -5.13 -16.20 3.10
C ASN B 204 -5.45 -16.50 4.56
N GLU B 205 -6.61 -16.04 5.01
CA GLU B 205 -7.14 -16.37 6.34
C GLU B 205 -7.22 -17.88 6.46
N ALA B 206 -8.00 -18.50 5.56
CA ALA B 206 -8.15 -19.95 5.53
C ALA B 206 -6.79 -20.61 5.66
N LEU B 207 -5.94 -20.35 4.68
CA LEU B 207 -4.61 -20.93 4.61
C LEU B 207 -3.97 -21.02 6.01
N TYR B 208 -3.81 -19.88 6.66
CA TYR B 208 -3.22 -19.80 8.01
C TYR B 208 -3.91 -20.76 9.01
N ASP B 209 -5.23 -20.86 8.89
CA ASP B 209 -6.05 -21.65 9.82
C ASP B 209 -5.68 -23.12 9.71
N ILE B 210 -5.43 -23.54 8.47
CA ILE B 210 -5.04 -24.91 8.18
C ILE B 210 -3.65 -25.18 8.74
N CYS B 211 -2.96 -24.13 9.21
CA CYS B 211 -1.62 -24.28 9.78
C CYS B 211 -1.54 -24.30 11.30
N PHE B 212 -2.44 -23.58 11.96
CA PHE B 212 -2.47 -23.60 13.42
C PHE B 212 -3.46 -24.60 13.98
N ARG B 213 -4.72 -24.49 13.51
CA ARG B 213 -5.83 -25.32 14.02
C ARG B 213 -5.62 -26.83 13.73
N THR B 214 -5.04 -27.11 12.55
CA THR B 214 -4.72 -28.46 12.09
C THR B 214 -3.34 -28.50 11.40
N LEU B 215 -2.26 -28.48 12.20
CA LEU B 215 -0.90 -28.57 11.65
C LEU B 215 0.18 -28.59 12.73
N LYS B 216 -0.15 -28.11 13.93
CA LYS B 216 0.85 -27.89 14.97
C LYS B 216 2.04 -27.03 14.49
N LEU B 217 1.79 -26.19 13.47
CA LEU B 217 2.79 -25.27 12.90
C LEU B 217 2.68 -23.87 13.52
N THR B 218 3.59 -23.59 14.46
CA THR B 218 3.55 -22.39 15.30
C THR B 218 3.58 -21.07 14.52
N THR B 219 4.71 -20.77 13.90
CA THR B 219 4.92 -19.45 13.34
C THR B 219 5.08 -19.50 11.82
N PRO B 220 3.96 -19.50 11.09
CA PRO B 220 3.94 -19.85 9.64
C PRO B 220 4.49 -18.80 8.67
N THR B 221 5.46 -19.19 7.84
CA THR B 221 6.09 -18.30 6.83
C THR B 221 5.08 -18.01 5.78
N TYR B 222 5.40 -17.03 4.94
CA TYR B 222 4.75 -16.96 3.64
C TYR B 222 5.05 -18.26 2.88
N GLY B 223 5.98 -19.04 3.42
CA GLY B 223 6.43 -20.29 2.84
C GLY B 223 5.49 -21.45 3.05
N ASP B 224 5.60 -22.11 4.21
CA ASP B 224 4.72 -23.24 4.53
C ASP B 224 3.27 -22.75 4.67
N LEU B 225 2.72 -22.38 3.53
CA LEU B 225 1.47 -21.63 3.40
C LEU B 225 1.30 -21.50 1.90
N ASN B 226 2.34 -20.99 1.25
CA ASN B 226 2.46 -21.09 -0.20
C ASN B 226 2.48 -22.55 -0.60
N HIS B 227 3.13 -23.36 0.22
CA HIS B 227 3.19 -24.77 -0.06
C HIS B 227 1.79 -25.36 -0.21
N LEU B 228 0.84 -24.83 0.54
CA LEU B 228 -0.55 -25.27 0.43
C LEU B 228 -1.18 -24.93 -0.91
N VAL B 229 -0.98 -23.68 -1.33
CA VAL B 229 -1.55 -23.14 -2.57
C VAL B 229 -0.98 -23.85 -3.80
N SER B 230 0.34 -23.96 -3.82
CA SER B 230 1.05 -24.74 -4.82
C SER B 230 0.51 -26.17 -4.95
N ALA B 231 0.26 -26.82 -3.82
CA ALA B 231 -0.37 -28.14 -3.82
C ALA B 231 -1.80 -28.04 -4.38
N THR B 232 -2.57 -27.07 -3.88
CA THR B 232 -3.94 -26.87 -4.33
C THR B 232 -4.02 -26.58 -5.80
N MET B 233 -3.12 -25.72 -6.28
CA MET B 233 -3.11 -25.37 -7.69
C MET B 233 -2.86 -26.57 -8.58
N SER B 234 -1.86 -27.36 -8.23
CA SER B 234 -1.53 -28.57 -8.98
C SER B 234 -2.78 -29.42 -9.21
N GLY B 235 -3.40 -29.83 -8.10
CA GLY B 235 -4.55 -30.70 -8.12
C GLY B 235 -5.75 -30.08 -8.82
N VAL B 236 -5.83 -28.76 -8.82
CA VAL B 236 -6.97 -28.09 -9.43
C VAL B 236 -6.82 -28.14 -10.94
N THR B 237 -5.57 -28.10 -11.39
CA THR B 237 -5.25 -28.01 -12.83
C THR B 237 -5.11 -29.36 -13.50
N THR B 238 -4.92 -30.39 -12.70
CA THR B 238 -4.72 -31.75 -13.22
C THR B 238 -5.55 -31.96 -14.48
N CYS B 239 -6.83 -31.57 -14.44
CA CYS B 239 -7.70 -32.01 -15.54
C CYS B 239 -7.35 -31.38 -16.88
N LEU B 240 -6.59 -30.30 -16.84
CA LEU B 240 -6.14 -29.61 -18.05
C LEU B 240 -4.88 -30.22 -18.66
N ARG B 241 -4.05 -30.80 -17.79
CA ARG B 241 -2.71 -31.20 -18.18
C ARG B 241 -2.40 -32.68 -17.96
N PHE B 242 -3.36 -33.56 -18.23
CA PHE B 242 -3.09 -34.99 -18.04
C PHE B 242 -3.68 -36.07 -18.98
N PRO B 243 -4.95 -36.44 -18.80
CA PRO B 243 -5.39 -37.76 -19.24
C PRO B 243 -5.56 -37.80 -20.76
N GLY B 244 -6.82 -37.85 -21.19
CA GLY B 244 -7.23 -38.39 -22.49
C GLY B 244 -8.55 -39.05 -22.14
N GLN B 245 -9.22 -38.39 -21.20
CA GLN B 245 -10.41 -38.85 -20.51
C GLN B 245 -11.24 -37.60 -20.10
N LEU B 246 -11.91 -36.97 -21.08
CA LEU B 246 -11.19 -36.47 -22.24
C LEU B 246 -11.16 -34.97 -22.02
N ASN B 247 -9.95 -34.49 -21.69
CA ASN B 247 -9.48 -33.09 -21.94
C ASN B 247 -9.74 -31.81 -21.02
N ALA B 248 -10.96 -31.56 -20.55
CA ALA B 248 -11.24 -30.29 -19.88
C ALA B 248 -10.76 -29.05 -20.68
N ASP B 249 -11.75 -28.36 -21.25
CA ASP B 249 -11.51 -27.23 -22.12
C ASP B 249 -11.23 -25.97 -21.33
N LEU B 250 -11.47 -25.98 -20.03
CA LEU B 250 -11.29 -24.77 -19.22
C LEU B 250 -12.38 -23.77 -19.60
N ARG B 251 -12.82 -23.85 -20.83
CA ARG B 251 -14.07 -23.28 -21.25
C ARG B 251 -15.10 -24.26 -20.74
N LYS B 252 -14.83 -25.54 -20.92
CA LYS B 252 -15.76 -26.54 -20.47
C LYS B 252 -15.93 -26.38 -18.97
N LEU B 253 -14.82 -26.23 -18.26
CA LEU B 253 -14.87 -25.97 -16.82
C LEU B 253 -15.84 -24.85 -16.51
N ALA B 254 -15.71 -23.72 -17.21
CA ALA B 254 -16.56 -22.57 -16.95
C ALA B 254 -18.01 -22.93 -17.22
N VAL B 255 -18.34 -23.28 -18.46
CA VAL B 255 -19.73 -23.56 -18.80
C VAL B 255 -20.43 -24.50 -17.81
N ASN B 256 -19.67 -25.37 -17.15
CA ASN B 256 -20.26 -26.39 -16.30
C ASN B 256 -20.29 -26.01 -14.82
N MET B 257 -19.41 -25.12 -14.41
CA MET B 257 -19.34 -24.78 -13.01
C MET B 257 -20.19 -23.58 -12.66
N VAL B 258 -20.34 -22.64 -13.59
CA VAL B 258 -20.98 -21.35 -13.31
C VAL B 258 -22.34 -21.21 -13.96
N PRO B 259 -23.37 -21.33 -13.16
CA PRO B 259 -24.74 -21.22 -13.63
C PRO B 259 -25.10 -19.79 -13.96
N PHE B 260 -24.50 -18.85 -13.26
CA PHE B 260 -24.87 -17.47 -13.46
C PHE B 260 -23.64 -16.60 -13.63
N PRO B 261 -23.70 -15.69 -14.60
CA PRO B 261 -22.50 -15.07 -15.17
C PRO B 261 -21.60 -14.46 -14.11
N ARG B 262 -22.22 -13.80 -13.15
CA ARG B 262 -21.49 -13.19 -12.05
C ARG B 262 -20.81 -14.24 -11.15
N LEU B 263 -21.51 -15.29 -10.75
CA LEU B 263 -21.03 -16.09 -9.61
C LEU B 263 -19.93 -17.11 -9.86
N HIS B 264 -18.79 -16.67 -10.38
CA HIS B 264 -17.67 -17.57 -10.61
C HIS B 264 -16.73 -17.78 -9.45
N PHE B 265 -17.24 -17.87 -8.23
CA PHE B 265 -16.31 -17.89 -7.11
C PHE B 265 -16.22 -19.23 -6.41
N PHE B 266 -15.06 -19.87 -6.66
CA PHE B 266 -14.82 -21.23 -6.25
C PHE B 266 -14.04 -21.31 -4.94
N MET B 267 -14.51 -22.13 -3.99
CA MET B 267 -13.63 -22.55 -2.89
C MET B 267 -13.00 -23.86 -3.27
N PRO B 268 -11.66 -23.86 -3.30
CA PRO B 268 -10.87 -25.07 -3.47
C PRO B 268 -10.69 -25.78 -2.14
N GLY B 269 -10.30 -27.04 -2.19
CA GLY B 269 -10.05 -27.83 -1.00
C GLY B 269 -9.05 -28.87 -1.36
N PHE B 270 -8.22 -29.26 -0.40
CA PHE B 270 -7.24 -30.31 -0.63
C PHE B 270 -7.42 -31.49 0.28
N ALA B 271 -6.87 -32.64 -0.13
CA ALA B 271 -6.99 -33.88 0.61
C ALA B 271 -6.00 -33.96 1.77
N PRO B 272 -4.85 -34.60 1.58
CA PRO B 272 -3.87 -34.66 2.66
C PRO B 272 -3.03 -33.39 2.64
N LEU B 273 -2.45 -33.01 3.77
CA LEU B 273 -1.72 -31.74 3.78
C LEU B 273 -0.35 -31.83 4.47
N THR B 274 0.52 -30.85 4.19
CA THR B 274 1.59 -30.45 5.14
C THR B 274 3.09 -30.31 4.65
N SER B 275 4.08 -30.85 5.41
CA SER B 275 5.54 -30.62 5.20
C SER B 275 6.47 -31.82 5.56
N LEU B 284 -3.98 -42.62 4.37
CA LEU B 284 -5.03 -41.94 3.61
C LEU B 284 -5.75 -42.98 2.76
N THR B 285 -7.08 -42.99 2.80
CA THR B 285 -7.82 -44.21 2.44
C THR B 285 -8.93 -44.18 1.34
N VAL B 286 -9.49 -43.00 1.08
CA VAL B 286 -10.63 -42.76 0.15
C VAL B 286 -11.86 -42.36 0.95
N PRO B 287 -12.42 -43.24 1.78
CA PRO B 287 -13.39 -42.77 2.78
C PRO B 287 -12.79 -41.61 3.57
N GLU B 288 -11.64 -41.85 4.21
CA GLU B 288 -10.95 -40.83 5.01
C GLU B 288 -10.52 -39.67 4.12
N LEU B 289 -10.41 -39.92 2.82
CA LEU B 289 -10.00 -38.89 1.87
C LEU B 289 -11.16 -38.00 1.43
N THR B 290 -12.36 -38.57 1.31
CA THR B 290 -13.55 -37.81 0.94
C THR B 290 -14.00 -36.91 2.07
N GLN B 291 -14.26 -37.50 3.24
CA GLN B 291 -14.64 -36.74 4.44
C GLN B 291 -13.74 -35.55 4.66
N GLN B 292 -12.47 -35.71 4.28
CA GLN B 292 -11.44 -34.70 4.52
C GLN B 292 -11.43 -33.58 3.46
N MET B 293 -11.62 -33.93 2.19
CA MET B 293 -11.62 -32.92 1.11
C MET B 293 -12.90 -32.09 1.11
N PHE B 294 -13.89 -32.57 1.86
CA PHE B 294 -15.21 -31.94 1.96
C PHE B 294 -15.47 -31.25 3.29
N ASP B 295 -14.59 -31.46 4.26
CA ASP B 295 -14.68 -30.82 5.58
C ASP B 295 -14.42 -29.32 5.44
N SER B 296 -15.18 -28.52 6.17
CA SER B 296 -15.03 -27.07 6.22
C SER B 296 -13.61 -26.67 6.66
N LYS B 297 -13.17 -27.36 7.73
CA LYS B 297 -11.81 -27.34 8.26
C LYS B 297 -10.71 -27.49 7.21
N ASN B 298 -11.11 -27.78 5.96
CA ASN B 298 -10.20 -28.18 4.87
C ASN B 298 -10.43 -27.50 3.52
N MET B 299 -11.14 -26.37 3.56
CA MET B 299 -11.35 -25.54 2.38
C MET B 299 -10.14 -24.64 2.18
N MET B 300 -10.05 -24.01 1.01
CA MET B 300 -9.00 -23.03 0.74
C MET B 300 -9.52 -21.59 0.93
N ALA B 301 -10.82 -21.50 1.24
CA ALA B 301 -11.48 -20.24 1.59
C ALA B 301 -11.99 -20.31 3.02
N ALA B 302 -11.85 -19.20 3.74
CA ALA B 302 -12.27 -19.16 5.15
C ALA B 302 -13.79 -19.03 5.30
N CYS B 303 -14.51 -20.15 5.14
CA CYS B 303 -15.96 -20.20 5.19
C CYS B 303 -16.39 -21.64 5.27
N ASP B 304 -17.23 -21.92 6.24
CA ASP B 304 -17.82 -23.25 6.38
C ASP B 304 -18.99 -23.46 5.40
N PRO B 305 -18.79 -24.35 4.42
CA PRO B 305 -19.89 -24.69 3.51
C PRO B 305 -20.94 -25.49 4.30
N ARG B 306 -21.59 -24.81 5.23
CA ARG B 306 -22.75 -25.34 5.97
C ARG B 306 -23.85 -24.31 5.77
N HIS B 307 -23.55 -23.07 6.20
CA HIS B 307 -24.32 -21.88 5.86
C HIS B 307 -24.01 -21.71 4.40
N GLY B 308 -24.99 -22.06 3.56
CA GLY B 308 -24.81 -22.03 2.13
C GLY B 308 -24.58 -23.39 1.53
N ARG B 309 -25.38 -23.67 0.51
CA ARG B 309 -25.34 -24.91 -0.23
C ARG B 309 -24.35 -24.82 -1.37
N TYR B 310 -24.14 -25.97 -2.02
CA TYR B 310 -23.27 -26.05 -3.18
C TYR B 310 -24.11 -25.91 -4.44
N LEU B 311 -23.65 -25.03 -5.32
CA LEU B 311 -24.21 -24.91 -6.64
C LEU B 311 -23.76 -26.10 -7.46
N THR B 312 -22.46 -26.14 -7.76
CA THR B 312 -21.86 -27.20 -8.54
C THR B 312 -20.51 -27.55 -7.95
N VAL B 313 -20.13 -28.81 -8.03
CA VAL B 313 -18.86 -29.21 -7.49
C VAL B 313 -18.11 -30.12 -8.46
N ALA B 314 -16.84 -29.80 -8.66
CA ALA B 314 -15.89 -30.70 -9.34
C ALA B 314 -14.89 -31.25 -8.32
N ALA B 315 -14.72 -32.56 -8.31
CA ALA B 315 -13.75 -33.18 -7.41
C ALA B 315 -12.89 -34.19 -8.18
N VAL B 316 -11.60 -34.11 -7.95
CA VAL B 316 -10.64 -34.84 -8.78
C VAL B 316 -9.57 -35.57 -7.95
N PHE B 317 -9.68 -36.91 -7.92
CA PHE B 317 -8.80 -37.74 -7.12
C PHE B 317 -7.42 -37.95 -7.75
N ARG B 318 -6.57 -38.73 -7.09
CA ARG B 318 -5.20 -38.91 -7.54
C ARG B 318 -4.48 -40.11 -6.92
N GLY B 319 -4.05 -41.02 -7.79
CA GLY B 319 -3.22 -42.15 -7.39
C GLY B 319 -3.92 -43.46 -7.66
N ARG B 320 -3.17 -44.44 -8.16
CA ARG B 320 -3.73 -45.75 -8.54
C ARG B 320 -4.51 -46.33 -7.37
N MET B 321 -5.83 -46.14 -7.38
CA MET B 321 -6.71 -46.68 -6.34
C MET B 321 -8.08 -47.06 -6.87
N SER B 322 -8.66 -48.09 -6.23
CA SER B 322 -9.98 -48.64 -6.59
C SER B 322 -11.06 -47.56 -6.71
N MET B 323 -11.20 -47.03 -7.93
CA MET B 323 -12.16 -45.95 -8.18
C MET B 323 -13.61 -46.46 -8.16
N LYS B 324 -13.80 -47.77 -8.22
CA LYS B 324 -15.08 -48.38 -7.89
C LYS B 324 -15.54 -47.86 -6.53
N GLU B 325 -14.60 -47.74 -5.59
CA GLU B 325 -14.91 -47.23 -4.24
C GLU B 325 -15.12 -45.73 -4.21
N VAL B 326 -14.45 -45.01 -5.11
CA VAL B 326 -14.63 -43.56 -5.21
C VAL B 326 -16.09 -43.21 -5.53
N ASP B 327 -16.62 -43.77 -6.63
CA ASP B 327 -18.00 -43.58 -7.05
C ASP B 327 -19.00 -43.58 -5.92
N GLU B 328 -18.96 -44.67 -5.14
CA GLU B 328 -19.90 -44.92 -4.04
C GLU B 328 -19.61 -44.18 -2.73
N GLN B 329 -18.38 -43.66 -2.58
CA GLN B 329 -18.04 -42.81 -1.44
C GLN B 329 -18.56 -41.43 -1.73
N MET B 330 -18.36 -41.02 -2.97
CA MET B 330 -18.79 -39.71 -3.45
C MET B 330 -20.30 -39.61 -3.40
N LEU B 331 -20.96 -40.70 -3.78
CA LEU B 331 -22.41 -40.75 -3.69
C LEU B 331 -22.86 -40.67 -2.23
N ASN B 332 -22.03 -41.15 -1.30
CA ASN B 332 -22.34 -41.10 0.13
C ASN B 332 -22.25 -39.70 0.69
N VAL B 333 -21.34 -38.91 0.16
CA VAL B 333 -21.24 -37.52 0.58
C VAL B 333 -22.51 -36.75 0.20
N GLN B 334 -23.04 -37.01 -1.00
CA GLN B 334 -24.28 -36.35 -1.43
C GLN B 334 -25.54 -37.02 -0.88
N ASN B 335 -25.38 -37.77 0.21
CA ASN B 335 -26.52 -38.38 0.87
C ASN B 335 -26.51 -38.05 2.37
N LYS B 336 -25.40 -38.34 3.04
CA LYS B 336 -25.22 -37.98 4.46
C LYS B 336 -25.18 -36.48 4.57
N ASN B 337 -25.29 -35.80 3.41
CA ASN B 337 -25.38 -34.35 3.29
C ASN B 337 -26.33 -33.89 2.17
N SER B 338 -27.17 -34.81 1.67
CA SER B 338 -28.08 -34.57 0.55
C SER B 338 -28.71 -33.19 0.47
N SER B 339 -29.01 -32.62 1.64
CA SER B 339 -29.65 -31.32 1.76
C SER B 339 -28.81 -30.14 1.24
N TYR B 340 -27.48 -30.27 1.33
CA TYR B 340 -26.52 -29.18 1.06
C TYR B 340 -25.92 -29.19 -0.35
N PHE B 341 -26.64 -29.82 -1.28
CA PHE B 341 -26.39 -29.69 -2.69
C PHE B 341 -27.72 -29.31 -3.32
N VAL B 342 -27.75 -28.14 -3.94
CA VAL B 342 -28.99 -27.56 -4.43
C VAL B 342 -29.85 -28.55 -5.23
N GLU B 343 -31.16 -28.55 -5.01
CA GLU B 343 -32.02 -29.54 -5.66
C GLU B 343 -32.22 -29.28 -7.13
N TRP B 344 -32.02 -28.04 -7.57
CA TRP B 344 -32.45 -27.62 -8.91
C TRP B 344 -31.37 -27.66 -10.00
N ILE B 345 -30.23 -28.26 -9.68
CA ILE B 345 -29.22 -28.58 -10.67
C ILE B 345 -28.95 -30.08 -10.53
N PRO B 346 -29.38 -30.89 -11.48
CA PRO B 346 -29.29 -32.34 -11.33
C PRO B 346 -27.87 -32.81 -11.50
N ASN B 347 -27.55 -33.99 -11.00
CA ASN B 347 -26.21 -34.59 -11.07
C ASN B 347 -25.07 -33.56 -11.06
N ASN B 348 -25.21 -32.59 -10.15
CA ASN B 348 -24.41 -31.38 -10.16
C ASN B 348 -23.05 -31.48 -9.53
N VAL B 349 -22.62 -32.68 -9.19
CA VAL B 349 -21.23 -32.90 -8.78
C VAL B 349 -20.62 -34.06 -9.59
N LYS B 350 -19.57 -33.73 -10.35
CA LYS B 350 -18.88 -34.70 -11.21
C LYS B 350 -17.51 -34.99 -10.64
N THR B 351 -17.15 -36.28 -10.63
CA THR B 351 -15.87 -36.66 -10.07
C THR B 351 -15.05 -37.39 -11.06
N ALA B 352 -13.76 -37.14 -11.00
CA ALA B 352 -12.82 -37.78 -11.89
C ALA B 352 -11.61 -38.27 -11.10
N VAL B 353 -10.94 -39.29 -11.64
CA VAL B 353 -9.73 -39.85 -11.05
C VAL B 353 -8.53 -39.71 -11.99
N CYS B 354 -7.35 -39.43 -11.45
CA CYS B 354 -6.15 -39.58 -12.24
C CYS B 354 -5.10 -40.34 -11.47
N ASP B 355 -4.41 -41.25 -12.15
CA ASP B 355 -3.60 -42.23 -11.45
C ASP B 355 -2.12 -41.94 -11.49
N ILE B 356 -1.77 -40.67 -11.44
CA ILE B 356 -0.38 -40.34 -11.24
C ILE B 356 -0.21 -39.30 -10.11
N PRO B 357 0.26 -39.82 -8.97
CA PRO B 357 0.34 -39.06 -7.70
C PRO B 357 1.13 -37.77 -7.79
N PRO B 358 0.86 -36.80 -6.90
CA PRO B 358 1.64 -35.55 -6.83
C PRO B 358 3.02 -35.76 -6.15
N ARG B 359 3.70 -34.66 -5.80
CA ARG B 359 4.90 -34.74 -4.98
C ARG B 359 4.58 -35.63 -3.74
N GLY B 360 5.46 -36.59 -3.43
CA GLY B 360 5.21 -37.55 -2.36
C GLY B 360 3.85 -38.23 -2.49
N LEU B 361 3.21 -38.50 -1.34
CA LEU B 361 1.77 -38.85 -1.30
C LEU B 361 1.32 -39.98 -2.23
N LYS B 362 1.06 -41.15 -1.65
CA LYS B 362 0.57 -42.32 -2.42
C LYS B 362 -0.86 -42.10 -2.99
N MET B 363 -1.67 -41.34 -2.26
CA MET B 363 -3.06 -41.06 -2.58
C MET B 363 -3.23 -39.58 -2.40
N SER B 364 -4.21 -38.98 -3.06
CA SER B 364 -4.52 -37.56 -2.88
C SER B 364 -5.97 -37.28 -3.29
N ALA B 365 -6.36 -36.02 -3.29
CA ALA B 365 -7.58 -35.54 -3.96
C ALA B 365 -7.75 -34.07 -3.73
N THR B 366 -8.54 -33.44 -4.58
CA THR B 366 -8.73 -32.00 -4.55
C THR B 366 -10.11 -31.67 -5.06
N PHE B 367 -10.64 -30.54 -4.61
CA PHE B 367 -12.05 -30.28 -4.75
C PHE B 367 -12.24 -28.84 -5.16
N ILE B 368 -13.05 -28.62 -6.19
CA ILE B 368 -13.45 -27.28 -6.62
C ILE B 368 -14.93 -27.12 -6.36
N GLY B 369 -15.30 -26.12 -5.58
CA GLY B 369 -16.70 -25.91 -5.30
C GLY B 369 -17.20 -24.50 -5.52
N ASN B 370 -18.24 -24.35 -6.36
CA ASN B 370 -18.99 -23.10 -6.45
C ASN B 370 -20.03 -23.04 -5.35
N SER B 371 -19.68 -22.44 -4.21
CA SER B 371 -20.55 -22.47 -3.02
C SER B 371 -20.92 -21.10 -2.53
N THR B 372 -22.19 -20.96 -2.18
CA THR B 372 -22.71 -19.71 -1.66
C THR B 372 -22.24 -19.46 -0.23
N ALA B 373 -21.43 -20.37 0.29
CA ALA B 373 -20.76 -20.16 1.58
C ALA B 373 -19.70 -19.07 1.42
N ILE B 374 -19.28 -18.89 0.18
CA ILE B 374 -18.34 -17.87 -0.23
C ILE B 374 -18.91 -16.51 0.17
N GLN B 375 -20.24 -16.42 0.11
CA GLN B 375 -20.94 -15.22 0.54
C GLN B 375 -20.27 -14.61 1.76
N GLU B 376 -19.98 -15.46 2.74
CA GLU B 376 -19.36 -15.08 4.01
C GLU B 376 -18.02 -14.42 3.85
N LEU B 377 -17.24 -14.84 2.87
CA LEU B 377 -15.92 -14.26 2.67
C LEU B 377 -16.05 -12.79 2.34
N PHE B 378 -16.76 -12.48 1.26
CA PHE B 378 -16.94 -11.08 0.84
C PHE B 378 -17.53 -10.15 1.93
N LYS B 379 -18.63 -10.60 2.56
CA LYS B 379 -19.23 -9.92 3.70
C LYS B 379 -18.11 -9.50 4.62
N ARG B 380 -17.25 -10.46 4.98
CA ARG B 380 -16.20 -10.24 5.98
C ARG B 380 -15.08 -9.33 5.48
N ILE B 381 -14.94 -9.18 4.17
CA ILE B 381 -14.05 -8.15 3.68
C ILE B 381 -14.82 -6.84 3.57
N SER B 382 -16.07 -6.91 3.12
CA SER B 382 -16.87 -5.69 2.98
C SER B 382 -17.28 -5.10 4.32
N GLU B 383 -17.03 -5.85 5.38
CA GLU B 383 -17.36 -5.43 6.73
C GLU B 383 -16.20 -4.66 7.40
N GLN B 384 -14.96 -5.04 7.11
CA GLN B 384 -13.80 -4.25 7.52
C GLN B 384 -13.53 -3.14 6.51
N PHE B 385 -14.17 -3.22 5.33
CA PHE B 385 -14.08 -2.15 4.35
C PHE B 385 -15.03 -0.98 4.68
N THR B 386 -16.32 -1.27 4.82
CA THR B 386 -17.30 -0.22 5.17
C THR B 386 -16.91 0.47 6.47
N ALA B 387 -16.30 -0.31 7.36
CA ALA B 387 -15.71 0.14 8.62
C ALA B 387 -14.67 1.23 8.43
N MET B 388 -13.95 1.18 7.31
CA MET B 388 -12.91 2.16 7.00
C MET B 388 -13.47 3.31 6.18
N PHE B 389 -14.01 3.00 5.01
CA PHE B 389 -14.72 3.99 4.21
C PHE B 389 -15.72 4.82 5.03
N ARG B 390 -16.12 4.25 6.19
CA ARG B 390 -16.90 4.94 7.23
C ARG B 390 -16.71 6.48 7.23
N ARG B 391 -15.81 7.00 8.07
CA ARG B 391 -15.44 8.41 8.00
C ARG B 391 -14.30 8.58 6.98
N LYS B 392 -14.45 7.95 5.81
CA LYS B 392 -13.46 7.94 4.73
C LYS B 392 -12.03 7.85 5.23
N ALA B 393 -11.60 6.67 5.63
CA ALA B 393 -10.32 6.48 6.32
C ALA B 393 -9.13 6.79 5.48
N PHE B 394 -8.26 5.81 5.32
CA PHE B 394 -6.98 6.04 4.70
C PHE B 394 -7.10 6.49 3.25
N LEU B 395 -8.34 6.77 2.82
CA LEU B 395 -8.67 7.01 1.41
C LEU B 395 -7.81 8.05 0.67
N HIS B 396 -7.39 9.11 1.37
CA HIS B 396 -6.63 10.20 0.75
C HIS B 396 -5.41 9.74 -0.07
N TRP B 397 -4.88 8.57 0.27
CA TRP B 397 -3.82 7.95 -0.51
C TRP B 397 -4.29 7.61 -1.93
N TYR B 398 -5.57 7.31 -2.08
CA TYR B 398 -6.17 7.07 -3.39
C TYR B 398 -6.76 8.37 -3.95
N THR B 399 -7.64 9.01 -3.20
CA THR B 399 -8.17 10.34 -3.56
C THR B 399 -7.20 11.07 -4.47
N GLY B 400 -6.00 11.34 -3.94
CA GLY B 400 -5.05 12.20 -4.62
C GLY B 400 -4.06 11.44 -5.45
N GLU B 401 -4.41 10.23 -5.88
CA GLU B 401 -3.64 9.57 -6.92
C GLU B 401 -4.41 9.64 -8.23
N GLY B 402 -5.55 10.31 -8.16
CA GLY B 402 -6.34 10.63 -9.32
C GLY B 402 -7.68 9.93 -9.31
N MET B 403 -8.05 9.39 -8.15
CA MET B 403 -9.20 8.50 -8.07
C MET B 403 -10.41 9.18 -7.49
N ASP B 404 -11.60 8.62 -7.76
CA ASP B 404 -12.82 9.26 -7.30
C ASP B 404 -13.45 8.74 -6.04
N GLU B 405 -13.76 9.72 -5.19
CA GLU B 405 -14.59 9.60 -3.99
C GLU B 405 -15.61 8.48 -4.14
N MET B 406 -16.43 8.55 -5.19
CA MET B 406 -17.58 7.65 -5.37
C MET B 406 -17.28 6.37 -6.17
N GLU B 407 -16.05 6.26 -6.68
CA GLU B 407 -15.62 5.04 -7.34
C GLU B 407 -15.41 3.94 -6.32
N PHE B 408 -15.26 4.34 -5.06
CA PHE B 408 -15.24 3.39 -3.97
C PHE B 408 -16.68 2.95 -3.70
N THR B 409 -17.58 3.91 -3.46
CA THR B 409 -18.99 3.60 -3.25
C THR B 409 -19.51 2.69 -4.36
N GLU B 410 -18.99 2.89 -5.56
CA GLU B 410 -19.36 2.07 -6.70
C GLU B 410 -18.91 0.62 -6.59
N ALA B 411 -17.67 0.41 -6.17
CA ALA B 411 -17.14 -0.95 -5.97
C ALA B 411 -17.71 -1.59 -4.71
N GLU B 412 -17.99 -0.77 -3.70
CA GLU B 412 -18.67 -1.22 -2.48
C GLU B 412 -20.06 -1.71 -2.84
N SER B 413 -20.81 -0.87 -3.56
CA SER B 413 -22.15 -1.23 -4.03
C SER B 413 -22.13 -2.55 -4.76
N ASN B 414 -21.27 -2.62 -5.78
CA ASN B 414 -21.24 -3.78 -6.66
C ASN B 414 -21.05 -5.07 -5.91
N MET B 415 -20.03 -5.10 -5.07
CA MET B 415 -19.70 -6.27 -4.29
C MET B 415 -20.82 -6.64 -3.32
N ASN B 416 -21.37 -5.64 -2.64
CA ASN B 416 -22.47 -5.89 -1.72
C ASN B 416 -23.69 -6.49 -2.40
N ASP B 417 -23.75 -6.36 -3.73
CA ASP B 417 -24.78 -7.02 -4.55
C ASP B 417 -24.43 -8.48 -4.71
N LEU B 418 -23.15 -8.78 -4.92
CA LEU B 418 -22.72 -10.16 -5.13
C LEU B 418 -23.00 -11.00 -3.89
N VAL B 419 -22.94 -10.33 -2.75
CA VAL B 419 -23.35 -10.92 -1.48
C VAL B 419 -24.86 -11.19 -1.58
N SER B 420 -25.60 -10.21 -2.10
CA SER B 420 -27.06 -10.25 -2.20
C SER B 420 -27.55 -11.41 -3.06
N GLU B 421 -26.77 -11.75 -4.07
CA GLU B 421 -27.19 -12.78 -5.02
C GLU B 421 -26.82 -14.16 -4.55
N TYR B 422 -25.65 -14.29 -3.90
CA TYR B 422 -25.28 -15.57 -3.31
C TYR B 422 -26.36 -15.96 -2.32
N GLN B 423 -26.96 -14.94 -1.71
CA GLN B 423 -28.07 -15.06 -0.76
C GLN B 423 -29.41 -15.38 -1.43
N GLN B 424 -29.70 -14.70 -2.55
CA GLN B 424 -30.87 -14.98 -3.39
C GLN B 424 -30.94 -16.47 -3.74
N TYR B 425 -29.77 -17.11 -3.83
CA TYR B 425 -29.68 -18.52 -4.19
C TYR B 425 -29.51 -19.43 -2.97
N GLN B 426 -30.46 -19.30 -2.05
CA GLN B 426 -30.79 -20.34 -1.11
C GLN B 426 -32.33 -20.40 -1.13
N ASP B 427 -32.84 -20.99 -2.23
CA ASP B 427 -34.17 -20.75 -2.79
C ASP B 427 -35.21 -21.84 -2.53
N ALA B 428 -35.64 -22.57 -3.57
CA ALA B 428 -36.74 -23.58 -3.48
C ALA B 428 -36.92 -24.43 -4.77
N THR B 429 -37.94 -25.30 -4.82
CA THR B 429 -38.28 -26.03 -6.05
C THR B 429 -39.77 -26.26 -6.29
N ARG C 2 13.81 3.49 -3.07
CA ARG C 2 15.28 3.46 -3.36
C ARG C 2 16.18 4.31 -2.42
N GLU C 3 16.62 5.48 -2.84
CA GLU C 3 17.57 6.31 -2.05
C GLU C 3 16.89 7.10 -0.91
N CYS C 4 17.62 7.97 -0.20
CA CYS C 4 17.06 8.61 1.00
C CYS C 4 17.83 9.75 1.72
N ILE C 5 17.61 11.00 1.31
CA ILE C 5 18.43 12.10 1.78
C ILE C 5 18.01 12.64 3.13
N SER C 6 18.97 12.71 4.05
CA SER C 6 18.76 13.39 5.33
C SER C 6 19.11 14.87 5.22
N ILE C 7 18.27 15.70 5.82
CA ILE C 7 18.57 17.12 6.05
C ILE C 7 18.56 17.44 7.55
N HIS C 8 19.60 18.08 8.04
CA HIS C 8 19.60 18.55 9.42
C HIS C 8 19.72 20.03 9.44
N VAL C 9 18.61 20.69 9.73
CA VAL C 9 18.63 22.12 9.77
C VAL C 9 18.63 22.59 11.22
N GLY C 10 19.66 23.35 11.56
CA GLY C 10 19.70 24.05 12.82
C GLY C 10 20.14 23.23 14.01
N GLN C 11 20.97 23.90 14.83
CA GLN C 11 21.65 23.38 16.02
C GLN C 11 21.08 22.03 16.50
N ALA C 12 19.89 22.07 17.09
CA ALA C 12 19.21 20.87 17.54
C ALA C 12 19.21 19.82 16.46
N GLY C 13 18.68 20.18 15.30
CA GLY C 13 18.69 19.26 14.17
C GLY C 13 20.06 18.67 13.89
N VAL C 14 21.07 19.52 13.88
CA VAL C 14 22.41 19.07 13.54
C VAL C 14 22.90 18.04 14.53
N GLN C 15 22.92 18.40 15.82
CA GLN C 15 23.43 17.53 16.86
C GLN C 15 22.70 16.18 16.93
N ILE C 16 21.37 16.20 16.82
CA ILE C 16 20.57 14.96 16.68
C ILE C 16 21.17 14.09 15.59
N GLY C 17 21.23 14.65 14.38
CA GLY C 17 21.70 13.92 13.24
C GLY C 17 23.09 13.42 13.51
N ASN C 18 23.94 14.36 13.91
CA ASN C 18 25.31 14.03 14.26
C ASN C 18 25.44 12.79 15.14
N ALA C 19 24.42 12.56 15.95
CA ALA C 19 24.40 11.45 16.90
C ALA C 19 23.60 10.22 16.46
N CYS C 20 22.88 10.30 15.33
CA CYS C 20 22.37 9.07 14.74
C CYS C 20 23.25 8.63 13.61
N TRP C 21 23.84 9.59 12.89
CA TRP C 21 24.76 9.21 11.83
C TRP C 21 25.88 8.42 12.46
N GLU C 22 26.30 8.90 13.64
CA GLU C 22 27.18 8.16 14.54
C GLU C 22 26.66 6.72 14.72
N LEU C 23 25.41 6.59 15.12
CA LEU C 23 24.82 5.30 15.39
C LEU C 23 24.73 4.43 14.15
N TYR C 24 24.33 5.03 13.04
CA TYR C 24 24.24 4.31 11.78
C TYR C 24 25.61 3.71 11.49
N CYS C 25 26.67 4.50 11.60
CA CYS C 25 28.03 4.02 11.34
C CYS C 25 28.47 2.86 12.19
N LEU C 26 28.05 2.85 13.45
CA LEU C 26 28.35 1.73 14.32
C LEU C 26 27.57 0.50 13.88
N GLU C 27 26.29 0.70 13.58
CA GLU C 27 25.38 -0.35 13.10
C GLU C 27 25.77 -1.00 11.76
N HIS C 28 26.59 -0.34 10.95
CA HIS C 28 27.04 -0.90 9.66
C HIS C 28 28.54 -1.11 9.59
N GLY C 29 29.23 -0.81 10.69
CA GLY C 29 30.68 -1.03 10.82
C GLY C 29 31.54 -0.13 9.96
N ILE C 30 31.10 1.12 9.81
CA ILE C 30 31.83 2.14 9.04
C ILE C 30 32.64 2.98 10.02
N GLN C 31 33.96 2.98 9.85
CA GLN C 31 34.79 3.88 10.61
C GLN C 31 34.61 5.31 10.12
N PRO C 32 34.73 6.26 11.04
CA PRO C 32 34.80 7.69 10.69
C PRO C 32 35.63 7.92 9.43
N ASP C 33 36.64 7.09 9.22
CA ASP C 33 37.50 7.12 8.03
C ASP C 33 36.70 7.02 6.74
N GLY C 34 35.37 6.81 6.85
CA GLY C 34 34.49 6.56 5.72
C GLY C 34 34.51 5.11 5.23
N GLN C 35 35.68 4.45 5.38
CA GLN C 35 35.92 3.08 4.89
C GLN C 35 35.41 2.01 5.86
N MET C 36 34.80 0.97 5.28
CA MET C 36 34.29 -0.20 6.01
C MET C 36 34.79 -1.50 5.39
N PRO C 37 35.44 -2.36 6.18
CA PRO C 37 36.02 -3.60 5.66
C PRO C 37 35.04 -4.81 5.58
N SER C 38 33.74 -4.56 5.37
CA SER C 38 32.70 -5.61 5.43
C SER C 38 31.68 -5.62 4.27
N ASP C 39 31.17 -6.82 3.96
CA ASP C 39 30.09 -7.08 2.96
C ASP C 39 30.41 -6.94 1.44
N LYS C 40 30.24 -5.72 0.90
CA LYS C 40 30.65 -5.32 -0.46
C LYS C 40 30.48 -3.79 -0.72
N THR C 41 30.22 -3.43 -1.98
CA THR C 41 30.23 -2.08 -2.58
C THR C 41 31.46 -1.97 -3.49
N ILE C 42 32.16 -3.11 -3.62
CA ILE C 42 33.24 -3.35 -4.58
C ILE C 42 32.76 -3.08 -6.00
N ASP C 47 23.65 -4.03 -2.26
CA ASP C 47 23.23 -2.75 -1.71
C ASP C 47 23.05 -2.74 -0.17
N SER C 48 21.88 -3.15 0.34
CA SER C 48 21.54 -3.08 1.78
C SER C 48 21.81 -1.69 2.45
N PHE C 49 23.06 -1.45 2.86
CA PHE C 49 23.49 -0.22 3.53
C PHE C 49 23.34 1.02 2.65
N ASN C 50 22.79 0.83 1.45
CA ASN C 50 22.89 1.81 0.37
C ASN C 50 21.82 2.89 0.31
N THR C 51 20.75 2.68 1.06
CA THR C 51 19.64 3.62 1.15
C THR C 51 20.10 4.98 1.71
N PHE C 52 21.06 4.94 2.62
CA PHE C 52 21.49 6.14 3.32
C PHE C 52 22.90 6.57 2.94
N PHE C 53 23.69 5.64 2.41
CA PHE C 53 25.07 5.93 2.02
C PHE C 53 25.32 5.75 0.51
N SER C 54 26.25 6.53 -0.03
CA SER C 54 26.68 6.41 -1.43
C SER C 54 28.16 6.00 -1.54
N GLU C 55 28.43 4.92 -2.30
CA GLU C 55 29.76 4.29 -2.35
C GLU C 55 30.76 5.10 -3.19
N THR C 56 30.81 6.41 -2.94
CA THR C 56 31.66 7.36 -3.69
C THR C 56 33.16 7.04 -3.63
N GLY C 57 33.86 7.29 -4.73
CA GLY C 57 35.23 6.85 -4.89
C GLY C 57 35.28 5.34 -4.83
N ALA C 58 36.47 4.78 -4.65
CA ALA C 58 36.61 3.34 -4.49
C ALA C 58 37.27 2.98 -3.15
N GLY C 59 36.70 3.50 -2.05
CA GLY C 59 37.18 3.18 -0.72
C GLY C 59 36.29 3.68 0.40
N LYS C 60 35.52 4.74 0.10
CA LYS C 60 34.80 5.55 1.11
C LYS C 60 33.27 5.31 1.14
N HIS C 61 32.53 6.05 1.97
CA HIS C 61 31.10 5.78 2.16
C HIS C 61 30.06 6.93 2.26
N VAL C 62 30.48 8.17 2.54
CA VAL C 62 29.62 9.40 2.57
C VAL C 62 28.08 9.25 2.77
N PRO C 63 27.57 9.77 3.90
CA PRO C 63 26.11 9.81 4.15
C PRO C 63 25.36 10.63 3.10
N ARG C 64 24.16 10.17 2.76
CA ARG C 64 23.33 10.95 1.86
C ARG C 64 22.68 12.05 2.69
N ALA C 65 23.51 13.00 3.11
CA ALA C 65 23.08 13.98 4.08
C ALA C 65 23.48 15.41 3.71
N VAL C 66 22.80 16.36 4.34
CA VAL C 66 23.14 17.78 4.25
C VAL C 66 22.87 18.45 5.61
N PHE C 67 23.83 19.22 6.07
CA PHE C 67 23.67 19.90 7.35
C PHE C 67 23.65 21.40 7.07
N VAL C 68 22.69 22.10 7.67
CA VAL C 68 22.60 23.56 7.57
C VAL C 68 22.41 24.24 8.91
N ASP C 69 23.08 25.36 9.08
CA ASP C 69 22.90 26.17 10.27
C ASP C 69 23.39 27.56 9.91
N LEU C 70 22.72 28.58 10.40
CA LEU C 70 23.10 29.93 10.02
C LEU C 70 24.24 30.54 10.88
N GLU C 71 24.53 29.93 12.04
CA GLU C 71 25.80 30.15 12.77
C GLU C 71 26.78 29.01 12.49
N PRO C 72 28.05 29.31 12.28
CA PRO C 72 29.02 28.27 11.97
C PRO C 72 29.26 27.34 13.15
N THR C 73 29.43 27.90 14.35
CA THR C 73 29.73 27.17 15.59
C THR C 73 29.51 25.67 15.63
N VAL C 74 28.30 25.24 15.26
CA VAL C 74 27.83 23.87 15.48
C VAL C 74 28.25 22.92 14.38
N ILE C 75 28.15 23.39 13.15
CA ILE C 75 28.60 22.61 12.01
C ILE C 75 30.11 22.53 12.02
N ASP C 76 30.74 23.59 12.53
CA ASP C 76 32.21 23.66 12.62
C ASP C 76 32.73 22.48 13.42
N GLU C 77 32.08 22.20 14.55
CA GLU C 77 32.50 21.15 15.48
C GLU C 77 32.56 19.80 14.80
N VAL C 78 31.63 19.58 13.86
CA VAL C 78 31.58 18.36 13.03
C VAL C 78 32.87 18.21 12.23
N ARG C 79 33.31 19.29 11.60
CA ARG C 79 34.55 19.29 10.83
C ARG C 79 35.78 19.52 11.73
N THR C 80 35.67 19.16 13.01
CA THR C 80 36.80 19.10 13.94
C THR C 80 37.03 17.66 14.48
N GLY C 81 35.98 17.06 15.04
CA GLY C 81 36.06 15.76 15.68
C GLY C 81 35.76 14.61 14.76
N THR C 82 36.62 13.58 14.81
CA THR C 82 36.54 12.40 13.93
C THR C 82 35.10 12.11 13.51
N TYR C 83 34.94 11.89 12.21
CA TYR C 83 33.71 12.02 11.44
C TYR C 83 33.95 13.20 10.52
N ARG C 84 34.85 14.07 10.96
CA ARG C 84 35.36 15.13 10.14
C ARG C 84 35.60 14.53 8.77
N GLN C 85 36.15 13.32 8.77
CA GLN C 85 36.48 12.63 7.55
C GLN C 85 35.27 12.05 6.81
N LEU C 86 34.12 12.01 7.47
CA LEU C 86 32.99 11.22 7.00
C LEU C 86 32.18 11.85 5.87
N PHE C 87 31.78 13.09 6.06
CA PHE C 87 30.98 13.80 5.09
C PHE C 87 31.90 14.40 4.04
N HIS C 88 31.33 14.92 2.96
CA HIS C 88 32.07 15.73 2.00
C HIS C 88 32.18 17.18 2.47
N PRO C 89 33.33 17.82 2.28
CA PRO C 89 33.50 19.21 2.71
C PRO C 89 32.29 20.05 2.26
N GLU C 90 31.76 19.72 1.08
CA GLU C 90 30.56 20.33 0.52
C GLU C 90 29.36 20.36 1.46
N GLN C 91 28.91 19.17 1.84
CA GLN C 91 27.54 18.93 2.30
C GLN C 91 27.16 19.60 3.63
N LEU C 92 28.11 20.28 4.25
CA LEU C 92 27.82 21.00 5.49
C LEU C 92 27.80 22.52 5.33
N ILE C 93 26.61 23.09 5.17
CA ILE C 93 26.50 24.51 4.88
C ILE C 93 26.35 25.30 6.17
N THR C 94 27.06 26.44 6.26
CA THR C 94 26.94 27.35 7.39
C THR C 94 26.82 28.80 6.92
N GLY C 95 26.21 29.64 7.76
CA GLY C 95 25.72 30.93 7.31
C GLY C 95 26.13 32.27 7.94
N LYS C 96 27.27 32.31 8.62
CA LYS C 96 27.88 33.57 9.10
C LYS C 96 27.15 34.29 10.24
N GLU C 97 25.85 34.55 10.08
CA GLU C 97 25.05 35.19 11.12
C GLU C 97 23.87 34.34 11.58
N ASP C 98 23.60 34.41 12.88
CA ASP C 98 22.52 33.67 13.52
C ASP C 98 21.13 33.86 12.95
N ALA C 99 20.17 33.10 13.48
CA ALA C 99 18.75 33.29 13.18
C ALA C 99 18.14 34.10 14.29
N ALA C 100 18.91 34.20 15.35
CA ALA C 100 18.52 34.89 16.57
C ALA C 100 17.13 34.54 17.11
N ASN C 101 16.90 33.24 17.31
CA ASN C 101 15.76 32.76 18.08
C ASN C 101 14.39 33.22 17.62
N ASN C 102 14.28 33.58 16.34
CA ASN C 102 12.97 33.94 15.78
C ASN C 102 12.71 33.59 14.31
N TYR C 103 11.58 32.91 14.14
CA TYR C 103 11.11 32.38 12.88
C TYR C 103 11.21 33.42 11.81
N ALA C 104 10.65 34.59 12.10
CA ALA C 104 10.57 35.63 11.11
C ALA C 104 11.93 35.88 10.52
N ARG C 105 12.96 35.82 11.36
CA ARG C 105 14.30 36.06 10.87
C ARG C 105 14.67 34.88 10.00
N GLY C 106 14.53 33.69 10.56
CA GLY C 106 14.92 32.46 9.90
C GLY C 106 14.20 32.21 8.58
N HIS C 107 12.90 32.48 8.54
CA HIS C 107 12.10 32.22 7.33
C HIS C 107 12.29 33.24 6.19
N TYR C 108 12.43 34.52 6.54
CA TYR C 108 12.52 35.61 5.55
C TYR C 108 13.88 36.30 5.51
N THR C 109 14.27 36.91 6.62
CA THR C 109 15.41 37.82 6.62
C THR C 109 16.75 37.16 6.36
N ILE C 110 17.22 36.32 7.28
CA ILE C 110 18.51 35.67 7.07
C ILE C 110 18.41 34.35 6.25
N GLY C 111 17.21 33.79 6.11
CA GLY C 111 17.01 32.57 5.35
C GLY C 111 17.22 32.82 3.86
N LYS C 112 16.21 33.42 3.25
CA LYS C 112 16.28 34.01 1.92
C LYS C 112 17.63 33.87 1.25
N GLU C 113 18.69 34.32 1.95
CA GLU C 113 20.04 34.34 1.41
C GLU C 113 20.59 32.95 1.07
N ILE C 114 20.67 32.14 2.11
CA ILE C 114 21.36 30.85 2.03
C ILE C 114 20.51 29.74 1.36
N ILE C 115 19.18 29.92 1.37
CA ILE C 115 18.24 28.94 0.83
C ILE C 115 18.57 28.48 -0.58
N ASP C 116 19.02 29.41 -1.42
CA ASP C 116 19.33 29.08 -2.79
C ASP C 116 20.50 28.12 -2.85
N LEU C 117 21.49 28.29 -1.99
CA LEU C 117 22.66 27.40 -2.03
C LEU C 117 22.29 26.01 -1.54
N VAL C 118 21.68 25.95 -0.38
CA VAL C 118 21.30 24.69 0.23
C VAL C 118 20.51 23.86 -0.76
N LEU C 119 19.44 24.45 -1.27
CA LEU C 119 18.48 23.78 -2.13
C LEU C 119 19.17 23.12 -3.32
N ASP C 120 20.17 23.81 -3.84
CA ASP C 120 20.99 23.29 -4.91
C ASP C 120 21.88 22.15 -4.40
N ARG C 121 22.73 22.36 -3.40
CA ARG C 121 23.61 21.29 -2.90
C ARG C 121 22.89 19.96 -2.69
N ILE C 122 21.68 20.07 -2.13
CA ILE C 122 20.76 18.96 -1.91
C ILE C 122 20.51 18.28 -3.23
N ARG C 123 20.10 19.09 -4.21
CA ARG C 123 19.92 18.67 -5.60
C ARG C 123 21.12 17.89 -6.17
N LYS C 124 22.32 18.24 -5.73
CA LYS C 124 23.55 17.53 -6.15
C LYS C 124 23.57 16.10 -5.63
N LEU C 125 22.89 15.87 -4.51
CA LEU C 125 22.78 14.54 -3.94
C LEU C 125 21.68 13.76 -4.63
N ALA C 126 20.60 14.45 -4.95
CA ALA C 126 19.49 13.85 -5.71
C ALA C 126 20.03 13.34 -7.02
N ASP C 127 20.96 14.11 -7.57
CA ASP C 127 21.55 13.86 -8.88
C ASP C 127 22.23 12.51 -8.98
N GLN C 128 22.77 12.00 -7.87
CA GLN C 128 23.39 10.68 -7.87
C GLN C 128 22.53 9.65 -7.13
N CYS C 129 21.23 9.68 -7.42
CA CYS C 129 20.28 8.76 -6.82
C CYS C 129 19.25 8.20 -7.79
N THR C 130 19.45 6.96 -8.21
CA THR C 130 18.62 6.34 -9.23
C THR C 130 17.31 5.83 -8.63
N GLY C 131 16.44 6.78 -8.31
CA GLY C 131 15.16 6.48 -7.70
C GLY C 131 15.03 7.07 -6.30
N LEU C 132 15.59 8.26 -6.11
CA LEU C 132 15.51 8.91 -4.82
C LEU C 132 14.07 8.82 -4.30
N GLN C 133 13.95 8.61 -2.99
CA GLN C 133 12.66 8.26 -2.44
C GLN C 133 12.03 9.37 -1.59
N GLY C 134 12.86 10.10 -0.84
CA GLY C 134 12.37 11.20 -0.05
C GLY C 134 13.38 11.87 0.87
N PHE C 135 12.88 12.70 1.76
CA PHE C 135 13.72 13.44 2.65
C PHE C 135 13.37 13.27 4.09
N LEU C 136 14.39 13.07 4.90
CA LEU C 136 14.24 13.10 6.34
C LEU C 136 14.78 14.41 6.87
N VAL C 137 13.90 15.23 7.45
CA VAL C 137 14.27 16.55 7.92
C VAL C 137 14.32 16.64 9.44
N PHE C 138 15.49 16.90 9.98
CA PHE C 138 15.63 17.00 11.41
C PHE C 138 15.69 18.48 11.78
N HIS C 139 14.85 18.96 12.71
CA HIS C 139 14.81 20.39 13.13
C HIS C 139 14.16 20.64 14.51
N SER C 140 14.49 21.77 15.15
CA SER C 140 13.80 22.11 16.40
C SER C 140 12.43 22.72 16.13
N PHE C 141 11.56 22.69 17.14
CA PHE C 141 10.24 23.29 17.03
C PHE C 141 10.31 24.76 17.32
N GLY C 142 10.88 25.08 18.48
CA GLY C 142 11.28 26.44 18.80
C GLY C 142 12.66 26.68 18.21
N GLY C 143 13.26 27.82 18.52
CA GLY C 143 14.56 28.12 17.93
C GLY C 143 14.44 28.64 16.51
N GLY C 144 15.29 29.61 16.18
CA GLY C 144 15.06 30.46 15.02
C GLY C 144 15.20 29.80 13.66
N THR C 145 16.35 29.18 13.44
CA THR C 145 16.61 28.58 12.14
C THR C 145 15.92 27.22 12.01
N GLY C 146 15.70 26.55 13.15
CA GLY C 146 14.99 25.27 13.16
C GLY C 146 13.54 25.39 12.73
N SER C 147 12.84 26.37 13.29
CA SER C 147 11.47 26.68 12.89
C SER C 147 11.45 27.38 11.52
N GLY C 148 12.13 28.53 11.45
CA GLY C 148 12.09 29.45 10.32
C GLY C 148 12.58 28.93 8.97
N PHE C 149 13.85 28.55 8.91
CA PHE C 149 14.44 28.08 7.66
C PHE C 149 13.80 26.79 7.26
N THR C 150 13.67 25.85 8.19
CA THR C 150 13.02 24.57 7.92
C THR C 150 11.72 24.74 7.15
N SER C 151 10.91 25.67 7.60
CA SER C 151 9.70 26.07 6.89
C SER C 151 10.00 26.45 5.43
N LEU C 152 10.73 27.53 5.22
CA LEU C 152 11.13 27.92 3.88
C LEU C 152 11.56 26.71 3.05
N LEU C 153 12.49 25.92 3.58
CA LEU C 153 13.00 24.73 2.90
C LEU C 153 11.88 23.83 2.40
N MET C 154 11.00 23.45 3.31
CA MET C 154 9.95 22.49 3.02
C MET C 154 9.02 22.95 1.90
N GLU C 155 8.65 24.24 1.91
CA GLU C 155 7.86 24.79 0.81
C GLU C 155 8.62 24.58 -0.49
N ARG C 156 9.89 25.01 -0.50
CA ARG C 156 10.73 24.93 -1.66
C ARG C 156 10.93 23.49 -2.10
N LEU C 157 11.26 22.63 -1.13
CA LEU C 157 11.43 21.22 -1.39
C LEU C 157 10.17 20.67 -2.07
N SER C 158 9.02 21.05 -1.53
CA SER C 158 7.72 20.66 -2.06
C SER C 158 7.62 21.00 -3.56
N VAL C 159 8.12 22.18 -3.91
CA VAL C 159 8.09 22.64 -5.29
C VAL C 159 9.07 21.86 -6.13
N ASP C 160 10.34 21.81 -5.73
CA ASP C 160 11.41 21.17 -6.52
C ASP C 160 11.27 19.63 -6.61
N TYR C 161 10.58 19.03 -5.63
CA TYR C 161 10.38 17.58 -5.56
C TYR C 161 8.90 17.19 -5.41
N GLY C 162 8.30 16.76 -6.52
CA GLY C 162 6.88 16.43 -6.61
C GLY C 162 6.30 15.39 -5.64
N LYS C 163 6.27 14.12 -6.09
CA LYS C 163 5.81 13.00 -5.25
C LYS C 163 6.54 13.06 -3.89
N LYS C 164 7.85 12.80 -3.96
CA LYS C 164 8.77 12.64 -2.83
C LYS C 164 8.21 13.04 -1.47
N SER C 165 8.08 12.03 -0.62
CA SER C 165 7.59 12.20 0.73
C SER C 165 8.60 12.97 1.53
N LYS C 166 8.10 13.68 2.52
CA LYS C 166 8.98 14.33 3.45
C LYS C 166 8.59 13.91 4.84
N LEU C 167 9.58 13.43 5.59
CA LEU C 167 9.35 13.00 6.95
C LEU C 167 10.11 13.96 7.80
N GLU C 168 9.43 14.53 8.79
CA GLU C 168 10.09 15.43 9.71
C GLU C 168 10.21 14.86 11.15
N PHE C 169 11.36 15.12 11.75
CA PHE C 169 11.64 14.77 13.13
C PHE C 169 11.83 16.10 13.86
N SER C 170 10.81 16.55 14.59
CA SER C 170 10.89 17.85 15.27
C SER C 170 11.13 17.69 16.76
N ILE C 171 11.86 18.63 17.34
CA ILE C 171 12.06 18.64 18.77
C ILE C 171 11.16 19.69 19.42
N TYR C 172 9.99 19.19 19.83
CA TYR C 172 9.02 19.90 20.64
C TYR C 172 9.65 20.27 21.98
N PRO C 173 9.60 21.55 22.33
CA PRO C 173 10.50 22.14 23.32
C PRO C 173 9.98 22.03 24.75
N ALA C 174 10.88 21.99 25.72
CA ALA C 174 10.43 21.85 27.09
C ALA C 174 11.01 22.89 28.01
N PRO C 175 10.12 23.51 28.80
CA PRO C 175 10.44 24.59 29.74
C PRO C 175 11.87 24.62 30.38
N GLN C 176 12.30 23.47 30.91
CA GLN C 176 13.61 23.27 31.56
C GLN C 176 14.76 23.42 30.53
N VAL C 177 15.04 22.36 29.75
CA VAL C 177 16.18 22.40 28.82
C VAL C 177 15.83 23.12 27.53
N SER C 178 15.80 24.46 27.65
CA SER C 178 15.29 25.37 26.65
C SER C 178 16.27 26.50 26.38
N THR C 179 16.17 27.08 25.18
CA THR C 179 16.91 28.30 24.83
C THR C 179 16.08 29.55 25.07
N ALA C 180 14.96 29.63 24.36
CA ALA C 180 14.26 30.89 24.17
C ALA C 180 12.86 30.98 24.75
N VAL C 181 12.50 32.21 25.07
CA VAL C 181 11.26 32.56 25.69
C VAL C 181 10.18 32.52 24.62
N VAL C 182 10.56 32.94 23.41
CA VAL C 182 9.60 33.09 22.33
C VAL C 182 9.28 31.74 21.70
N GLU C 183 9.94 30.70 22.20
CA GLU C 183 9.82 29.36 21.66
C GLU C 183 8.41 29.02 21.13
N PRO C 184 7.39 29.08 21.98
CA PRO C 184 6.02 28.92 21.52
C PRO C 184 5.70 29.63 20.19
N TYR C 185 5.93 30.93 20.08
CA TYR C 185 5.63 31.64 18.83
C TYR C 185 6.26 30.88 17.65
N ASN C 186 7.57 30.68 17.73
CA ASN C 186 8.30 30.02 16.66
C ASN C 186 7.64 28.70 16.28
N SER C 187 7.27 27.90 17.28
CA SER C 187 6.71 26.57 17.04
C SER C 187 5.40 26.61 16.25
N ILE C 188 4.46 27.40 16.75
CA ILE C 188 3.13 27.51 16.16
C ILE C 188 3.22 28.17 14.80
N LEU C 189 4.20 29.05 14.67
CA LEU C 189 4.46 29.67 13.41
C LEU C 189 4.83 28.62 12.35
N THR C 190 5.95 27.91 12.53
CA THR C 190 6.43 26.89 11.57
C THR C 190 5.37 25.79 11.31
N THR C 191 4.99 25.12 12.38
CA THR C 191 4.03 24.04 12.32
C THR C 191 2.82 24.38 11.43
N HIS C 192 2.53 25.67 11.28
CA HIS C 192 1.44 26.08 10.41
C HIS C 192 1.84 26.05 8.95
N THR C 193 2.90 26.77 8.61
CA THR C 193 3.46 26.77 7.26
C THR C 193 3.87 25.34 6.95
N THR C 194 4.76 24.83 7.82
CA THR C 194 5.39 23.50 7.74
C THR C 194 4.41 22.36 7.45
N LEU C 195 3.15 22.59 7.78
CA LEU C 195 2.16 21.54 7.92
C LEU C 195 1.76 20.83 6.65
N GLU C 196 1.40 21.58 5.62
CA GLU C 196 0.87 20.91 4.43
C GLU C 196 1.95 20.64 3.40
N HIS C 197 3.18 20.55 3.89
CA HIS C 197 4.34 20.21 3.06
C HIS C 197 5.03 18.92 3.54
N SER C 198 4.72 18.51 4.77
CA SER C 198 5.17 17.25 5.33
C SER C 198 4.12 16.19 5.02
N ASP C 199 4.52 14.95 5.24
CA ASP C 199 3.62 13.83 5.05
C ASP C 199 3.39 13.14 6.40
N CYS C 200 4.48 12.88 7.11
CA CYS C 200 4.39 12.25 8.41
C CYS C 200 5.47 12.83 9.29
N ALA C 201 5.12 13.18 10.52
CA ALA C 201 6.06 13.90 11.41
C ALA C 201 6.25 13.34 12.82
N PHE C 202 7.51 13.06 13.14
CA PHE C 202 7.83 12.42 14.40
C PHE C 202 8.21 13.39 15.50
N MET C 203 7.27 13.67 16.38
CA MET C 203 7.56 14.61 17.43
C MET C 203 8.38 13.97 18.53
N VAL C 204 9.38 14.70 19.02
CA VAL C 204 10.19 14.30 20.19
C VAL C 204 10.09 15.40 21.23
N ASP C 205 9.36 15.11 22.30
CA ASP C 205 9.14 16.04 23.40
C ASP C 205 10.36 16.02 24.27
N ASN C 206 11.13 17.09 24.19
CA ASN C 206 12.39 17.15 24.92
C ASN C 206 12.25 16.84 26.40
N GLU C 207 11.13 17.25 27.01
CA GLU C 207 10.87 16.96 28.41
C GLU C 207 10.92 15.45 28.66
N ALA C 208 10.11 14.67 27.93
CA ALA C 208 10.04 13.22 28.13
C ALA C 208 11.42 12.59 28.02
N ILE C 209 12.15 12.96 26.98
CA ILE C 209 13.51 12.47 26.78
C ILE C 209 14.32 12.69 28.03
N TYR C 210 14.19 13.90 28.54
CA TYR C 210 14.92 14.33 29.73
C TYR C 210 14.44 13.51 30.91
N ASP C 211 13.18 13.09 30.88
CA ASP C 211 12.57 12.29 31.96
C ASP C 211 13.03 10.84 31.92
N ILE C 212 13.13 10.29 30.71
CA ILE C 212 13.60 8.92 30.52
C ILE C 212 15.05 8.79 31.01
N CYS C 213 15.86 9.80 30.71
CA CYS C 213 17.24 9.85 31.14
C CYS C 213 17.42 9.91 32.65
N ARG C 214 16.43 10.44 33.36
CA ARG C 214 16.56 10.69 34.78
C ARG C 214 16.09 9.48 35.58
N ARG C 215 14.92 8.97 35.25
CA ARG C 215 14.42 7.77 35.92
C ARG C 215 15.27 6.59 35.47
N ASN C 216 15.40 6.43 34.16
CA ASN C 216 15.91 5.18 33.60
C ASN C 216 17.41 5.10 33.39
N LEU C 217 18.09 6.25 33.31
CA LEU C 217 19.54 6.27 33.15
C LEU C 217 20.32 6.68 34.41
N ASP C 218 19.67 7.41 35.31
CA ASP C 218 20.30 7.79 36.56
C ASP C 218 21.05 9.12 36.49
N ILE C 219 21.04 9.75 35.32
CA ILE C 219 21.76 11.01 35.10
C ILE C 219 21.08 12.17 35.82
N GLU C 220 21.75 12.67 36.85
CA GLU C 220 21.16 13.69 37.70
C GLU C 220 20.67 14.93 36.93
N ARG C 221 21.48 15.44 35.98
CA ARG C 221 21.06 16.52 35.07
C ARG C 221 21.61 16.28 33.67
N PRO C 222 20.78 15.70 32.81
CA PRO C 222 21.23 15.13 31.54
C PRO C 222 21.66 16.14 30.47
N THR C 223 22.81 15.88 29.84
CA THR C 223 23.39 16.77 28.81
C THR C 223 22.51 16.80 27.60
N TYR C 224 22.85 17.69 26.68
CA TYR C 224 22.29 17.66 25.34
C TYR C 224 22.68 16.35 24.65
N THR C 225 23.98 16.05 24.66
CA THR C 225 24.49 14.83 24.05
C THR C 225 24.02 13.59 24.83
N ASN C 226 23.66 13.79 26.09
CA ASN C 226 22.97 12.75 26.85
C ASN C 226 21.62 12.38 26.19
N LEU C 227 20.84 13.40 25.84
CA LEU C 227 19.51 13.23 25.27
C LEU C 227 19.64 12.70 23.89
N ASN C 228 20.56 13.30 23.14
CA ASN C 228 20.73 12.96 21.74
C ASN C 228 20.98 11.48 21.51
N ARG C 229 21.80 10.87 22.37
CA ARG C 229 22.14 9.45 22.29
C ARG C 229 20.84 8.64 22.28
N LEU C 230 19.93 9.01 23.18
CA LEU C 230 18.62 8.37 23.31
C LEU C 230 17.79 8.53 22.05
N ILE C 231 17.75 9.74 21.52
CA ILE C 231 17.01 10.02 20.30
C ILE C 231 17.61 9.31 19.10
N GLY C 232 18.95 9.31 19.01
CA GLY C 232 19.66 8.55 18.01
C GLY C 232 19.04 7.18 17.89
N GLN C 233 18.99 6.49 19.02
CA GLN C 233 18.39 5.17 19.14
C GLN C 233 16.95 5.05 18.57
N ILE C 234 16.08 5.98 18.95
CA ILE C 234 14.68 5.93 18.51
C ILE C 234 14.63 6.10 17.00
N VAL C 235 15.37 7.10 16.50
CA VAL C 235 15.44 7.39 15.07
C VAL C 235 15.98 6.19 14.31
N SER C 236 17.09 5.64 14.80
CA SER C 236 17.70 4.46 14.19
C SER C 236 16.77 3.27 14.19
N SER C 237 15.88 3.21 15.17
CA SER C 237 14.89 2.14 15.19
C SER C 237 13.85 2.35 14.10
N ILE C 238 13.56 3.61 13.80
CA ILE C 238 12.55 3.94 12.80
C ILE C 238 13.10 3.79 11.40
N THR C 239 14.26 4.37 11.16
CA THR C 239 14.91 4.26 9.85
C THR C 239 15.32 2.83 9.58
N ALA C 240 15.68 2.12 10.66
CA ALA C 240 16.12 0.73 10.62
C ALA C 240 15.59 -0.08 9.43
N SER C 241 14.37 -0.58 9.60
CA SER C 241 13.60 -1.30 8.59
C SER C 241 14.18 -1.27 7.17
N LEU C 242 14.46 -0.06 6.70
CA LEU C 242 14.86 0.19 5.32
C LEU C 242 16.29 0.67 5.23
N ARG C 243 17.16 0.00 5.96
CA ARG C 243 18.59 0.26 5.94
C ARG C 243 19.31 -1.04 5.70
N PHE C 244 18.60 -2.13 5.99
CA PHE C 244 19.04 -3.48 5.68
C PHE C 244 18.10 -4.15 4.67
N ASP C 245 16.80 -3.91 4.84
CA ASP C 245 15.72 -4.70 4.22
C ASP C 245 15.58 -6.00 5.02
N GLY C 246 14.38 -6.23 5.55
CA GLY C 246 14.03 -7.44 6.28
C GLY C 246 12.59 -7.47 6.81
N ALA C 247 11.88 -8.60 6.62
CA ALA C 247 10.43 -8.77 6.96
C ALA C 247 9.39 -7.62 6.59
N LEU C 248 9.25 -6.56 7.44
CA LEU C 248 8.20 -5.50 7.27
C LEU C 248 8.64 -4.01 7.28
N ASN C 249 7.89 -3.18 6.53
CA ASN C 249 7.95 -1.67 6.45
C ASN C 249 8.98 -1.06 5.43
N VAL C 250 9.04 -1.63 4.21
CA VAL C 250 10.25 -1.56 3.32
C VAL C 250 10.36 -0.53 2.12
N ASP C 251 9.39 0.41 2.04
CA ASP C 251 9.48 1.62 1.19
C ASP C 251 8.67 2.77 1.83
N LEU C 252 9.02 4.02 1.53
CA LEU C 252 8.54 5.22 2.27
C LEU C 252 7.03 5.54 2.30
N THR C 253 6.35 5.43 1.14
CA THR C 253 4.89 5.48 1.03
C THR C 253 4.31 4.42 1.98
N GLU C 254 4.61 3.18 1.64
CA GLU C 254 4.23 1.96 2.35
C GLU C 254 4.32 2.07 3.87
N PHE C 255 5.51 2.44 4.37
CA PHE C 255 5.76 2.58 5.80
C PHE C 255 4.67 3.43 6.44
N GLN C 256 4.54 4.65 5.93
CA GLN C 256 3.66 5.68 6.49
C GLN C 256 2.18 5.55 6.12
N THR C 257 1.88 5.07 4.91
CA THR C 257 0.50 4.76 4.52
C THR C 257 -0.21 3.98 5.61
N ASN C 258 0.56 3.56 6.60
CA ASN C 258 0.09 2.76 7.70
C ASN C 258 -0.20 3.57 8.93
N LEU C 259 0.37 4.77 9.00
CA LEU C 259 0.32 5.56 10.22
C LEU C 259 -0.69 6.70 10.18
N VAL C 260 -0.65 7.50 9.13
CA VAL C 260 -1.62 8.55 8.95
C VAL C 260 -2.83 7.99 8.24
N PRO C 261 -4.00 8.36 8.73
CA PRO C 261 -5.25 8.05 8.03
C PRO C 261 -5.74 9.27 7.29
N TYR C 262 -5.29 10.44 7.73
CA TYR C 262 -5.81 11.69 7.19
C TYR C 262 -4.70 12.68 6.90
N PRO C 263 -4.91 13.56 5.91
CA PRO C 263 -3.79 14.24 5.27
C PRO C 263 -3.14 15.19 6.28
N ARG C 264 -3.94 15.70 7.21
CA ARG C 264 -3.44 16.32 8.42
C ARG C 264 -2.86 15.25 9.33
N ILE C 265 -3.48 15.00 10.48
CA ILE C 265 -3.01 14.02 11.47
C ILE C 265 -1.72 13.21 11.13
N HIS C 266 -0.56 13.88 11.14
CA HIS C 266 0.74 13.26 10.81
C HIS C 266 1.34 12.54 11.98
N PHE C 267 1.08 13.05 13.18
CA PHE C 267 2.09 12.92 14.19
C PHE C 267 1.86 11.69 15.01
N PRO C 268 2.67 10.67 14.76
CA PRO C 268 2.61 9.45 15.55
C PRO C 268 3.40 9.67 16.83
N LEU C 269 3.28 8.73 17.75
CA LEU C 269 3.87 8.83 19.07
C LEU C 269 4.82 7.63 19.23
N ALA C 270 6.10 7.88 19.50
CA ALA C 270 7.07 6.78 19.59
C ALA C 270 7.35 6.37 21.04
N THR C 271 7.68 5.09 21.25
CA THR C 271 7.87 4.59 22.61
C THR C 271 8.97 3.51 22.60
N TYR C 272 10.22 3.92 22.80
CA TYR C 272 11.34 2.98 22.71
C TYR C 272 11.41 2.03 23.89
N ALA C 273 11.78 0.77 23.60
CA ALA C 273 11.51 -0.37 24.48
C ALA C 273 12.31 -0.48 25.77
N PRO C 274 13.49 -1.13 25.75
CA PRO C 274 14.30 -1.19 26.95
C PRO C 274 15.34 -0.09 26.90
N VAL C 275 15.17 0.88 27.79
CA VAL C 275 16.19 1.88 28.02
C VAL C 275 16.71 1.52 29.39
N ILE C 276 17.86 0.88 29.42
CA ILE C 276 18.47 0.52 30.67
C ILE C 276 19.99 0.75 30.64
N SER C 277 20.50 1.25 31.77
CA SER C 277 21.86 1.78 31.93
C SER C 277 22.96 0.74 32.06
N ALA C 278 24.08 0.97 31.36
CA ALA C 278 25.28 0.13 31.51
C ALA C 278 25.78 0.23 32.95
N GLU C 279 26.52 -0.78 33.42
CA GLU C 279 26.98 -0.85 34.82
C GLU C 279 25.82 -0.83 35.80
N GLN C 285 18.42 -10.48 30.83
CA GLN C 285 17.74 -9.64 29.86
C GLN C 285 16.22 -9.69 30.03
N LEU C 286 15.51 -8.78 29.38
CA LEU C 286 14.06 -8.72 29.50
C LEU C 286 13.34 -9.52 28.44
N SER C 287 12.19 -10.06 28.83
CA SER C 287 11.37 -10.90 27.98
C SER C 287 10.71 -10.12 26.85
N VAL C 288 10.43 -10.84 25.76
CA VAL C 288 9.72 -10.30 24.62
C VAL C 288 8.40 -9.67 25.06
N ALA C 289 7.82 -10.23 26.12
CA ALA C 289 6.55 -9.77 26.69
C ALA C 289 6.73 -8.46 27.46
N GLU C 290 7.82 -8.37 28.22
CA GLU C 290 8.10 -7.20 29.06
C GLU C 290 8.27 -5.96 28.20
N ILE C 291 9.17 -6.04 27.21
CA ILE C 291 9.47 -4.91 26.33
C ILE C 291 8.24 -4.46 25.58
N THR C 292 7.50 -5.44 25.05
CA THR C 292 6.19 -5.21 24.45
C THR C 292 5.32 -4.40 25.38
N ASN C 293 5.28 -4.80 26.65
CA ASN C 293 4.45 -4.12 27.63
C ASN C 293 4.94 -2.72 27.99
N ALA C 294 6.26 -2.57 28.07
CA ALA C 294 6.92 -1.28 28.36
C ALA C 294 6.51 -0.23 27.36
N CYS C 295 6.03 -0.68 26.20
CA CYS C 295 5.65 0.21 25.11
C CYS C 295 4.34 0.91 25.39
N PHE C 296 3.56 0.34 26.32
CA PHE C 296 2.29 0.95 26.65
C PHE C 296 2.32 1.72 27.96
N GLU C 297 3.52 2.03 28.43
CA GLU C 297 3.70 2.79 29.64
C GLU C 297 4.02 4.24 29.27
N PRO C 298 3.14 5.16 29.63
CA PRO C 298 3.35 6.59 29.34
C PRO C 298 4.65 7.14 29.95
N ALA C 299 5.14 6.49 30.99
CA ALA C 299 6.45 6.81 31.57
C ALA C 299 7.59 6.52 30.58
N ASN C 300 7.42 5.49 29.75
CA ASN C 300 8.43 5.12 28.77
C ASN C 300 8.16 5.81 27.44
N GLN C 301 7.19 6.73 27.46
CA GLN C 301 6.74 7.42 26.26
C GLN C 301 7.77 8.40 25.76
N MET C 302 7.46 9.02 24.62
CA MET C 302 8.40 9.87 23.92
C MET C 302 7.88 11.27 23.64
N VAL C 303 6.63 11.52 24.04
CA VAL C 303 6.00 12.85 24.09
C VAL C 303 5.12 12.94 25.35
N LYS C 304 5.45 13.87 26.25
CA LYS C 304 4.72 14.03 27.51
C LYS C 304 3.20 14.21 27.30
N CYS C 305 2.47 13.09 27.44
CA CYS C 305 1.00 13.07 27.30
C CYS C 305 0.40 11.76 27.86
N ASP C 306 -0.89 11.50 27.59
CA ASP C 306 -1.63 10.36 28.17
C ASP C 306 -2.58 9.67 27.17
N PRO C 307 -2.16 8.51 26.64
CA PRO C 307 -2.89 7.83 25.56
C PRO C 307 -3.96 6.82 26.02
N ARG C 308 -4.04 6.53 27.32
CA ARG C 308 -5.19 5.79 27.84
C ARG C 308 -6.21 6.85 28.25
N HIS C 309 -6.69 7.57 27.24
CA HIS C 309 -7.35 8.85 27.40
C HIS C 309 -7.95 9.23 26.06
N GLY C 310 -7.07 9.56 25.13
CA GLY C 310 -7.42 9.59 23.71
C GLY C 310 -7.60 8.17 23.16
N LYS C 311 -7.89 8.08 21.87
CA LYS C 311 -8.11 6.78 21.24
C LYS C 311 -6.96 6.45 20.26
N TYR C 312 -6.90 5.21 19.79
CA TYR C 312 -5.86 4.80 18.85
C TYR C 312 -6.46 4.72 17.47
N MET C 313 -5.78 5.32 16.50
CA MET C 313 -6.26 5.24 15.12
C MET C 313 -5.33 4.50 14.18
N ALA C 314 -4.14 4.13 14.69
CA ALA C 314 -3.27 3.18 14.02
C ALA C 314 -2.03 2.89 14.87
N CYS C 315 -1.73 1.60 15.00
CA CYS C 315 -0.64 1.14 15.85
C CYS C 315 0.40 0.31 15.10
N CYS C 316 1.65 0.52 15.48
CA CYS C 316 2.78 -0.12 14.82
C CYS C 316 3.80 -0.59 15.85
N LEU C 317 4.26 -1.84 15.73
CA LEU C 317 5.25 -2.39 16.64
C LEU C 317 6.52 -2.83 15.92
N LEU C 318 7.57 -2.01 16.03
CA LEU C 318 8.84 -2.27 15.35
C LEU C 318 9.89 -2.93 16.25
N TYR C 319 9.93 -4.27 16.21
CA TYR C 319 10.89 -5.09 16.97
C TYR C 319 12.26 -5.14 16.30
N ARG C 320 13.30 -5.19 17.14
CA ARG C 320 14.70 -5.24 16.71
C ARG C 320 15.50 -6.21 17.58
N GLY C 321 15.86 -7.37 17.01
CA GLY C 321 16.74 -8.31 17.69
C GLY C 321 16.40 -9.79 17.56
N ASP C 322 16.44 -10.49 18.68
CA ASP C 322 16.22 -11.93 18.72
C ASP C 322 14.75 -12.25 19.04
N VAL C 323 13.93 -12.40 18.00
CA VAL C 323 12.48 -12.60 18.17
C VAL C 323 11.84 -13.53 17.12
N VAL C 324 11.28 -14.65 17.58
CA VAL C 324 10.31 -15.42 16.78
C VAL C 324 8.99 -14.70 17.04
N PRO C 325 8.21 -14.43 15.99
CA PRO C 325 6.90 -13.78 16.15
C PRO C 325 5.95 -14.52 17.12
N LYS C 326 6.24 -15.79 17.39
CA LYS C 326 5.43 -16.65 18.27
C LYS C 326 5.20 -15.98 19.63
N ASP C 327 6.25 -15.37 20.16
CA ASP C 327 6.15 -14.66 21.43
C ASP C 327 5.50 -13.32 21.20
N VAL C 328 5.93 -12.61 20.15
CA VAL C 328 5.37 -11.29 19.83
C VAL C 328 3.85 -11.34 19.85
N ASN C 329 3.30 -12.40 19.26
CA ASN C 329 1.87 -12.67 19.30
C ASN C 329 1.39 -12.86 20.74
N ALA C 330 1.94 -13.88 21.39
CA ALA C 330 1.57 -14.23 22.75
C ALA C 330 1.66 -13.04 23.71
N ALA C 331 2.53 -12.08 23.40
CA ALA C 331 2.63 -10.83 24.16
C ALA C 331 1.41 -9.94 23.92
N ILE C 332 1.22 -9.54 22.65
CA ILE C 332 0.05 -8.77 22.23
C ILE C 332 -1.24 -9.31 22.85
N ALA C 333 -1.37 -10.63 22.88
CA ALA C 333 -2.53 -11.27 23.49
C ALA C 333 -2.84 -10.62 24.84
N THR C 334 -1.85 -10.66 25.74
CA THR C 334 -2.05 -10.25 27.13
C THR C 334 -1.94 -8.74 27.35
N ILE C 335 -1.53 -8.00 26.30
CA ILE C 335 -1.62 -6.53 26.30
C ILE C 335 -3.10 -6.11 26.20
N LYS C 336 -3.90 -6.95 25.52
CA LYS C 336 -5.36 -6.77 25.33
C LYS C 336 -6.24 -7.36 26.44
N THR C 337 -5.78 -8.45 27.02
CA THR C 337 -6.43 -9.11 28.17
C THR C 337 -6.33 -8.27 29.45
N LYS C 338 -5.26 -7.47 29.56
CA LYS C 338 -4.93 -6.77 30.81
C LYS C 338 -4.81 -5.25 30.72
N ARG C 339 -5.22 -4.63 29.59
CA ARG C 339 -5.11 -3.16 29.47
C ARG C 339 -6.24 -2.43 28.73
N THR C 340 -6.06 -1.12 28.66
CA THR C 340 -6.91 -0.21 27.91
C THR C 340 -6.65 -0.38 26.40
N ILE C 341 -7.50 -1.21 25.77
CA ILE C 341 -7.44 -1.51 24.33
C ILE C 341 -7.40 -0.21 23.52
N GLN C 342 -8.57 0.46 23.42
CA GLN C 342 -8.70 1.89 23.09
C GLN C 342 -8.78 2.28 21.59
N PHE C 343 -9.18 1.35 20.73
CA PHE C 343 -9.11 1.59 19.27
C PHE C 343 -10.31 2.29 18.70
N VAL C 344 -10.07 3.21 17.77
CA VAL C 344 -11.12 4.13 17.40
C VAL C 344 -12.12 3.59 16.37
N ASP C 345 -13.36 3.42 16.83
CA ASP C 345 -14.57 3.23 16.01
C ASP C 345 -14.48 2.59 14.62
N TRP C 346 -13.70 3.21 13.76
CA TRP C 346 -13.72 2.95 12.31
C TRP C 346 -12.35 2.55 11.69
N CYS C 347 -11.60 1.65 12.32
CA CYS C 347 -10.36 1.13 11.76
C CYS C 347 -9.90 -0.08 12.56
N PRO C 348 -9.66 -1.23 11.91
CA PRO C 348 -9.35 -2.51 12.57
C PRO C 348 -9.08 -2.52 14.10
N THR C 349 -8.21 -3.42 14.57
CA THR C 349 -7.49 -3.24 15.85
C THR C 349 -6.04 -3.62 15.51
N GLY C 350 -5.46 -2.76 14.66
CA GLY C 350 -4.17 -2.95 13.99
C GLY C 350 -3.04 -3.79 14.60
N PHE C 351 -1.93 -3.11 14.89
CA PHE C 351 -0.64 -3.76 15.15
C PHE C 351 -0.04 -4.39 13.89
N LYS C 352 0.51 -3.53 13.04
CA LYS C 352 1.43 -3.96 11.99
C LYS C 352 2.73 -4.27 12.72
N VAL C 353 3.16 -5.52 12.63
CA VAL C 353 4.38 -5.95 13.32
C VAL C 353 5.54 -6.22 12.37
N GLY C 354 6.65 -5.52 12.59
CA GLY C 354 7.84 -5.69 11.78
C GLY C 354 8.99 -6.14 12.65
N ILE C 355 9.67 -7.20 12.22
CA ILE C 355 10.87 -7.62 12.91
C ILE C 355 12.07 -7.43 12.02
N ASN C 356 13.05 -6.71 12.54
CA ASN C 356 14.37 -6.66 11.94
C ASN C 356 15.40 -7.32 12.83
N TYR C 357 15.92 -8.47 12.38
CA TYR C 357 16.76 -9.36 13.19
C TYR C 357 18.01 -8.72 13.78
N GLN C 358 18.60 -7.79 13.02
CA GLN C 358 19.78 -7.05 13.47
C GLN C 358 19.67 -6.56 14.93
N PRO C 359 20.52 -7.11 15.81
CA PRO C 359 20.46 -6.77 17.24
C PRO C 359 20.87 -5.31 17.42
N PRO C 360 20.31 -4.62 18.42
CA PRO C 360 20.61 -3.20 18.62
C PRO C 360 22.02 -2.97 19.17
N THR C 361 22.84 -2.22 18.42
CA THR C 361 24.14 -1.79 18.92
C THR C 361 23.97 -0.44 19.58
N VAL C 362 24.85 -0.15 20.54
CA VAL C 362 24.79 1.08 21.34
C VAL C 362 26.20 1.69 21.42
N VAL C 363 26.28 3.02 21.41
CA VAL C 363 27.56 3.73 21.45
C VAL C 363 28.39 3.23 22.64
N PRO C 364 29.65 2.82 22.40
CA PRO C 364 30.41 2.00 23.36
C PRO C 364 30.68 2.61 24.74
N GLY C 365 31.10 3.87 24.79
CA GLY C 365 31.27 4.57 26.05
C GLY C 365 30.03 5.37 26.40
N GLY C 366 28.88 4.86 25.95
CA GLY C 366 27.60 5.53 26.14
C GLY C 366 26.97 5.19 27.47
N ASP C 367 25.69 5.52 27.61
CA ASP C 367 24.99 5.38 28.89
C ASP C 367 24.02 4.20 28.94
N LEU C 368 23.72 3.64 27.77
CA LEU C 368 22.80 2.51 27.62
C LEU C 368 23.56 1.22 27.29
N ALA C 369 23.12 0.10 27.87
CA ALA C 369 23.80 -1.18 27.69
C ALA C 369 23.32 -1.92 26.45
N LYS C 370 24.19 -2.78 25.93
CA LYS C 370 23.89 -3.59 24.76
C LYS C 370 22.72 -4.52 25.06
N VAL C 371 21.63 -4.39 24.30
CA VAL C 371 20.44 -5.20 24.55
C VAL C 371 20.25 -6.34 23.55
N GLN C 372 19.62 -7.41 24.03
CA GLN C 372 19.35 -8.60 23.23
C GLN C 372 18.21 -8.41 22.24
N ARG C 373 17.24 -7.59 22.64
CA ARG C 373 16.04 -7.30 21.85
C ARG C 373 15.34 -6.01 22.33
N ALA C 374 15.00 -5.13 21.39
CA ALA C 374 14.30 -3.88 21.70
C ALA C 374 13.11 -3.65 20.77
N VAL C 375 12.12 -2.88 21.24
CA VAL C 375 10.88 -2.63 20.51
C VAL C 375 10.71 -1.15 20.23
N CYS C 376 9.78 -0.78 19.36
CA CYS C 376 9.58 0.65 19.08
C CYS C 376 8.19 1.28 19.10
N MET C 377 7.16 0.57 18.66
CA MET C 377 5.78 1.07 18.74
C MET C 377 5.56 2.53 18.32
N LEU C 378 5.15 2.70 17.07
CA LEU C 378 4.66 3.99 16.58
C LEU C 378 3.16 3.93 16.54
N SER C 379 2.53 4.86 17.23
CA SER C 379 1.09 4.88 17.36
C SER C 379 0.57 6.26 17.06
N ASN C 380 -0.36 6.34 16.10
CA ASN C 380 -1.01 7.62 15.81
C ASN C 380 -2.26 7.76 16.64
N THR C 381 -2.09 8.26 17.87
CA THR C 381 -3.18 8.42 18.85
C THR C 381 -3.63 9.86 18.98
N THR C 382 -4.92 10.06 19.16
CA THR C 382 -5.50 11.40 19.31
C THR C 382 -4.95 12.03 20.56
N ALA C 383 -4.37 11.21 21.43
CA ALA C 383 -3.82 11.68 22.69
C ALA C 383 -2.74 12.73 22.52
N ILE C 384 -1.96 12.61 21.45
CA ILE C 384 -0.85 13.51 21.21
C ILE C 384 -1.29 14.96 21.08
N ALA C 385 -2.58 15.20 20.88
CA ALA C 385 -3.11 16.56 20.87
C ALA C 385 -2.91 17.34 22.19
N GLU C 386 -2.64 16.62 23.28
CA GLU C 386 -2.32 17.19 24.60
C GLU C 386 -1.15 18.14 24.53
N ALA C 387 -0.13 17.76 23.78
CA ALA C 387 1.02 18.63 23.54
C ALA C 387 0.70 19.78 22.60
N TRP C 388 -0.25 19.58 21.68
CA TRP C 388 -0.68 20.64 20.80
C TRP C 388 -1.34 21.80 21.55
N ALA C 389 -2.06 21.49 22.63
CA ALA C 389 -2.67 22.54 23.45
C ALA C 389 -1.66 23.13 24.41
N ARG C 390 -0.95 22.26 25.13
CA ARG C 390 0.05 22.67 26.10
C ARG C 390 0.95 23.74 25.52
N LEU C 391 1.10 23.69 24.20
CA LEU C 391 1.83 24.69 23.44
C LEU C 391 1.01 25.93 23.19
N ASP C 392 -0.20 25.77 22.65
CA ASP C 392 -1.02 26.91 22.26
C ASP C 392 -1.37 27.81 23.44
N HIS C 393 -1.55 27.21 24.61
CA HIS C 393 -1.90 27.97 25.78
C HIS C 393 -0.76 28.88 26.16
N LYS C 394 0.48 28.40 25.99
CA LYS C 394 1.67 29.25 26.13
C LYS C 394 1.62 30.39 25.12
N PHE C 395 1.50 30.04 23.84
CA PHE C 395 1.32 31.00 22.76
C PHE C 395 0.20 31.96 23.10
N ASP C 396 -1.02 31.46 23.23
CA ASP C 396 -2.21 32.30 23.40
C ASP C 396 -2.04 33.44 24.41
N LEU C 397 -1.27 33.16 25.45
CA LEU C 397 -1.25 33.98 26.63
C LEU C 397 -0.06 34.92 26.65
N MET C 398 0.73 34.83 25.59
CA MET C 398 1.72 35.84 25.24
C MET C 398 1.11 36.77 24.20
N TYR C 399 0.67 36.21 23.08
CA TYR C 399 0.04 36.97 22.01
C TYR C 399 -1.15 37.78 22.50
N ALA C 400 -1.80 37.27 23.55
CA ALA C 400 -2.83 38.00 24.26
C ALA C 400 -2.38 39.42 24.62
N LYS C 401 -1.10 39.71 24.41
CA LYS C 401 -0.53 41.00 24.77
C LYS C 401 0.55 41.48 23.79
N ARG C 402 0.64 40.80 22.63
CA ARG C 402 1.64 41.06 21.58
C ARG C 402 3.06 40.89 22.11
N ALA C 403 3.15 40.27 23.28
CA ALA C 403 4.35 40.13 24.09
C ALA C 403 5.70 40.22 23.39
N PHE C 404 5.85 39.66 22.22
CA PHE C 404 7.14 39.76 21.57
C PHE C 404 7.00 39.95 20.07
N VAL C 405 5.74 39.92 19.61
CA VAL C 405 5.38 40.17 18.21
C VAL C 405 6.24 41.22 17.51
N HIS C 406 6.52 42.30 18.21
CA HIS C 406 7.19 43.44 17.62
C HIS C 406 8.58 43.08 17.07
N TRP C 407 9.11 41.92 17.46
CA TRP C 407 10.42 41.49 17.00
C TRP C 407 10.34 40.80 15.66
N TYR C 408 9.13 40.34 15.34
CA TYR C 408 8.89 39.66 14.08
C TYR C 408 8.51 40.69 13.03
N VAL C 409 7.51 41.50 13.33
CA VAL C 409 7.14 42.62 12.48
C VAL C 409 8.37 43.46 12.15
N GLY C 410 9.38 43.36 13.02
CA GLY C 410 10.66 44.03 12.84
C GLY C 410 11.36 43.48 11.60
N GLU C 411 11.53 42.17 11.54
CA GLU C 411 12.10 41.54 10.34
C GLU C 411 11.00 41.43 9.29
N GLY C 412 10.04 42.35 9.35
CA GLY C 412 9.06 42.55 8.31
C GLY C 412 7.94 41.54 8.17
N MET C 413 7.47 40.99 9.28
CA MET C 413 6.37 40.05 9.24
C MET C 413 5.04 40.73 9.55
N GLU C 414 3.94 40.01 9.32
CA GLU C 414 2.60 40.54 9.41
C GLU C 414 1.94 40.11 10.70
N GLU C 415 1.38 41.08 11.42
CA GLU C 415 0.58 40.79 12.63
C GLU C 415 -0.43 39.71 12.34
N GLY C 416 -1.03 39.78 11.15
CA GLY C 416 -2.01 38.83 10.69
C GLY C 416 -1.53 37.39 10.55
N GLU C 417 -0.23 37.18 10.41
CA GLU C 417 0.30 35.81 10.22
C GLU C 417 0.18 34.98 11.49
N PHE C 418 0.37 35.62 12.64
CA PHE C 418 0.15 35.01 13.96
C PHE C 418 -1.31 34.59 14.10
N SER C 419 -2.20 35.55 13.87
CA SER C 419 -3.64 35.32 13.77
C SER C 419 -3.89 34.06 12.96
N GLU C 420 -3.42 34.10 11.72
CA GLU C 420 -3.55 33.04 10.73
C GLU C 420 -2.95 31.66 11.12
N ALA C 421 -1.83 31.68 11.86
CA ALA C 421 -1.10 30.47 12.21
C ALA C 421 -1.69 29.82 13.43
N ARG C 422 -2.16 30.64 14.36
CA ARG C 422 -2.90 30.16 15.52
C ARG C 422 -4.21 29.57 15.06
N GLU C 423 -4.86 30.30 14.14
CA GLU C 423 -6.10 29.89 13.49
C GLU C 423 -6.09 28.42 13.10
N ASP C 424 -4.92 27.98 12.67
CA ASP C 424 -4.72 26.62 12.18
C ASP C 424 -4.60 25.60 13.31
N MET C 425 -4.04 26.02 14.45
CA MET C 425 -3.89 25.11 15.59
C MET C 425 -5.22 24.92 16.30
N ALA C 426 -6.01 25.97 16.33
CA ALA C 426 -7.40 25.86 16.71
C ALA C 426 -8.00 24.79 15.82
N ALA C 427 -7.90 25.00 14.52
CA ALA C 427 -8.38 24.04 13.56
C ALA C 427 -7.90 22.62 13.88
N LEU C 428 -6.58 22.45 14.05
CA LEU C 428 -6.00 21.12 14.21
C LEU C 428 -6.51 20.49 15.48
N GLU C 429 -6.34 21.19 16.58
CA GLU C 429 -6.84 20.76 17.89
C GLU C 429 -8.30 20.29 17.84
N LYS C 430 -9.05 20.85 16.88
CA LYS C 430 -10.43 20.46 16.59
C LYS C 430 -10.43 19.15 15.82
N ASP C 431 -9.85 19.17 14.62
CA ASP C 431 -9.69 17.97 13.81
C ASP C 431 -9.43 16.74 14.71
N TYR C 432 -8.36 16.84 15.50
CA TYR C 432 -7.88 15.78 16.40
C TYR C 432 -8.94 15.22 17.35
N GLU C 433 -9.47 16.07 18.22
CA GLU C 433 -10.56 15.69 19.10
C GLU C 433 -11.79 15.22 18.32
N GLU C 434 -11.95 15.78 17.12
CA GLU C 434 -13.05 15.47 16.21
C GLU C 434 -12.90 14.11 15.51
N VAL C 435 -12.08 13.24 16.06
CA VAL C 435 -11.92 11.89 15.52
C VAL C 435 -12.47 10.82 16.50
N GLY C 436 -12.74 11.22 17.74
CA GLY C 436 -13.30 10.30 18.73
C GLY C 436 -14.74 9.89 18.48
N VAL C 437 -15.05 8.64 18.79
CA VAL C 437 -16.41 8.06 18.86
C VAL C 437 -17.39 8.31 17.70
N ASP C 438 -18.45 7.50 17.65
CA ASP C 438 -19.50 7.64 16.62
C ASP C 438 -20.88 7.88 17.23
N ARG D 2 28.31 38.08 17.07
CA ARG D 2 29.43 37.25 16.59
C ARG D 2 30.74 38.04 16.48
N GLU D 3 30.82 39.18 17.20
CA GLU D 3 31.95 40.16 17.14
C GLU D 3 31.48 41.63 17.23
N ILE D 4 31.93 42.35 18.28
CA ILE D 4 31.35 43.67 18.69
C ILE D 4 32.32 44.82 18.99
N VAL D 5 31.96 46.03 18.57
CA VAL D 5 32.77 47.18 18.89
C VAL D 5 32.32 47.84 20.17
N HIS D 6 33.22 48.66 20.71
CA HIS D 6 32.98 49.32 21.96
C HIS D 6 33.29 50.80 21.83
N ILE D 7 32.30 51.63 22.10
CA ILE D 7 32.54 53.06 22.28
C ILE D 7 32.49 53.37 23.76
N GLN D 8 33.38 54.26 24.18
CA GLN D 8 33.60 54.57 25.57
C GLN D 8 33.82 56.07 25.73
N ALA D 9 32.73 56.82 25.95
CA ALA D 9 32.78 58.28 25.86
C ALA D 9 32.45 59.03 27.14
N GLY D 10 33.19 60.11 27.37
CA GLY D 10 32.96 60.97 28.52
C GLY D 10 33.63 60.47 29.79
N GLN D 11 34.12 61.42 30.59
CA GLN D 11 34.85 61.17 31.86
C GLN D 11 34.43 59.87 32.57
N CYS D 12 33.13 59.75 32.85
CA CYS D 12 32.61 58.58 33.56
C CYS D 12 32.65 57.37 32.63
N GLY D 13 32.08 57.54 31.44
CA GLY D 13 32.18 56.51 30.43
C GLY D 13 33.56 55.88 30.37
N ASN D 14 34.61 56.71 30.40
CA ASN D 14 35.97 56.22 30.24
C ASN D 14 36.55 55.59 31.49
N GLN D 15 36.24 56.19 32.64
CA GLN D 15 36.74 55.69 33.92
C GLN D 15 36.17 54.31 34.19
N ILE D 16 34.95 54.07 33.71
CA ILE D 16 34.28 52.78 33.82
C ILE D 16 34.93 51.79 32.87
N GLY D 17 35.05 52.24 31.61
CA GLY D 17 35.52 51.42 30.53
C GLY D 17 36.91 50.93 30.81
N ALA D 18 37.79 51.86 31.15
CA ALA D 18 39.15 51.52 31.48
C ALA D 18 39.22 50.41 32.52
N LYS D 19 38.30 50.42 33.49
CA LYS D 19 38.27 49.37 34.50
C LYS D 19 37.69 48.09 33.92
N PHE D 20 36.54 48.20 33.26
CA PHE D 20 35.93 47.06 32.56
C PHE D 20 36.99 46.32 31.77
N TRP D 21 37.66 47.04 30.88
CA TRP D 21 38.68 46.47 30.02
C TRP D 21 39.76 45.75 30.79
N GLU D 22 40.31 46.41 31.82
CA GLU D 22 41.38 45.80 32.59
C GLU D 22 40.89 44.57 33.39
N VAL D 23 39.61 44.53 33.74
CA VAL D 23 39.05 43.37 34.42
C VAL D 23 38.94 42.19 33.47
N ILE D 24 38.34 42.39 32.30
CA ILE D 24 38.17 41.29 31.35
C ILE D 24 39.50 40.87 30.75
N SER D 25 40.38 41.84 30.50
CA SER D 25 41.69 41.53 29.97
C SER D 25 42.40 40.57 30.89
N ASP D 26 41.98 40.55 32.14
CA ASP D 26 42.55 39.65 33.12
C ASP D 26 41.87 38.28 33.14
N GLU D 27 40.60 38.23 32.75
CA GLU D 27 39.87 36.97 32.67
C GLU D 27 40.46 36.11 31.57
N HIS D 28 40.70 36.75 30.44
CA HIS D 28 41.28 36.11 29.27
C HIS D 28 42.78 36.00 29.45
N GLY D 29 43.34 36.88 30.27
CA GLY D 29 44.77 36.90 30.47
C GLY D 29 45.43 37.62 29.31
N ILE D 30 45.65 38.92 29.49
CA ILE D 30 46.42 39.72 28.54
C ILE D 30 47.34 40.71 29.27
N ASP D 31 48.59 40.78 28.82
CA ASP D 31 49.58 41.73 29.32
C ASP D 31 49.04 43.13 29.14
N PRO D 32 49.74 44.13 29.67
CA PRO D 32 49.43 45.50 29.30
C PRO D 32 49.44 45.64 27.78
N THR D 33 50.38 44.99 27.09
CA THR D 33 50.42 45.05 25.62
C THR D 33 50.20 43.68 25.06
N GLY D 34 51.15 42.79 25.35
CA GLY D 34 51.23 41.50 24.72
C GLY D 34 49.95 40.69 24.70
N SER D 35 50.11 39.40 24.75
CA SER D 35 49.01 38.51 24.53
C SER D 35 48.78 37.58 25.71
N TYR D 36 48.44 36.34 25.38
CA TYR D 36 48.03 35.36 26.37
C TYR D 36 49.17 34.88 27.27
N HIS D 37 48.90 34.81 28.56
CA HIS D 37 49.76 34.16 29.53
C HIS D 37 48.85 33.69 30.67
N GLY D 38 48.61 32.39 30.72
CA GLY D 38 47.70 31.80 31.69
C GLY D 38 47.43 30.34 31.39
N ASP D 39 47.41 29.50 32.43
CA ASP D 39 47.29 28.04 32.27
C ASP D 39 45.93 27.52 31.77
N SER D 40 44.90 28.39 31.78
CA SER D 40 43.59 28.11 31.18
C SER D 40 43.69 28.03 29.63
N ASP D 41 42.66 27.53 28.96
CA ASP D 41 42.69 27.44 27.50
C ASP D 41 41.51 28.12 26.84
N LEU D 42 40.32 27.93 27.44
CA LEU D 42 39.08 28.45 26.90
C LEU D 42 39.22 29.90 26.42
N GLN D 43 39.44 30.81 27.37
CA GLN D 43 39.74 32.25 27.15
C GLN D 43 39.63 32.78 25.72
N LEU D 44 40.49 32.28 24.85
CA LEU D 44 40.61 32.79 23.50
C LEU D 44 39.58 32.25 22.50
N GLU D 45 38.68 31.35 22.93
CA GLU D 45 37.59 30.91 22.06
C GLU D 45 36.85 32.13 21.57
N ARG D 46 36.48 32.98 22.51
CA ARG D 46 35.64 34.12 22.20
C ARG D 46 36.38 35.42 22.32
N ILE D 47 37.70 35.37 22.45
CA ILE D 47 38.52 36.59 22.52
C ILE D 47 38.27 37.46 21.28
N ASN D 48 37.83 36.76 20.23
CA ASN D 48 37.38 37.34 19.00
C ASN D 48 36.45 38.52 19.22
N VAL D 49 35.43 38.28 20.03
CA VAL D 49 34.32 39.19 20.22
C VAL D 49 34.72 40.56 20.71
N TYR D 50 35.74 40.65 21.55
CA TYR D 50 36.07 41.93 22.15
C TYR D 50 37.42 42.45 21.77
N TYR D 51 38.19 41.65 21.02
CA TYR D 51 39.58 41.96 20.69
C TYR D 51 39.94 41.75 19.22
N ASN D 52 39.95 42.84 18.44
CA ASN D 52 40.48 42.82 17.08
C ASN D 52 41.99 42.73 17.21
N GLU D 53 42.59 41.61 16.79
CA GLU D 53 44.00 41.37 17.06
C GLU D 53 44.93 41.78 15.92
N ALA D 54 46.09 42.33 16.28
CA ALA D 54 47.06 42.96 15.35
C ALA D 54 48.47 42.35 15.40
N THR D 55 49.39 42.92 14.60
CA THR D 55 50.71 42.33 14.29
C THR D 55 51.51 41.80 15.49
N GLY D 56 52.45 40.89 15.22
CA GLY D 56 53.17 40.17 16.26
C GLY D 56 52.26 39.14 16.90
N ASN D 57 52.24 39.09 18.23
CA ASN D 57 51.19 38.38 18.94
C ASN D 57 50.09 39.39 19.14
N LYS D 58 50.12 40.06 20.30
CA LYS D 58 49.33 41.26 20.57
C LYS D 58 47.82 41.07 20.38
N TYR D 59 47.02 41.79 21.16
CA TYR D 59 45.60 41.52 21.17
C TYR D 59 44.65 42.74 21.24
N VAL D 60 45.14 43.94 20.92
CA VAL D 60 44.35 45.19 20.93
C VAL D 60 42.80 45.10 20.95
N PRO D 61 42.19 45.72 21.96
CA PRO D 61 40.74 45.69 22.12
C PRO D 61 40.01 46.59 21.13
N ARG D 62 38.78 46.20 20.80
CA ARG D 62 37.93 46.89 19.85
C ARG D 62 37.33 48.05 20.60
N ALA D 63 38.10 49.11 20.74
CA ALA D 63 37.66 50.18 21.59
C ALA D 63 37.91 51.55 21.01
N ILE D 64 36.86 52.35 20.94
CA ILE D 64 36.98 53.76 20.67
C ILE D 64 36.77 54.48 21.98
N LEU D 65 37.68 55.40 22.26
CA LEU D 65 37.59 56.30 23.41
C LEU D 65 37.30 57.70 22.93
N VAL D 66 36.18 58.26 23.35
CA VAL D 66 35.83 59.60 22.95
C VAL D 66 35.76 60.49 24.17
N ASP D 67 36.30 61.71 24.07
CA ASP D 67 36.13 62.74 25.11
C ASP D 67 36.28 64.15 24.54
N LEU D 68 35.76 65.14 25.25
CA LEU D 68 35.79 66.51 24.77
C LEU D 68 36.88 67.41 25.42
N GLU D 69 37.83 66.75 26.09
CA GLU D 69 39.08 67.37 26.54
C GLU D 69 40.12 66.27 26.89
N PRO D 70 41.42 66.54 26.66
CA PRO D 70 42.50 65.57 27.00
C PRO D 70 42.29 64.90 28.35
N GLY D 71 42.32 65.70 29.41
CA GLY D 71 41.96 65.26 30.75
C GLY D 71 42.02 63.76 31.02
N THR D 72 40.87 63.09 30.93
CA THR D 72 40.73 61.71 31.41
C THR D 72 41.08 60.61 30.40
N MET D 73 41.82 60.99 29.36
CA MET D 73 42.34 60.04 28.38
C MET D 73 43.79 59.70 28.73
N ASP D 74 44.54 60.74 29.03
CA ASP D 74 45.91 60.64 29.55
C ASP D 74 45.93 60.02 30.97
N SER D 75 44.74 59.94 31.57
CA SER D 75 44.53 59.22 32.83
C SER D 75 44.75 57.73 32.60
N VAL D 76 44.01 57.19 31.64
CA VAL D 76 44.07 55.76 31.29
C VAL D 76 45.40 55.41 30.68
N ARG D 77 45.91 56.26 29.79
CA ARG D 77 47.17 55.99 29.10
C ARG D 77 48.37 56.00 30.05
N SER D 78 48.30 56.82 31.11
CA SER D 78 49.38 56.89 32.08
C SER D 78 49.15 56.00 33.29
N GLY D 79 48.18 55.09 33.18
CA GLY D 79 47.77 54.28 34.32
C GLY D 79 47.70 52.79 34.07
N PRO D 80 46.54 52.19 34.37
CA PRO D 80 46.44 50.75 34.59
C PRO D 80 46.84 49.93 33.37
N PHE D 81 46.00 49.97 32.35
CA PHE D 81 46.21 49.21 31.13
C PHE D 81 46.18 50.13 29.91
N GLY D 82 46.99 51.18 29.95
CA GLY D 82 46.98 52.20 28.91
C GLY D 82 47.74 51.81 27.65
N GLN D 83 48.74 50.96 27.83
CA GLN D 83 49.56 50.50 26.72
C GLN D 83 48.77 49.58 25.78
N ILE D 84 47.48 49.39 26.04
CA ILE D 84 46.76 48.40 25.29
C ILE D 84 45.96 48.97 24.13
N PHE D 85 45.26 50.08 24.34
CA PHE D 85 44.34 50.62 23.34
C PHE D 85 45.11 51.18 22.18
N ARG D 86 44.63 50.93 20.97
CA ARG D 86 45.33 51.39 19.78
C ARG D 86 45.57 52.89 19.89
N PRO D 87 46.82 53.29 19.69
CA PRO D 87 47.23 54.69 19.85
C PRO D 87 46.27 55.71 19.21
N ASP D 88 45.62 55.39 18.09
CA ASP D 88 44.72 56.35 17.44
C ASP D 88 43.28 55.93 17.44
N ASN D 89 42.89 55.22 18.49
CA ASN D 89 41.48 54.98 18.74
C ASN D 89 41.00 55.98 19.79
N PHE D 90 41.86 56.97 20.07
CA PHE D 90 41.57 58.05 21.00
C PHE D 90 41.11 59.24 20.18
N VAL D 91 39.87 59.70 20.41
CA VAL D 91 39.45 60.99 19.85
C VAL D 91 39.36 62.09 20.93
N PHE D 92 40.29 63.05 20.86
CA PHE D 92 40.43 64.16 21.82
C PHE D 92 39.31 65.20 21.76
N GLY D 93 39.48 66.29 22.46
CA GLY D 93 38.43 67.28 22.51
C GLY D 93 38.89 68.72 22.49
N GLN D 94 39.96 69.01 23.23
CA GLN D 94 40.55 70.36 23.35
C GLN D 94 39.65 71.35 24.11
N SER D 95 38.47 71.58 23.53
CA SER D 95 37.43 72.44 24.09
C SER D 95 36.88 71.90 25.41
N GLY D 96 35.82 72.52 25.92
CA GLY D 96 35.08 72.01 27.06
C GLY D 96 34.07 70.90 26.75
N ALA D 97 33.67 70.21 27.81
CA ALA D 97 32.47 69.38 27.82
C ALA D 97 31.36 70.32 28.26
N GLY D 98 31.72 71.24 29.14
CA GLY D 98 30.77 72.16 29.72
C GLY D 98 29.92 71.56 30.84
N ASN D 99 29.85 70.22 30.89
CA ASN D 99 28.93 69.50 31.77
C ASN D 99 27.52 69.97 31.45
N ASN D 100 27.23 69.93 30.15
CA ASN D 100 26.08 70.58 29.56
C ASN D 100 25.70 69.79 28.34
N TRP D 101 24.47 69.27 28.31
CA TRP D 101 24.05 68.31 27.29
C TRP D 101 24.03 68.92 25.89
N ALA D 102 23.55 70.14 25.80
CA ALA D 102 23.52 70.87 24.53
C ALA D 102 24.90 70.89 23.92
N LYS D 103 25.86 71.45 24.64
CA LYS D 103 27.26 71.42 24.23
C LYS D 103 27.64 70.04 23.63
N GLY D 104 27.44 68.99 24.41
CA GLY D 104 27.81 67.66 24.00
C GLY D 104 27.08 67.15 22.77
N HIS D 105 25.80 67.47 22.66
CA HIS D 105 24.92 66.88 21.63
C HIS D 105 24.81 67.73 20.37
N TYR D 106 25.10 69.02 20.49
CA TYR D 106 24.93 69.94 19.37
C TYR D 106 26.22 70.66 19.03
N THR D 107 26.60 71.67 19.83
CA THR D 107 27.74 72.51 19.48
C THR D 107 29.10 71.81 19.60
N GLU D 108 29.68 71.83 20.80
CA GLU D 108 31.05 71.34 21.01
C GLU D 108 31.20 69.83 20.67
N GLY D 109 30.08 69.11 20.68
CA GLY D 109 30.11 67.70 20.37
C GLY D 109 30.10 67.38 18.89
N ALA D 110 29.06 67.81 18.17
CA ALA D 110 28.92 67.56 16.73
C ALA D 110 30.03 68.26 15.94
N GLU D 111 30.70 69.19 16.59
CA GLU D 111 31.99 69.70 16.18
C GLU D 111 32.95 68.53 15.91
N LEU D 112 33.03 67.59 16.87
CA LEU D 112 33.90 66.42 16.74
C LEU D 112 33.20 65.27 16.00
N VAL D 113 32.23 64.63 16.66
CA VAL D 113 31.39 63.61 16.05
C VAL D 113 31.97 62.79 14.89
N ASP D 114 32.27 63.41 13.76
CA ASP D 114 32.74 62.70 12.56
C ASP D 114 33.98 61.87 12.80
N SER D 115 35.04 62.51 13.29
CA SER D 115 36.32 61.85 13.62
C SER D 115 36.17 60.63 14.54
N VAL D 116 35.03 60.54 15.23
CA VAL D 116 34.67 59.37 16.01
C VAL D 116 34.03 58.33 15.08
N LEU D 117 33.03 58.77 14.33
CA LEU D 117 32.38 57.95 13.33
C LEU D 117 33.39 57.41 12.31
N ASP D 118 34.32 58.27 11.89
CA ASP D 118 35.40 57.86 10.99
C ASP D 118 36.16 56.66 11.55
N VAL D 119 36.29 56.61 12.86
CA VAL D 119 37.03 55.55 13.52
C VAL D 119 36.14 54.34 13.81
N VAL D 120 34.89 54.56 14.20
CA VAL D 120 33.95 53.42 14.36
C VAL D 120 33.69 52.70 13.04
N ARG D 121 33.58 53.47 11.96
CA ARG D 121 33.44 52.93 10.62
C ARG D 121 34.66 52.08 10.20
N LYS D 122 35.85 52.37 10.72
CA LYS D 122 37.05 51.58 10.43
C LYS D 122 37.03 50.25 11.16
N GLU D 123 36.75 50.28 12.46
CA GLU D 123 36.72 49.05 13.25
C GLU D 123 35.59 48.14 12.79
N SER D 124 34.44 48.74 12.52
CA SER D 124 33.26 48.01 12.08
C SER D 124 33.41 47.45 10.66
N GLU D 125 33.86 48.30 9.75
CA GLU D 125 34.12 47.90 8.38
C GLU D 125 35.19 46.81 8.30
N SER D 126 35.98 46.66 9.35
CA SER D 126 36.98 45.59 9.41
C SER D 126 36.59 44.55 10.48
N CYS D 127 35.28 44.35 10.65
CA CYS D 127 34.73 43.19 11.35
C CYS D 127 34.44 42.05 10.37
N ASP D 128 34.33 40.84 10.90
CA ASP D 128 33.94 39.69 10.09
C ASP D 128 32.42 39.56 10.01
N CYS D 129 31.76 39.66 11.16
CA CYS D 129 30.30 39.76 11.23
C CYS D 129 30.01 40.60 12.47
N LEU D 130 29.78 41.91 12.27
CA LEU D 130 29.60 42.85 13.36
C LEU D 130 28.29 42.70 14.12
N GLN D 131 28.37 42.32 15.39
CA GLN D 131 27.19 42.13 16.23
C GLN D 131 26.42 43.42 16.43
N GLY D 132 27.17 44.47 16.71
CA GLY D 132 26.64 45.75 17.08
C GLY D 132 27.61 46.52 17.97
N PHE D 133 27.10 47.58 18.61
CA PHE D 133 27.93 48.44 19.40
C PHE D 133 27.37 48.46 20.78
N GLN D 134 28.27 48.56 21.76
CA GLN D 134 27.87 48.95 23.11
C GLN D 134 28.67 50.16 23.54
N LEU D 135 28.05 51.01 24.34
CA LEU D 135 28.64 52.27 24.75
C LEU D 135 28.52 52.42 26.24
N THR D 136 29.57 52.95 26.86
CA THR D 136 29.50 53.38 28.25
C THR D 136 29.58 54.88 28.31
N HIS D 137 28.92 55.44 29.33
CA HIS D 137 28.86 56.89 29.56
C HIS D 137 28.00 57.28 30.77
N SER D 138 28.34 58.43 31.37
CA SER D 138 27.49 59.14 32.34
C SER D 138 26.17 59.66 31.70
N LEU D 139 25.09 59.74 32.48
CA LEU D 139 23.84 60.28 31.94
C LEU D 139 23.61 61.75 32.24
N GLY D 140 24.04 62.18 33.43
CA GLY D 140 24.17 63.59 33.78
C GLY D 140 25.57 64.03 33.41
N GLY D 141 25.82 65.34 33.26
CA GLY D 141 27.07 65.81 32.68
C GLY D 141 27.15 65.56 31.18
N GLY D 142 27.74 66.52 30.46
CA GLY D 142 27.53 66.67 29.01
C GLY D 142 28.18 65.83 27.91
N THR D 143 29.50 65.69 27.92
CA THR D 143 30.17 64.92 26.87
C THR D 143 29.76 63.45 26.89
N GLY D 144 29.63 62.87 28.08
CA GLY D 144 29.18 61.50 28.22
C GLY D 144 27.80 61.28 27.64
N SER D 145 26.80 61.92 28.24
CA SER D 145 25.43 61.74 27.82
C SER D 145 25.18 62.42 26.48
N GLY D 146 25.49 63.70 26.40
CA GLY D 146 25.17 64.49 25.22
C GLY D 146 25.72 63.99 23.90
N MET D 147 27.04 63.87 23.81
CA MET D 147 27.68 63.41 22.61
C MET D 147 27.40 61.95 22.41
N GLY D 148 27.42 61.18 23.50
CA GLY D 148 26.96 59.81 23.46
C GLY D 148 25.66 59.56 22.70
N THR D 149 24.57 60.17 23.17
CA THR D 149 23.26 60.02 22.56
C THR D 149 23.23 60.47 21.10
N LEU D 150 24.11 61.42 20.81
CA LEU D 150 24.35 61.90 19.44
C LEU D 150 24.96 60.76 18.67
N LEU D 151 26.08 60.27 19.18
CA LEU D 151 26.78 59.17 18.57
C LEU D 151 25.83 58.04 18.23
N ILE D 152 25.06 57.55 19.21
CA ILE D 152 24.15 56.42 18.96
C ILE D 152 23.15 56.77 17.88
N SER D 153 22.72 58.03 17.87
CA SER D 153 21.78 58.48 16.85
C SER D 153 22.45 58.49 15.50
N LYS D 154 23.76 58.76 15.51
CA LYS D 154 24.54 58.75 14.28
C LYS D 154 25.01 57.36 13.92
N ILE D 155 24.94 56.43 14.88
CA ILE D 155 25.33 55.03 14.67
C ILE D 155 24.20 54.22 14.03
N ARG D 156 23.00 54.26 14.64
CA ARG D 156 21.77 53.97 13.91
C ARG D 156 21.85 54.90 12.72
N GLU D 157 21.17 54.56 11.63
CA GLU D 157 21.26 55.39 10.44
C GLU D 157 22.42 54.89 9.59
N GLU D 158 23.60 54.77 10.21
CA GLU D 158 24.73 54.14 9.53
C GLU D 158 24.54 52.60 9.59
N TYR D 159 24.07 52.16 10.75
CA TYR D 159 23.87 50.75 11.05
C TYR D 159 22.57 50.56 11.82
N PRO D 160 21.42 50.68 11.17
CA PRO D 160 20.13 50.34 11.78
C PRO D 160 20.01 48.85 12.09
N ASP D 161 20.12 48.04 11.03
CA ASP D 161 20.85 46.78 10.99
C ASP D 161 21.24 46.07 12.29
N ARG D 162 22.30 46.55 12.90
CA ARG D 162 22.96 45.94 14.07
C ARG D 162 22.50 46.58 15.37
N ILE D 163 22.69 45.89 16.49
CA ILE D 163 22.00 46.34 17.72
C ILE D 163 22.75 47.27 18.71
N MET D 164 21.96 48.01 19.46
CA MET D 164 22.47 49.11 20.26
C MET D 164 22.43 48.81 21.75
N ASN D 165 23.57 48.93 22.39
CA ASN D 165 23.72 48.54 23.77
C ASN D 165 24.43 49.64 24.53
N THR D 166 23.91 50.00 25.70
CA THR D 166 24.56 51.01 26.56
C THR D 166 24.60 50.68 28.02
N PHE D 167 25.74 50.97 28.61
CA PHE D 167 25.85 51.07 30.04
C PHE D 167 25.76 52.56 30.37
N SER D 168 24.64 52.94 30.97
CA SER D 168 24.36 54.33 31.19
C SER D 168 24.16 54.61 32.68
N VAL D 169 25.11 55.31 33.29
CA VAL D 169 25.05 55.60 34.70
C VAL D 169 24.09 56.73 35.04
N MET D 170 22.89 56.36 35.50
CA MET D 170 21.86 57.29 35.95
C MET D 170 22.34 58.07 37.21
N PRO D 171 22.46 59.40 37.13
CA PRO D 171 23.04 60.22 38.21
C PRO D 171 22.07 60.60 39.34
N SER D 172 22.61 61.09 40.45
CA SER D 172 21.84 61.21 41.67
C SER D 172 22.28 62.38 42.52
N PRO D 173 21.39 62.87 43.39
CA PRO D 173 21.72 63.92 44.36
C PRO D 173 23.00 63.62 45.16
N LYS D 174 23.03 62.53 45.92
CA LYS D 174 24.24 62.14 46.65
C LYS D 174 25.31 61.61 45.68
N VAL D 175 26.54 62.06 45.87
CA VAL D 175 27.67 61.85 44.94
C VAL D 175 27.45 62.33 43.48
N SER D 176 27.42 63.66 43.37
CA SER D 176 27.21 64.37 42.14
C SER D 176 27.90 65.73 42.27
N ASP D 177 28.27 66.29 41.14
CA ASP D 177 29.09 67.50 41.02
C ASP D 177 28.27 68.71 40.55
N THR D 178 27.07 68.45 40.01
CA THR D 178 26.26 69.43 39.27
C THR D 178 24.79 69.55 39.68
N VAL D 179 24.34 70.80 39.80
CA VAL D 179 22.94 71.12 39.97
C VAL D 179 22.07 70.72 38.78
N VAL D 180 22.71 70.52 37.62
CA VAL D 180 21.96 70.33 36.37
C VAL D 180 21.71 68.87 35.98
N GLU D 181 22.24 67.92 36.76
CA GLU D 181 22.13 66.51 36.37
C GLU D 181 20.74 66.07 35.87
N PRO D 182 19.65 66.37 36.61
CA PRO D 182 18.29 66.18 36.09
C PRO D 182 18.15 66.45 34.59
N TYR D 183 18.40 67.69 34.17
CA TYR D 183 18.31 68.11 32.76
C TYR D 183 19.09 67.16 31.86
N ASN D 184 20.38 67.03 32.15
CA ASN D 184 21.27 66.21 31.37
C ASN D 184 20.76 64.77 31.29
N ALA D 185 20.25 64.25 32.41
CA ALA D 185 19.76 62.89 32.45
C ALA D 185 18.48 62.72 31.64
N THR D 186 17.52 63.61 31.89
CA THR D 186 16.21 63.52 31.25
C THR D 186 16.32 63.62 29.73
N LEU D 187 17.21 64.49 29.28
CA LEU D 187 17.40 64.79 27.86
C LEU D 187 17.96 63.62 27.09
N SER D 188 18.77 62.82 27.79
CA SER D 188 19.35 61.59 27.25
C SER D 188 18.41 60.39 27.42
N VAL D 189 17.72 60.32 28.55
CA VAL D 189 16.74 59.28 28.82
C VAL D 189 15.72 59.19 27.66
N HIS D 190 15.29 60.36 27.17
CA HIS D 190 14.41 60.47 26.00
C HIS D 190 15.15 59.91 24.79
N GLN D 191 16.33 60.43 24.52
CA GLN D 191 17.15 59.92 23.45
C GLN D 191 17.31 58.37 23.45
N LEU D 192 17.66 57.79 24.61
CA LEU D 192 17.90 56.34 24.76
C LEU D 192 16.69 55.48 24.42
N VAL D 193 15.53 55.82 24.98
CA VAL D 193 14.30 55.09 24.69
C VAL D 193 13.99 54.94 23.18
N GLU D 194 14.63 55.74 22.34
CA GLU D 194 14.35 55.71 20.90
C GLU D 194 15.41 54.97 20.12
N ASN D 195 16.64 55.03 20.62
CA ASN D 195 17.81 54.73 19.83
C ASN D 195 18.63 53.54 20.27
N THR D 196 18.34 52.98 21.44
CA THR D 196 19.04 51.77 21.84
C THR D 196 18.09 50.63 21.85
N ASP D 197 18.65 49.44 22.06
CA ASP D 197 17.89 48.21 22.09
C ASP D 197 17.88 47.58 23.48
N GLU D 198 18.98 47.72 24.20
CA GLU D 198 18.99 47.53 25.65
C GLU D 198 19.88 48.56 26.30
N THR D 199 19.41 49.11 27.41
CA THR D 199 20.26 49.88 28.28
C THR D 199 20.34 49.25 29.67
N TYR D 200 21.58 49.08 30.13
CA TYR D 200 21.80 48.70 31.52
C TYR D 200 21.68 49.99 32.34
N SER D 201 20.73 49.98 33.27
CA SER D 201 20.51 51.11 34.14
C SER D 201 21.40 50.92 35.34
N ILE D 202 22.57 51.54 35.30
CA ILE D 202 23.41 51.62 36.49
C ILE D 202 23.12 52.93 37.25
N ASP D 203 22.46 52.81 38.39
CA ASP D 203 22.12 53.97 39.20
C ASP D 203 23.30 54.34 40.07
N ASN D 204 23.81 55.55 39.88
CA ASN D 204 24.87 56.01 40.74
C ASN D 204 24.40 56.08 42.20
N GLU D 205 23.12 56.41 42.39
CA GLU D 205 22.50 56.38 43.71
C GLU D 205 22.69 55.01 44.33
N ALA D 206 22.21 53.99 43.65
CA ALA D 206 22.31 52.62 44.14
C ALA D 206 23.73 52.32 44.54
N LEU D 207 24.64 52.56 43.61
CA LEU D 207 26.04 52.20 43.77
C LEU D 207 26.52 52.63 45.13
N TYR D 208 26.35 53.92 45.43
CA TYR D 208 26.76 54.51 46.71
C TYR D 208 26.11 53.82 47.92
N ASP D 209 24.84 53.44 47.79
CA ASP D 209 24.08 52.76 48.85
C ASP D 209 24.70 51.42 49.23
N ILE D 210 25.13 50.66 48.22
CA ILE D 210 25.82 49.40 48.40
C ILE D 210 27.16 49.60 49.17
N CYS D 211 27.62 50.84 49.27
CA CYS D 211 28.90 51.14 49.91
C CYS D 211 28.78 51.58 51.35
N PHE D 212 27.70 52.29 51.69
CA PHE D 212 27.47 52.72 53.08
C PHE D 212 26.57 51.75 53.82
N ARG D 213 25.44 51.38 53.18
CA ARG D 213 24.37 50.56 53.78
C ARG D 213 24.80 49.10 53.97
N THR D 214 25.71 48.65 53.10
CA THR D 214 26.30 47.32 53.17
C THR D 214 27.74 47.37 52.63
N LEU D 215 28.70 47.76 53.45
CA LEU D 215 30.12 47.75 53.09
C LEU D 215 31.05 48.47 54.09
N LYS D 216 30.50 49.10 55.13
CA LYS D 216 31.27 49.88 56.12
C LYS D 216 32.35 50.78 55.50
N LEU D 217 32.07 51.25 54.28
CA LEU D 217 32.96 52.13 53.52
C LEU D 217 32.51 53.58 53.65
N THR D 218 33.22 54.31 54.51
CA THR D 218 32.86 55.68 54.89
C THR D 218 32.75 56.68 53.72
N THR D 219 33.88 57.02 53.09
CA THR D 219 33.92 58.13 52.15
C THR D 219 34.28 57.66 50.73
N PRO D 220 33.28 57.20 49.98
CA PRO D 220 33.50 56.45 48.72
C PRO D 220 33.99 57.24 47.49
N THR D 221 35.15 56.83 46.94
CA THR D 221 35.74 57.44 45.75
C THR D 221 34.83 57.21 44.59
N TYR D 222 35.10 57.92 43.50
CA TYR D 222 34.64 57.49 42.20
C TYR D 222 35.25 56.12 41.92
N GLY D 223 36.21 55.74 42.75
CA GLY D 223 36.92 54.48 42.62
C GLY D 223 36.18 53.27 43.15
N ASP D 224 36.28 53.02 44.46
CA ASP D 224 35.60 51.88 45.06
C ASP D 224 34.10 52.13 44.94
N LEU D 225 33.63 51.96 43.71
CA LEU D 225 32.32 52.37 43.29
C LEU D 225 32.33 52.01 41.82
N ASN D 226 33.35 52.51 41.11
CA ASN D 226 33.66 52.04 39.75
C ASN D 226 34.01 50.59 39.80
N HIS D 227 34.63 50.19 40.92
CA HIS D 227 34.94 48.79 41.13
C HIS D 227 33.69 47.88 41.08
N LEU D 228 32.56 48.39 41.58
CA LEU D 228 31.28 47.69 41.48
C LEU D 228 30.79 47.49 40.04
N VAL D 229 30.79 48.56 39.26
CA VAL D 229 30.33 48.54 37.87
C VAL D 229 31.17 47.63 36.97
N SER D 230 32.49 47.81 37.06
CA SER D 230 33.47 46.92 36.43
C SER D 230 33.19 45.46 36.73
N ALA D 231 32.98 45.12 38.01
CA ALA D 231 32.60 43.77 38.37
C ALA D 231 31.27 43.41 37.69
N THR D 232 30.28 44.30 37.83
CA THR D 232 28.95 44.08 37.29
C THR D 232 29.03 43.87 35.80
N MET D 233 29.80 44.71 35.13
CA MET D 233 29.90 44.63 33.68
C MET D 233 30.48 43.30 33.22
N SER D 234 31.56 42.87 33.88
CA SER D 234 32.20 41.61 33.55
C SER D 234 31.16 40.47 33.55
N GLY D 235 30.46 40.34 34.68
CA GLY D 235 29.46 39.30 34.87
C GLY D 235 28.24 39.38 33.95
N VAL D 236 27.92 40.59 33.51
CA VAL D 236 26.81 40.80 32.60
C VAL D 236 27.20 40.31 31.19
N THR D 237 28.47 40.47 30.82
CA THR D 237 28.93 40.20 29.47
C THR D 237 29.37 38.77 29.28
N THR D 238 29.67 38.09 30.37
CA THR D 238 30.21 36.73 30.30
C THR D 238 29.75 35.91 29.08
N CYS D 239 28.45 35.81 28.86
CA CYS D 239 28.00 34.83 27.88
C CYS D 239 28.34 35.20 26.48
N LEU D 240 28.59 36.48 26.25
CA LEU D 240 29.03 36.94 24.95
C LEU D 240 30.46 36.45 24.66
N ARG D 241 31.26 36.39 25.73
CA ARG D 241 32.70 36.14 25.62
C ARG D 241 33.23 34.90 26.34
N PHE D 242 32.53 33.77 26.26
CA PHE D 242 33.04 32.55 26.93
C PHE D 242 32.77 31.11 26.37
N PRO D 243 31.57 30.54 26.57
CA PRO D 243 31.44 29.08 26.54
C PRO D 243 31.45 28.53 25.14
N GLY D 244 30.29 28.01 24.72
CA GLY D 244 30.09 27.12 23.58
C GLY D 244 28.82 26.38 23.96
N GLN D 245 27.92 27.16 24.52
CA GLN D 245 26.76 26.70 25.25
C GLN D 245 25.67 27.79 25.22
N LEU D 246 25.05 27.99 24.06
CA LEU D 246 25.82 28.25 22.88
C LEU D 246 25.56 29.74 22.59
N ASN D 247 26.57 30.55 22.89
CA ASN D 247 26.89 31.84 22.25
C ASN D 247 26.36 33.23 22.72
N ALA D 248 25.05 33.39 22.91
CA ALA D 248 24.47 34.73 23.17
C ALA D 248 24.76 35.77 22.06
N ASP D 249 23.77 35.94 21.20
CA ASP D 249 23.90 36.83 20.06
C ASP D 249 23.85 38.30 20.48
N LEU D 250 23.44 38.59 21.73
CA LEU D 250 23.23 39.98 22.16
C LEU D 250 22.05 40.58 21.38
N ARG D 251 21.83 40.06 20.18
CA ARG D 251 20.58 40.25 19.47
C ARG D 251 19.66 39.26 20.10
N LYS D 252 20.19 38.08 20.42
CA LYS D 252 19.40 37.08 21.10
C LYS D 252 19.00 37.62 22.46
N LEU D 253 19.97 38.23 23.17
CA LEU D 253 19.71 38.87 24.46
C LEU D 253 18.55 39.83 24.39
N ALA D 254 18.54 40.66 23.36
CA ALA D 254 17.47 41.61 23.17
C ALA D 254 16.13 40.90 22.96
N VAL D 255 16.03 40.12 21.90
CA VAL D 255 14.79 39.48 21.51
C VAL D 255 14.15 38.73 22.66
N ASN D 256 14.97 38.29 23.59
CA ASN D 256 14.48 37.51 24.70
C ASN D 256 14.15 38.32 25.95
N MET D 257 14.79 39.46 26.09
CA MET D 257 14.59 40.22 27.30
C MET D 257 13.53 41.28 27.16
N VAL D 258 13.40 41.86 25.97
CA VAL D 258 12.50 43.00 25.80
C VAL D 258 11.22 42.63 25.10
N PRO D 259 10.13 42.57 25.83
CA PRO D 259 8.82 42.26 25.26
C PRO D 259 8.26 43.40 24.43
N PHE D 260 8.55 44.63 24.86
CA PHE D 260 8.02 45.79 24.19
C PHE D 260 9.13 46.77 23.84
N PRO D 261 9.04 47.33 22.63
CA PRO D 261 10.19 47.96 21.96
C PRO D 261 10.79 49.06 22.82
N ARG D 262 9.93 49.79 23.54
CA ARG D 262 10.39 50.87 24.41
C ARG D 262 11.13 50.35 25.65
N LEU D 263 10.55 49.38 26.36
CA LEU D 263 11.02 49.09 27.71
C LEU D 263 12.30 48.25 27.84
N HIS D 264 13.43 48.76 27.32
CA HIS D 264 14.72 48.04 27.46
C HIS D 264 15.53 48.39 28.68
N PHE D 265 14.89 48.59 29.82
CA PHE D 265 15.67 49.06 30.95
C PHE D 265 15.88 48.03 32.03
N PHE D 266 17.12 47.59 32.10
CA PHE D 266 17.51 46.47 32.93
C PHE D 266 18.10 46.98 34.24
N MET D 267 17.69 46.38 35.36
CA MET D 267 18.48 46.53 36.57
C MET D 267 19.39 45.35 36.68
N PRO D 268 20.70 45.61 36.72
CA PRO D 268 21.70 44.57 36.99
C PRO D 268 21.85 44.35 38.48
N GLY D 269 22.54 43.29 38.86
CA GLY D 269 22.76 42.99 40.26
C GLY D 269 23.94 42.06 40.36
N PHE D 270 24.68 42.13 41.45
CA PHE D 270 25.84 41.26 41.61
C PHE D 270 25.75 40.37 42.84
N ALA D 271 26.50 39.28 42.81
CA ALA D 271 26.49 38.31 43.90
C ALA D 271 27.32 38.82 45.08
N PRO D 272 28.60 38.44 45.17
CA PRO D 272 29.44 38.93 46.27
C PRO D 272 30.04 40.29 45.89
N LEU D 273 30.40 41.09 46.90
CA LEU D 273 30.88 42.45 46.63
C LEU D 273 32.13 42.79 47.40
N THR D 274 32.87 43.79 46.88
CA THR D 274 33.70 44.67 47.72
C THR D 274 35.20 44.89 47.33
N SER D 275 36.12 44.80 48.29
CA SER D 275 37.49 45.34 48.15
C SER D 275 38.65 44.51 48.77
N ARG D 276 39.55 45.27 49.38
CA ARG D 276 40.89 44.85 49.76
C ARG D 276 40.84 43.89 50.97
N GLY D 277 41.29 44.35 52.13
CA GLY D 277 41.28 43.58 53.38
C GLY D 277 39.89 43.41 53.99
N SER D 278 38.86 43.59 53.15
CA SER D 278 37.47 43.30 53.51
C SER D 278 37.02 41.98 52.87
N GLN D 279 37.49 41.69 51.65
CA GLN D 279 37.28 40.36 51.08
C GLN D 279 38.11 39.31 51.84
N GLN D 280 37.37 38.41 52.49
CA GLN D 280 37.88 37.34 53.32
C GLN D 280 36.82 36.25 53.34
N TYR D 281 35.73 36.47 52.60
CA TYR D 281 34.54 35.61 52.71
C TYR D 281 34.70 34.26 52.03
N ARG D 282 34.47 34.22 50.72
CA ARG D 282 34.40 32.98 49.93
C ARG D 282 33.55 31.86 50.59
N ALA D 283 32.95 32.16 51.76
CA ALA D 283 31.90 31.33 52.40
C ALA D 283 30.52 31.53 51.69
N LEU D 284 30.57 31.99 50.43
CA LEU D 284 29.44 32.19 49.49
C LEU D 284 29.01 30.84 48.94
N THR D 285 27.70 30.58 48.92
CA THR D 285 27.25 29.17 48.92
C THR D 285 26.35 28.65 47.78
N VAL D 286 25.64 29.55 47.09
CA VAL D 286 24.60 29.25 46.06
C VAL D 286 23.21 29.61 46.60
N PRO D 287 22.70 28.91 47.63
CA PRO D 287 21.55 29.43 48.37
C PRO D 287 21.82 30.86 48.82
N GLU D 288 22.88 31.07 49.61
CA GLU D 288 23.32 32.40 50.05
C GLU D 288 23.70 33.28 48.86
N LEU D 289 23.96 32.66 47.71
CA LEU D 289 24.29 33.37 46.49
C LEU D 289 23.07 33.83 45.71
N THR D 290 21.99 33.06 45.77
CA THR D 290 20.77 33.43 45.06
C THR D 290 20.02 34.54 45.77
N GLN D 291 19.68 34.29 47.04
CA GLN D 291 19.02 35.26 47.90
C GLN D 291 19.65 36.63 47.80
N GLN D 292 20.99 36.64 47.65
CA GLN D 292 21.79 37.87 47.57
C GLN D 292 21.76 38.57 46.19
N MET D 293 21.76 37.80 45.11
CA MET D 293 21.73 38.38 43.79
C MET D 293 20.34 38.91 43.45
N PHE D 294 19.35 38.52 44.27
CA PHE D 294 17.96 38.88 44.02
C PHE D 294 17.39 39.88 45.00
N ASP D 295 18.16 40.17 46.04
CA ASP D 295 17.82 41.13 47.10
C ASP D 295 17.84 42.56 46.59
N SER D 296 16.83 43.32 46.95
CA SER D 296 16.72 44.71 46.51
C SER D 296 17.96 45.49 46.91
N LYS D 297 18.39 45.25 48.16
CA LYS D 297 19.63 45.78 48.72
C LYS D 297 20.85 45.54 47.82
N ASN D 298 20.68 44.78 46.73
CA ASN D 298 21.80 44.32 45.93
C ASN D 298 21.61 44.50 44.42
N MET D 299 20.73 45.41 44.03
CA MET D 299 20.57 45.79 42.64
C MET D 299 21.62 46.83 42.28
N MET D 300 21.77 47.11 40.99
CA MET D 300 22.67 48.16 40.56
C MET D 300 21.86 49.40 40.21
N ALA D 301 20.54 49.29 40.35
CA ALA D 301 19.62 50.41 40.20
C ALA D 301 18.89 50.65 41.52
N ALA D 302 18.76 51.93 41.91
CA ALA D 302 18.17 52.29 43.20
C ALA D 302 16.65 52.19 43.13
N CYS D 303 16.16 50.96 43.27
CA CYS D 303 14.72 50.69 43.27
C CYS D 303 14.53 49.26 43.72
N ASP D 304 13.63 49.07 44.68
CA ASP D 304 13.33 47.76 45.22
C ASP D 304 12.36 47.04 44.29
N PRO D 305 12.80 45.94 43.69
CA PRO D 305 11.91 45.12 42.87
C PRO D 305 10.95 44.38 43.78
N ARG D 306 10.13 45.17 44.44
CA ARG D 306 8.99 44.68 45.19
C ARG D 306 7.81 45.37 44.54
N HIS D 307 7.78 46.69 44.65
CA HIS D 307 6.85 47.53 43.91
C HIS D 307 7.27 47.31 42.48
N GLY D 308 6.46 46.57 41.74
CA GLY D 308 6.82 46.24 40.38
C GLY D 308 7.38 44.84 40.23
N ARG D 309 6.80 44.12 39.28
CA ARG D 309 7.14 42.74 39.00
C ARG D 309 8.23 42.64 37.95
N TYR D 310 8.74 41.43 37.78
CA TYR D 310 9.74 41.18 36.79
C TYR D 310 9.05 40.77 35.48
N LEU D 311 9.47 41.40 34.38
CA LEU D 311 9.04 41.01 33.05
C LEU D 311 9.80 39.75 32.68
N THR D 312 11.12 39.89 32.52
CA THR D 312 11.97 38.78 32.16
C THR D 312 13.24 38.92 32.96
N VAL D 313 13.87 37.80 33.27
CA VAL D 313 15.15 37.84 33.98
C VAL D 313 16.18 36.89 33.41
N ALA D 314 17.39 37.42 33.23
CA ALA D 314 18.56 36.60 32.92
C ALA D 314 19.49 36.56 34.13
N ALA D 315 19.89 35.37 34.55
CA ALA D 315 20.83 35.22 35.64
C ALA D 315 21.92 34.24 35.29
N VAL D 316 23.15 34.63 35.60
CA VAL D 316 24.32 33.88 35.15
C VAL D 316 25.39 33.73 36.25
N PHE D 317 25.55 32.49 36.70
CA PHE D 317 26.44 32.15 37.81
C PHE D 317 27.88 32.03 37.34
N ARG D 318 28.79 31.75 38.27
CA ARG D 318 30.22 31.72 37.97
C ARG D 318 31.07 30.88 38.93
N GLY D 319 31.75 29.86 38.39
CA GLY D 319 32.68 29.06 39.17
C GLY D 319 32.25 27.62 39.31
N ARG D 320 33.23 26.71 39.22
CA ARG D 320 32.95 25.26 39.27
C ARG D 320 32.14 24.93 40.53
N MET D 321 30.83 24.81 40.35
CA MET D 321 29.92 24.45 41.44
C MET D 321 28.74 23.61 40.97
N SER D 322 28.24 22.77 41.87
CA SER D 322 27.12 21.86 41.62
C SER D 322 25.91 22.59 41.06
N MET D 323 25.83 22.67 39.74
CA MET D 323 24.75 23.38 39.09
C MET D 323 23.42 22.61 39.18
N LYS D 324 23.50 21.34 39.56
CA LYS D 324 22.30 20.61 39.97
C LYS D 324 21.56 21.41 41.04
N GLU D 325 22.31 22.00 41.96
CA GLU D 325 21.74 22.83 43.03
C GLU D 325 21.25 24.21 42.55
N VAL D 326 21.91 24.77 41.54
CA VAL D 326 21.49 26.06 40.98
C VAL D 326 20.06 25.98 40.47
N ASP D 327 19.78 24.97 39.64
CA ASP D 327 18.47 24.76 39.06
C ASP D 327 17.36 24.90 40.08
N GLU D 328 17.47 24.12 41.16
CA GLU D 328 16.43 24.04 42.18
C GLU D 328 16.40 25.21 43.18
N GLN D 329 17.51 25.93 43.30
CA GLN D 329 17.55 27.15 44.10
C GLN D 329 16.85 28.23 43.31
N MET D 330 17.16 28.29 42.02
CA MET D 330 16.58 29.24 41.09
C MET D 330 15.07 29.05 41.03
N LEU D 331 14.66 27.79 41.04
CA LEU D 331 13.24 27.46 41.06
C LEU D 331 12.58 27.88 42.36
N ASN D 332 13.35 27.86 43.45
CA ASN D 332 12.84 28.28 44.75
C ASN D 332 12.60 29.77 44.81
N VAL D 333 13.39 30.54 44.08
CA VAL D 333 13.23 32.00 44.04
C VAL D 333 11.90 32.36 43.36
N GLN D 334 11.55 31.61 42.32
CA GLN D 334 10.29 31.83 41.62
C GLN D 334 9.11 31.11 42.28
N ASN D 335 9.27 30.75 43.55
CA ASN D 335 8.20 30.15 44.33
C ASN D 335 7.95 30.90 45.62
N LYS D 336 8.99 31.03 46.46
CA LYS D 336 8.93 31.90 47.64
C LYS D 336 8.68 33.36 47.25
N ASN D 337 8.65 33.62 45.93
CA ASN D 337 8.32 34.93 45.34
C ASN D 337 7.46 34.82 44.07
N SER D 338 6.82 33.66 43.87
CA SER D 338 6.05 33.35 42.65
C SER D 338 5.18 34.49 42.11
N SER D 339 4.61 35.28 43.02
CA SER D 339 3.74 36.39 42.65
C SER D 339 4.45 37.48 41.83
N TYR D 340 5.75 37.65 42.06
CA TYR D 340 6.52 38.80 41.53
C TYR D 340 7.28 38.49 40.24
N PHE D 341 6.85 37.43 39.56
CA PHE D 341 7.23 37.19 38.19
C PHE D 341 5.96 37.08 37.37
N VAL D 342 5.86 37.94 36.35
CA VAL D 342 4.64 38.12 35.61
C VAL D 342 4.08 36.79 35.09
N GLU D 343 2.77 36.59 35.27
CA GLU D 343 2.13 35.33 34.90
C GLU D 343 2.05 35.09 33.39
N TRP D 344 2.11 36.16 32.58
CA TRP D 344 1.79 36.04 31.16
C TRP D 344 2.98 35.87 30.21
N ILE D 345 4.18 35.71 30.78
CA ILE D 345 5.34 35.31 30.02
C ILE D 345 5.86 34.05 30.69
N PRO D 346 5.72 32.92 30.01
CA PRO D 346 6.01 31.62 30.61
C PRO D 346 7.50 31.41 30.70
N ASN D 347 7.96 30.58 31.64
CA ASN D 347 9.39 30.27 31.85
C ASN D 347 10.35 31.45 31.63
N ASN D 348 9.94 32.59 32.17
CA ASN D 348 10.49 33.90 31.81
C ASN D 348 11.75 34.31 32.56
N VAL D 349 12.36 33.32 33.20
CA VAL D 349 13.69 33.48 33.77
C VAL D 349 14.57 32.29 33.40
N LYS D 350 15.64 32.60 32.67
CA LYS D 350 16.60 31.61 32.21
C LYS D 350 17.94 31.83 32.92
N THR D 351 18.51 30.74 33.40
CA THR D 351 19.76 30.81 34.14
C THR D 351 20.79 29.94 33.51
N ALA D 352 22.01 30.45 33.50
CA ALA D 352 23.17 29.76 32.94
C ALA D 352 24.34 29.78 33.94
N VAL D 353 25.26 28.85 33.78
CA VAL D 353 26.42 28.76 34.65
C VAL D 353 27.66 28.84 33.81
N CYS D 354 28.69 29.51 34.29
CA CYS D 354 30.01 29.39 33.67
C CYS D 354 31.06 29.12 34.70
N ASP D 355 31.96 28.20 34.39
CA ASP D 355 32.88 27.65 35.39
C ASP D 355 34.28 28.23 35.36
N ILE D 356 34.39 29.50 35.02
CA ILE D 356 35.67 30.19 35.22
C ILE D 356 35.51 31.53 36.00
N PRO D 357 35.89 31.49 37.30
CA PRO D 357 35.66 32.59 38.25
C PRO D 357 36.19 33.96 37.79
N PRO D 358 35.61 35.07 38.26
CA PRO D 358 36.16 36.42 37.99
C PRO D 358 37.45 36.69 38.78
N ARG D 359 37.87 37.95 38.88
CA ARG D 359 38.98 38.35 39.77
C ARG D 359 38.67 37.87 41.20
N GLY D 360 39.66 37.24 41.85
CA GLY D 360 39.47 36.64 43.17
C GLY D 360 38.29 35.69 43.16
N LEU D 361 37.54 35.64 44.27
CA LEU D 361 36.20 35.02 44.32
C LEU D 361 36.08 33.56 43.76
N LYS D 362 35.96 32.58 44.66
CA LYS D 362 35.78 31.17 44.26
C LYS D 362 34.42 30.91 43.58
N MET D 363 33.41 31.64 44.02
CA MET D 363 32.05 31.57 43.53
C MET D 363 31.58 33.00 43.24
N SER D 364 30.60 33.16 42.36
CA SER D 364 30.01 34.47 42.05
C SER D 364 28.62 34.30 41.46
N ALA D 365 28.01 35.40 41.06
CA ALA D 365 26.86 35.38 40.14
C ALA D 365 26.39 36.80 39.86
N THR D 366 25.62 36.95 38.80
CA THR D 366 25.17 38.25 38.37
C THR D 366 23.81 38.09 37.73
N PHE D 367 23.06 39.18 37.72
CA PHE D 367 21.64 39.11 37.43
C PHE D 367 21.23 40.25 36.50
N ILE D 368 20.53 39.94 35.41
CA ILE D 368 19.97 40.97 34.54
C ILE D 368 18.46 40.89 34.60
N GLY D 369 17.83 41.99 34.99
CA GLY D 369 16.38 42.00 35.15
C GLY D 369 15.69 43.16 34.48
N ASN D 370 14.77 42.82 33.57
CA ASN D 370 13.85 43.81 33.03
C ASN D 370 12.68 43.97 33.98
N SER D 371 12.77 44.97 34.86
CA SER D 371 11.79 45.13 35.92
C SER D 371 11.08 46.46 35.86
N THR D 372 9.77 46.43 36.12
CA THR D 372 8.97 47.64 36.20
C THR D 372 9.25 48.41 37.49
N ALA D 373 10.09 47.83 38.36
CA ALA D 373 10.59 48.54 39.53
C ALA D 373 11.45 49.72 39.10
N ILE D 374 11.97 49.62 37.88
CA ILE D 374 12.74 50.66 37.20
C ILE D 374 11.94 51.95 37.10
N GLN D 375 10.62 51.79 36.92
CA GLN D 375 9.67 52.90 36.91
C GLN D 375 10.08 53.96 37.92
N GLU D 376 10.34 53.50 39.14
CA GLU D 376 10.74 54.33 40.27
C GLU D 376 11.95 55.21 39.97
N LEU D 377 12.93 54.66 39.25
CA LEU D 377 14.15 55.39 38.95
C LEU D 377 13.79 56.67 38.18
N PHE D 378 13.19 56.51 37.02
CA PHE D 378 12.80 57.63 36.19
C PHE D 378 11.95 58.68 36.91
N LYS D 379 10.90 58.21 37.57
CA LYS D 379 10.03 59.05 38.38
C LYS D 379 10.91 59.96 39.22
N ARG D 380 11.88 59.34 39.91
CA ARG D 380 12.73 60.07 40.84
C ARG D 380 13.74 61.00 40.19
N ILE D 381 14.04 60.80 38.92
CA ILE D 381 14.79 61.84 38.21
C ILE D 381 13.82 62.88 37.64
N SER D 382 12.69 62.43 37.07
CA SER D 382 11.70 63.34 36.51
C SER D 382 10.98 64.18 37.58
N GLU D 383 11.26 63.87 38.84
CA GLU D 383 10.67 64.57 39.95
C GLU D 383 11.56 65.74 40.38
N GLN D 384 12.89 65.55 40.33
CA GLN D 384 13.81 66.68 40.56
C GLN D 384 14.02 67.45 39.26
N PHE D 385 13.60 66.88 38.14
CA PHE D 385 13.62 67.62 36.89
C PHE D 385 12.44 68.60 36.83
N THR D 386 11.20 68.09 36.93
CA THR D 386 10.00 68.95 36.85
C THR D 386 10.15 70.05 37.88
N ALA D 387 10.80 69.70 38.99
CA ALA D 387 11.12 70.61 40.09
C ALA D 387 11.99 71.79 39.69
N MET D 388 12.80 71.59 38.66
CA MET D 388 13.64 72.68 38.17
C MET D 388 12.99 73.40 36.98
N PHE D 389 12.63 72.65 35.94
CA PHE D 389 11.89 73.19 34.79
C PHE D 389 10.64 73.96 35.22
N ARG D 390 10.25 73.75 36.48
CA ARG D 390 9.22 74.51 37.22
C ARG D 390 9.12 75.97 36.74
N ARG D 391 9.82 76.88 37.41
CA ARG D 391 9.94 78.25 36.92
C ARG D 391 11.19 78.34 36.04
N LYS D 392 11.28 77.44 35.05
CA LYS D 392 12.40 77.32 34.09
C LYS D 392 13.73 77.72 34.74
N ALA D 393 14.25 76.85 35.61
CA ALA D 393 15.48 77.14 36.37
C ALA D 393 16.74 77.43 35.52
N PHE D 394 17.76 76.56 35.61
CA PHE D 394 19.09 76.80 35.00
C PHE D 394 19.09 76.77 33.48
N LEU D 395 17.90 76.67 32.92
CA LEU D 395 17.67 76.43 31.51
C LEU D 395 18.40 77.35 30.55
N HIS D 396 18.53 78.61 30.91
CA HIS D 396 19.16 79.57 30.02
C HIS D 396 20.52 79.12 29.50
N TRP D 397 21.18 78.18 30.19
CA TRP D 397 22.46 77.63 29.73
C TRP D 397 22.29 76.82 28.44
N TYR D 398 21.10 76.25 28.28
CA TYR D 398 20.73 75.50 27.09
C TYR D 398 19.98 76.42 26.09
N THR D 399 18.91 77.09 26.57
CA THR D 399 18.16 78.09 25.79
C THR D 399 19.05 78.70 24.72
N GLY D 400 20.13 79.32 25.19
CA GLY D 400 20.99 80.10 24.35
C GLY D 400 22.21 79.34 23.90
N GLU D 401 22.16 78.02 23.91
CA GLU D 401 23.19 77.27 23.20
C GLU D 401 22.62 76.83 21.88
N GLY D 402 21.37 77.21 21.64
CA GLY D 402 20.69 76.98 20.38
C GLY D 402 19.49 76.06 20.54
N MET D 403 19.10 75.82 21.80
CA MET D 403 18.08 74.82 22.11
C MET D 403 16.70 75.40 22.38
N ASP D 404 15.68 74.58 22.16
CA ASP D 404 14.32 75.08 22.29
C ASP D 404 13.63 74.85 23.62
N GLU D 405 13.06 75.95 24.12
CA GLU D 405 12.08 75.98 25.21
C GLU D 405 11.30 74.68 25.35
N MET D 406 10.59 74.30 24.29
CA MET D 406 9.66 73.16 24.32
C MET D 406 10.31 71.80 24.00
N GLU D 407 11.60 71.80 23.65
CA GLU D 407 12.33 70.54 23.43
C GLU D 407 12.57 69.81 24.76
N PHE D 408 12.48 70.57 25.85
CA PHE D 408 12.52 70.04 27.20
C PHE D 408 11.16 69.39 27.53
N THR D 409 10.09 70.18 27.44
CA THR D 409 8.73 69.64 27.62
C THR D 409 8.53 68.35 26.82
N GLU D 410 9.14 68.29 25.63
CA GLU D 410 9.09 67.14 24.74
C GLU D 410 9.78 65.91 25.32
N ALA D 411 10.95 66.11 25.91
CA ALA D 411 11.71 65.05 26.54
C ALA D 411 11.09 64.70 27.89
N GLU D 412 10.54 65.70 28.56
CA GLU D 412 9.79 65.49 29.79
C GLU D 412 8.54 64.64 29.53
N SER D 413 7.76 65.06 28.54
CA SER D 413 6.58 64.32 28.12
C SER D 413 6.95 62.88 27.83
N ASN D 414 7.92 62.67 26.93
CA ASN D 414 8.26 61.33 26.46
C ASN D 414 8.59 60.39 27.61
N MET D 415 9.49 60.82 28.48
CA MET D 415 9.92 60.00 29.61
C MET D 415 8.78 59.71 30.58
N ASN D 416 7.97 60.73 30.89
CA ASN D 416 6.79 60.55 31.75
C ASN D 416 5.80 59.52 31.20
N ASP D 417 5.91 59.25 29.90
CA ASP D 417 5.15 58.19 29.28
C ASP D 417 5.77 56.86 29.63
N LEU D 418 7.10 56.77 29.55
CA LEU D 418 7.81 55.54 29.86
C LEU D 418 7.51 55.06 31.27
N VAL D 419 7.23 56.01 32.15
CA VAL D 419 6.77 55.72 33.50
C VAL D 419 5.36 55.17 33.43
N SER D 420 4.55 55.76 32.56
CA SER D 420 3.15 55.38 32.41
C SER D 420 2.99 53.96 31.90
N GLU D 421 3.93 53.49 31.11
CA GLU D 421 3.83 52.17 30.49
C GLU D 421 4.36 51.06 31.37
N TYR D 422 5.47 51.31 32.06
CA TYR D 422 5.95 50.38 33.07
C TYR D 422 4.83 50.12 34.08
N GLN D 423 4.01 51.16 34.31
CA GLN D 423 2.82 51.13 35.18
C GLN D 423 1.64 50.37 34.56
N GLN D 424 1.44 50.58 33.26
CA GLN D 424 0.45 49.83 32.46
C GLN D 424 0.69 48.34 32.59
N TYR D 425 1.93 47.96 32.84
CA TYR D 425 2.30 46.57 32.93
C TYR D 425 2.47 46.13 34.39
N GLN D 426 1.38 46.27 35.12
CA GLN D 426 1.17 45.51 36.33
C GLN D 426 -0.30 45.11 36.25
N ASP D 427 -0.52 44.15 35.33
CA ASP D 427 -1.80 43.93 34.64
C ASP D 427 -2.67 42.77 35.15
N ALA D 428 -2.86 41.72 34.35
CA ALA D 428 -3.75 40.60 34.72
C ALA D 428 -3.54 39.34 33.90
N ALA E 1 -50.18 -69.19 -28.66
CA ALA E 1 -51.61 -68.81 -28.90
C ALA E 1 -52.38 -69.71 -29.92
N ASP E 2 -51.80 -69.85 -31.13
CA ASP E 2 -52.37 -70.55 -32.31
C ASP E 2 -52.78 -69.53 -33.42
N MET E 3 -51.84 -69.27 -34.32
CA MET E 3 -51.52 -67.91 -34.79
C MET E 3 -52.10 -67.30 -36.08
N GLU E 4 -52.04 -68.05 -37.17
CA GLU E 4 -52.15 -67.50 -38.53
C GLU E 4 -50.89 -66.69 -38.78
N VAL E 5 -50.08 -67.14 -39.74
CA VAL E 5 -48.83 -66.45 -40.07
C VAL E 5 -48.67 -66.13 -41.58
N ILE E 6 -49.02 -64.91 -42.00
CA ILE E 6 -48.89 -64.50 -43.41
C ILE E 6 -47.40 -64.29 -43.78
N GLU E 7 -46.93 -64.90 -44.88
CA GLU E 7 -45.48 -65.00 -45.18
C GLU E 7 -44.88 -64.02 -46.18
N LEU E 8 -44.62 -62.80 -45.74
CA LEU E 8 -44.15 -61.77 -46.67
C LEU E 8 -42.68 -61.93 -47.12
N ASN E 9 -42.47 -62.64 -48.24
CA ASN E 9 -41.17 -62.78 -48.95
C ASN E 9 -40.05 -63.70 -48.37
N LYS E 10 -39.63 -64.67 -49.19
CA LYS E 10 -38.49 -65.55 -48.90
C LYS E 10 -37.30 -65.11 -49.75
N CYS E 11 -36.09 -65.35 -49.27
CA CYS E 11 -34.92 -64.73 -49.84
C CYS E 11 -33.66 -65.63 -49.90
N THR E 12 -32.49 -65.01 -50.15
CA THR E 12 -31.22 -65.73 -50.27
C THR E 12 -30.52 -65.88 -48.92
N SER E 13 -30.31 -64.75 -48.27
CA SER E 13 -29.68 -64.72 -46.98
C SER E 13 -30.75 -64.47 -45.93
N GLY E 14 -32.01 -64.84 -46.22
CA GLY E 14 -33.10 -64.59 -45.27
C GLY E 14 -34.54 -64.94 -45.62
N GLN E 15 -35.50 -64.44 -44.83
CA GLN E 15 -36.92 -64.77 -44.95
C GLN E 15 -37.76 -63.99 -43.93
N SER E 16 -38.77 -63.25 -44.38
CA SER E 16 -39.67 -62.56 -43.49
C SER E 16 -41.02 -63.30 -43.43
N PHE E 17 -41.88 -62.87 -42.51
CA PHE E 17 -43.22 -63.38 -42.36
C PHE E 17 -43.81 -62.62 -41.19
N GLU E 18 -45.03 -62.15 -41.34
CA GLU E 18 -45.77 -61.58 -40.21
C GLU E 18 -46.31 -62.74 -39.39
N VAL E 19 -46.80 -62.45 -38.20
CA VAL E 19 -47.81 -63.31 -37.60
C VAL E 19 -48.82 -62.38 -36.92
N ILE E 20 -49.87 -61.96 -37.65
CA ILE E 20 -50.93 -61.21 -36.99
C ILE E 20 -51.52 -62.21 -36.00
N LEU E 21 -51.70 -61.79 -34.75
CA LEU E 21 -52.01 -62.74 -33.69
C LEU E 21 -53.48 -62.80 -33.26
N LYS E 22 -54.05 -61.63 -32.94
CA LYS E 22 -55.47 -61.49 -32.61
C LYS E 22 -56.01 -60.18 -33.23
N PRO E 23 -57.05 -60.29 -34.06
CA PRO E 23 -57.66 -59.15 -34.77
C PRO E 23 -57.42 -57.76 -34.16
N PRO E 24 -57.00 -56.82 -35.01
CA PRO E 24 -56.64 -55.44 -34.59
C PRO E 24 -57.55 -54.79 -33.52
N SER E 25 -58.86 -54.77 -33.76
CA SER E 25 -59.92 -54.47 -32.76
C SER E 25 -60.40 -53.03 -32.54
N PHE E 26 -60.80 -52.38 -33.63
CA PHE E 26 -61.47 -51.09 -33.59
C PHE E 26 -62.47 -51.00 -34.75
N ASP E 27 -62.51 -49.83 -35.38
CA ASP E 27 -63.12 -49.61 -36.69
C ASP E 27 -62.37 -48.42 -37.31
N PRO E 42 -43.20 -29.59 -45.56
CA PRO E 42 -42.14 -28.74 -46.12
C PRO E 42 -41.31 -28.02 -45.04
N SER E 43 -40.18 -28.61 -44.64
CA SER E 43 -39.29 -27.98 -43.65
C SER E 43 -38.73 -26.64 -44.15
N LEU E 44 -38.53 -26.57 -45.48
CA LEU E 44 -38.21 -25.35 -46.25
C LEU E 44 -36.93 -24.59 -45.89
N GLU E 45 -36.39 -23.88 -46.89
CA GLU E 45 -35.16 -23.08 -46.76
C GLU E 45 -35.47 -21.69 -46.15
N GLU E 46 -34.97 -20.59 -46.74
CA GLU E 46 -35.05 -19.25 -46.17
C GLU E 46 -34.21 -19.19 -44.89
N ILE E 47 -34.58 -20.02 -43.92
CA ILE E 47 -33.97 -20.09 -42.59
C ILE E 47 -32.55 -20.67 -42.48
N GLN E 48 -31.62 -19.90 -42.99
CA GLN E 48 -30.37 -19.60 -42.31
C GLN E 48 -30.34 -18.07 -42.29
N LYS E 49 -31.54 -17.50 -42.46
CA LYS E 49 -31.88 -16.16 -42.06
C LYS E 49 -31.93 -16.14 -40.53
N LYS E 50 -32.29 -17.27 -39.92
CA LYS E 50 -32.27 -17.48 -38.47
C LYS E 50 -30.84 -17.54 -37.95
N LEU E 51 -30.02 -18.25 -38.71
CA LEU E 51 -28.61 -18.56 -38.39
C LEU E 51 -27.70 -17.34 -38.38
N GLU E 52 -28.12 -16.28 -39.06
CA GLU E 52 -27.32 -15.07 -39.09
C GLU E 52 -27.91 -13.97 -38.21
N ALA E 53 -29.13 -14.14 -37.74
CA ALA E 53 -29.66 -13.23 -36.73
C ALA E 53 -29.13 -13.63 -35.35
N ALA E 54 -28.63 -14.86 -35.25
CA ALA E 54 -27.87 -15.30 -34.07
C ALA E 54 -26.47 -14.73 -34.16
N GLU E 55 -25.95 -14.69 -35.38
CA GLU E 55 -24.65 -14.12 -35.68
C GLU E 55 -24.71 -12.62 -35.47
N GLU E 56 -25.92 -12.09 -35.54
CA GLU E 56 -26.13 -10.65 -35.42
C GLU E 56 -26.32 -10.24 -33.98
N ARG E 57 -27.02 -11.09 -33.24
CA ARG E 57 -27.27 -10.83 -31.84
C ARG E 57 -26.00 -11.08 -31.04
N ARG E 58 -25.12 -11.95 -31.55
CA ARG E 58 -23.77 -12.08 -30.99
C ARG E 58 -22.90 -10.85 -31.26
N LYS E 59 -22.86 -10.42 -32.52
CA LYS E 59 -21.97 -9.33 -32.93
C LYS E 59 -22.34 -7.96 -32.34
N TYR E 60 -23.52 -7.89 -31.71
CA TYR E 60 -23.99 -6.72 -31.00
C TYR E 60 -23.56 -6.86 -29.56
N GLN E 61 -24.18 -7.82 -28.88
CA GLN E 61 -23.93 -8.12 -27.47
C GLN E 61 -22.43 -8.12 -27.13
N GLU E 62 -21.59 -8.32 -28.15
CA GLU E 62 -20.14 -8.38 -27.95
C GLU E 62 -19.37 -7.12 -28.40
N ALA E 63 -19.87 -6.39 -29.39
CA ALA E 63 -19.28 -5.08 -29.72
C ALA E 63 -19.77 -4.04 -28.70
N GLU E 64 -20.51 -4.55 -27.71
CA GLU E 64 -21.05 -3.76 -26.62
C GLU E 64 -20.15 -3.87 -25.40
N LEU E 65 -19.96 -5.09 -24.89
CA LEU E 65 -18.95 -5.36 -23.86
C LEU E 65 -17.53 -5.18 -24.42
N LEU E 66 -17.42 -4.17 -25.30
CA LEU E 66 -16.19 -3.77 -25.98
C LEU E 66 -16.14 -2.25 -26.06
N LYS E 67 -17.21 -1.61 -26.57
CA LYS E 67 -17.40 -0.17 -26.45
C LYS E 67 -17.73 0.20 -25.00
N HIS E 68 -17.85 -0.84 -24.16
CA HIS E 68 -17.98 -0.74 -22.71
C HIS E 68 -16.62 -0.71 -22.06
N LEU E 69 -15.61 -1.10 -22.83
CA LEU E 69 -14.23 -1.24 -22.35
C LEU E 69 -13.37 -0.14 -22.93
N ALA E 70 -13.92 0.54 -23.93
CA ALA E 70 -13.34 1.78 -24.40
C ALA E 70 -13.83 2.83 -23.42
N GLU E 71 -15.00 2.53 -22.82
CA GLU E 71 -15.57 3.33 -21.74
C GLU E 71 -14.61 3.27 -20.54
N LYS E 72 -14.39 2.05 -20.04
CA LYS E 72 -13.41 1.78 -19.00
C LYS E 72 -12.04 2.40 -19.35
N ARG E 73 -11.70 2.45 -20.63
CA ARG E 73 -10.43 3.06 -21.00
C ARG E 73 -10.41 4.55 -20.78
N GLU E 74 -11.17 5.30 -21.58
CA GLU E 74 -11.05 6.75 -21.60
C GLU E 74 -10.89 7.34 -20.21
N HIS E 75 -11.60 6.77 -19.24
CA HIS E 75 -11.51 7.23 -17.86
C HIS E 75 -10.13 6.91 -17.24
N GLU E 76 -9.54 5.77 -17.58
CA GLU E 76 -8.15 5.45 -17.21
C GLU E 76 -7.26 6.64 -17.48
N ARG E 77 -7.26 7.09 -18.73
CA ARG E 77 -6.54 8.28 -19.11
C ARG E 77 -6.87 9.36 -18.09
N GLU E 78 -8.16 9.57 -17.85
CA GLU E 78 -8.64 10.72 -17.07
C GLU E 78 -8.25 10.67 -15.59
N VAL E 79 -8.06 9.48 -15.03
CA VAL E 79 -7.47 9.38 -13.70
C VAL E 79 -5.98 9.75 -13.80
N ILE E 80 -5.18 8.94 -14.48
CA ILE E 80 -3.77 9.29 -14.68
C ILE E 80 -3.63 10.80 -14.94
N GLN E 81 -4.57 11.34 -15.72
CA GLN E 81 -4.54 12.72 -16.24
C GLN E 81 -5.06 13.81 -15.31
N LYS E 82 -6.06 13.50 -14.48
CA LYS E 82 -6.59 14.43 -13.46
C LYS E 82 -5.82 14.33 -12.16
N ALA E 83 -4.80 13.47 -12.16
CA ALA E 83 -3.87 13.31 -11.05
C ALA E 83 -2.76 14.32 -11.26
N ILE E 84 -1.91 14.03 -12.25
CA ILE E 84 -0.91 14.98 -12.69
C ILE E 84 -1.53 16.38 -12.95
N GLU E 85 -2.79 16.42 -13.42
CA GLU E 85 -3.48 17.69 -13.72
C GLU E 85 -3.69 18.53 -12.48
N GLU E 86 -4.02 17.85 -11.38
CA GLU E 86 -4.20 18.49 -10.09
C GLU E 86 -2.91 18.51 -9.25
N ASN E 87 -1.79 18.12 -9.86
CA ASN E 87 -0.50 18.31 -9.24
C ASN E 87 0.12 19.65 -9.64
N ASN E 88 0.12 19.97 -10.94
CA ASN E 88 0.56 21.29 -11.41
C ASN E 88 -0.33 22.39 -10.83
N ASN E 89 -1.34 21.97 -10.07
CA ASN E 89 -2.14 22.83 -9.22
C ASN E 89 -1.32 23.22 -8.00
N PHE E 90 -0.81 22.19 -7.32
CA PHE E 90 -0.04 22.36 -6.09
C PHE E 90 1.27 23.09 -6.32
N ILE E 91 2.13 22.58 -7.21
CA ILE E 91 3.45 23.19 -7.40
C ILE E 91 3.31 24.61 -7.94
N LYS E 92 2.54 24.75 -9.02
CA LYS E 92 2.27 26.06 -9.66
C LYS E 92 1.18 26.88 -8.95
N MET E 93 1.18 26.79 -7.62
CA MET E 93 0.40 27.66 -6.76
C MET E 93 1.23 27.91 -5.49
N ALA E 94 2.00 26.90 -5.07
CA ALA E 94 2.91 27.02 -3.93
C ALA E 94 4.20 27.76 -4.32
N LYS E 95 4.39 27.89 -5.64
CA LYS E 95 5.45 28.71 -6.20
C LYS E 95 5.15 30.21 -6.00
N GLU E 96 3.93 30.64 -6.36
CA GLU E 96 3.53 32.05 -6.19
C GLU E 96 2.68 32.34 -4.91
N LYS E 97 2.66 31.37 -3.99
CA LYS E 97 2.25 31.59 -2.60
C LYS E 97 3.48 31.90 -1.77
N LEU E 98 4.63 31.90 -2.45
CA LEU E 98 5.91 32.24 -1.85
C LEU E 98 6.38 33.58 -2.39
N ALA E 99 6.68 33.63 -3.68
CA ALA E 99 7.18 34.86 -4.32
C ALA E 99 6.31 36.11 -4.06
N GLN E 100 5.01 35.91 -3.79
CA GLN E 100 4.07 37.00 -3.46
C GLN E 100 3.62 36.95 -1.99
N LYS E 101 4.56 36.52 -1.14
CA LYS E 101 4.43 36.44 0.30
C LYS E 101 5.87 36.49 0.80
N MET E 102 6.80 36.75 -0.11
CA MET E 102 8.19 36.80 0.26
C MET E 102 8.86 37.94 -0.48
N GLU E 103 8.11 38.53 -1.40
CA GLU E 103 8.43 39.85 -1.92
C GLU E 103 7.22 40.73 -1.60
N SER E 104 6.35 40.18 -0.77
CA SER E 104 5.39 40.98 -0.04
C SER E 104 6.10 41.34 1.26
N ASN E 105 6.83 40.36 1.78
CA ASN E 105 7.60 40.47 3.01
C ASN E 105 8.85 41.34 2.85
N LYS E 106 9.65 41.08 1.82
CA LYS E 106 10.84 41.90 1.54
C LYS E 106 10.44 43.38 1.32
N GLU E 107 9.34 43.63 0.61
CA GLU E 107 8.83 44.99 0.42
C GLU E 107 8.34 45.59 1.75
N ASN E 108 8.04 44.72 2.73
CA ASN E 108 7.58 45.13 4.06
C ASN E 108 8.66 45.78 4.95
N ARG E 109 9.70 45.00 5.26
CA ARG E 109 10.80 45.44 6.12
C ARG E 109 11.66 46.49 5.40
N GLU E 110 11.85 46.30 4.10
CA GLU E 110 12.56 47.29 3.28
C GLU E 110 11.93 48.70 3.41
N ALA E 111 10.60 48.76 3.46
CA ALA E 111 9.87 50.01 3.63
C ALA E 111 9.87 50.48 5.09
N HIS E 112 9.96 49.51 6.01
CA HIS E 112 10.02 49.78 7.44
C HIS E 112 11.41 50.28 7.89
N LEU E 113 12.46 49.89 7.16
CA LEU E 113 13.84 50.31 7.46
C LEU E 113 13.95 51.80 7.20
N ALA E 114 13.34 52.23 6.10
CA ALA E 114 13.27 53.65 5.78
C ALA E 114 12.40 54.39 6.79
N ALA E 115 11.26 53.81 7.13
CA ALA E 115 10.37 54.37 8.17
C ALA E 115 11.14 54.75 9.44
N MET E 116 12.20 53.99 9.72
CA MET E 116 13.14 54.26 10.81
C MET E 116 14.18 55.30 10.43
N LEU E 117 14.92 55.04 9.36
CA LEU E 117 15.88 56.03 8.81
C LEU E 117 15.24 57.41 8.59
N GLU E 118 13.93 57.52 8.87
CA GLU E 118 13.15 58.75 8.61
C GLU E 118 13.09 59.71 9.81
N ARG E 119 12.60 59.22 10.96
CA ARG E 119 12.65 59.99 12.22
C ARG E 119 14.09 60.47 12.39
N LEU E 120 15.03 59.73 11.81
CA LEU E 120 16.46 59.91 12.04
C LEU E 120 17.15 60.83 11.00
N GLN E 121 16.54 60.98 9.83
CA GLN E 121 16.93 62.04 8.88
C GLN E 121 16.35 63.39 9.35
N GLU E 122 15.32 63.33 10.19
CA GLU E 122 14.55 64.50 10.64
C GLU E 122 15.05 65.10 11.96
N LYS E 123 15.22 64.26 12.99
CA LYS E 123 15.83 64.73 14.24
C LYS E 123 17.29 65.04 13.92
N ASP E 124 17.66 64.85 12.66
CA ASP E 124 18.97 65.22 12.15
C ASP E 124 19.03 66.61 11.48
N LYS E 125 18.19 66.83 10.45
CA LYS E 125 18.00 68.15 9.82
C LYS E 125 17.34 69.12 10.83
N HIS E 126 17.44 68.74 12.12
CA HIS E 126 16.92 69.49 13.29
C HIS E 126 18.03 70.12 14.13
N ALA E 127 19.18 69.44 14.23
CA ALA E 127 20.37 70.09 14.79
C ALA E 127 20.86 71.12 13.78
N GLU E 128 20.72 70.81 12.49
CA GLU E 128 20.94 71.77 11.42
C GLU E 128 20.09 73.03 11.60
N GLU E 129 18.79 72.83 11.89
CA GLU E 129 17.82 73.93 12.02
C GLU E 129 17.97 74.78 13.32
N VAL E 130 18.43 74.17 14.41
CA VAL E 130 18.77 74.94 15.66
C VAL E 130 20.26 74.93 16.06
N ARG E 131 21.11 75.22 15.06
CA ARG E 131 22.52 75.52 15.24
C ARG E 131 22.73 76.72 14.33
N LYS E 132 21.95 76.72 13.24
CA LYS E 132 21.65 77.93 12.47
C LYS E 132 20.66 78.78 13.29
N ASN E 133 20.48 78.37 14.54
CA ASN E 133 19.78 79.11 15.59
C ASN E 133 20.81 79.74 16.55
N LYS E 134 21.99 79.13 16.64
CA LYS E 134 23.09 79.70 17.39
C LYS E 134 23.67 80.92 16.69
N GLU E 135 23.24 81.19 15.44
CA GLU E 135 23.58 82.44 14.75
C GLU E 135 22.69 83.62 15.22
N LEU E 136 22.68 83.85 16.55
CA LEU E 136 21.94 84.92 17.23
C LEU E 136 22.13 84.79 18.75
N LYS E 137 23.02 85.62 19.31
CA LYS E 137 23.37 85.53 20.74
C LYS E 137 23.71 86.88 21.47
N GLU E 138 23.39 88.03 20.86
CA GLU E 138 23.71 89.33 21.47
C GLU E 138 22.46 90.14 21.79
#